data_6OV8
#
_entry.id   6OV8
#
_cell.length_a   114.857
_cell.length_b   148.190
_cell.length_c   165.010
_cell.angle_alpha   90.00
_cell.angle_beta   90.00
_cell.angle_gamma   90.00
#
_symmetry.space_group_name_H-M   'P 21 21 21'
#
loop_
_entity.id
_entity.type
_entity.pdbx_description
1 polymer 'Peptidase B'
2 non-polymer 'ZINC ION'
3 non-polymer 'MANGANESE (II) ION'
4 non-polymer 'CHLORIDE ION'
5 water water
#
_entity_poly.entity_id   1
_entity_poly.type   'polypeptide(L)'
_entity_poly.pdbx_seq_one_letter_code
;SNA(MSE)TEA(MSE)KITLSTQPADARWGEKATYSINNDGITLHLNGADDLGLIQRAARKIDGLGIKHVQLSGEGWDAD
RCWAFWQGYKAPKGTRKVVWPDLDDAQRQELDNRL(MSE)IIDWVRDTINAPAEELGPSQLAQRAVDLISNVAGDRVTYR
ITKGEDLREQGY(MSE)GLHTVGRGSERSPVLLALDYNPTGDKEAPVYACLVGKGITFDSGGYSIKQTAF(MSE)DS
(MSE)KSD(MSE)GGAATVTGALAFAITRGLNKRVKLFLCCADNLISGNAFKLGDIITYRNGKKVEV(MSE)NTDAEGRL
VLADGLIDASAQKPE(MSE)IIDAATLTGAAKTALGNDYHALFSFDDALAGRLLASAAQENEPFWRLPLAEFHRSQLPSN
FAELNNTGSAAYPAGASTAAGFLSHFVENYQQGWLHIDCSATYRKAPVEQWSAGATGLGVRTIANLLTA
;
_entity_poly.pdbx_strand_id   A,B,C,D,E,F
#
# COMPACT_ATOMS: atom_id res chain seq x y z
N ASN A 2 33.11 -5.42 32.17
CA ASN A 2 32.85 -5.51 30.69
C ASN A 2 34.11 -5.05 29.94
N ALA A 3 35.29 -5.29 30.53
CA ALA A 3 36.60 -4.85 29.98
C ALA A 3 37.03 -5.74 28.83
N THR A 5 38.96 -8.62 27.10
CA THR A 5 39.37 -9.94 27.56
C THR A 5 40.79 -10.25 27.07
N GLU A 6 41.33 -11.41 27.46
CA GLU A 6 42.71 -11.78 27.05
C GLU A 6 42.65 -12.65 25.80
N ALA A 7 43.77 -12.75 25.08
CA ALA A 7 43.85 -13.40 23.76
C ALA A 7 43.39 -14.86 23.82
N LYS A 9 43.58 -18.24 21.41
CA LYS A 9 44.41 -18.72 20.30
C LYS A 9 43.55 -19.39 19.22
N ILE A 10 43.78 -18.99 17.96
CA ILE A 10 43.13 -19.56 16.75
C ILE A 10 44.20 -20.33 15.96
N THR A 11 44.13 -21.67 15.95
CA THR A 11 45.12 -22.46 15.16
C THR A 11 44.42 -23.08 13.94
N LEU A 12 45.20 -23.39 12.90
CA LEU A 12 44.69 -24.09 11.69
C LEU A 12 45.01 -25.58 11.79
N SER A 13 44.22 -26.42 11.13
CA SER A 13 44.43 -27.90 11.17
C SER A 13 43.73 -28.55 9.97
N THR A 14 44.34 -29.58 9.40
CA THR A 14 43.74 -30.38 8.29
C THR A 14 43.01 -31.58 8.90
N GLN A 15 43.32 -31.92 10.16
CA GLN A 15 42.60 -32.96 10.95
C GLN A 15 41.22 -32.45 11.32
N PRO A 16 40.15 -33.27 11.17
CA PRO A 16 38.80 -32.83 11.51
C PRO A 16 38.54 -32.75 13.03
N ALA A 17 37.41 -32.17 13.41
CA ALA A 17 37.00 -32.03 14.83
C ALA A 17 36.54 -33.39 15.38
N ASP A 18 36.53 -33.54 16.70
CA ASP A 18 36.08 -34.82 17.32
C ASP A 18 34.56 -34.97 17.15
N ALA A 19 34.02 -36.13 17.53
CA ALA A 19 32.60 -36.49 17.28
C ALA A 19 31.62 -35.54 18.00
N ARG A 20 32.00 -34.99 19.16
CA ARG A 20 31.10 -34.10 19.95
C ARG A 20 30.63 -32.92 19.08
N TRP A 21 31.52 -32.40 18.23
CA TRP A 21 31.22 -31.24 17.34
C TRP A 21 30.64 -31.75 16.01
N GLY A 22 31.04 -32.98 15.63
CA GLY A 22 30.75 -33.55 14.30
C GLY A 22 32.04 -33.60 13.48
N GLU A 23 31.99 -34.18 12.28
CA GLU A 23 33.20 -34.30 11.41
C GLU A 23 33.11 -33.28 10.28
N LYS A 24 32.00 -32.54 10.20
CA LYS A 24 31.78 -31.47 9.18
C LYS A 24 31.89 -30.10 9.86
N ALA A 25 32.24 -30.07 11.15
CA ALA A 25 32.38 -28.80 11.92
C ALA A 25 33.58 -28.02 11.38
N THR A 26 33.38 -26.73 11.08
CA THR A 26 34.44 -25.84 10.52
C THR A 26 35.37 -25.36 11.65
N TYR A 27 34.94 -25.50 12.91
CA TYR A 27 35.76 -25.05 14.07
C TYR A 27 35.41 -25.89 15.30
N SER A 28 36.37 -26.02 16.21
CA SER A 28 36.18 -26.72 17.51
C SER A 28 36.85 -25.89 18.60
N ILE A 29 36.50 -26.13 19.86
CA ILE A 29 37.08 -25.33 20.98
C ILE A 29 37.44 -26.26 22.14
N ASN A 30 38.74 -26.30 22.48
CA ASN A 30 39.27 -27.04 23.65
C ASN A 30 39.92 -26.02 24.60
N ASN A 31 40.59 -26.50 25.66
CA ASN A 31 41.19 -25.58 26.68
C ASN A 31 42.25 -24.71 26.02
N ASP A 32 42.94 -25.23 24.99
CA ASP A 32 44.06 -24.52 24.32
C ASP A 32 43.55 -23.36 23.46
N GLY A 33 42.30 -23.44 22.99
CA GLY A 33 41.72 -22.35 22.20
C GLY A 33 40.86 -22.87 21.07
N ILE A 34 40.69 -22.05 20.02
CA ILE A 34 39.83 -22.39 18.85
C ILE A 34 40.73 -22.98 17.75
N THR A 35 40.23 -24.02 17.08
CA THR A 35 40.93 -24.67 15.95
C THR A 35 40.03 -24.61 14.72
N LEU A 36 40.54 -24.10 13.60
CA LEU A 36 39.77 -24.11 12.33
C LEU A 36 40.11 -25.39 11.56
N HIS A 37 39.09 -26.11 11.11
CA HIS A 37 39.29 -27.42 10.42
C HIS A 37 39.21 -27.22 8.90
N LEU A 38 40.37 -27.09 8.25
CA LEU A 38 40.45 -26.89 6.78
C LEU A 38 40.29 -28.24 6.06
N ASN A 39 39.64 -28.23 4.90
CA ASN A 39 39.37 -29.45 4.11
C ASN A 39 39.94 -29.28 2.69
N GLY A 40 40.25 -28.04 2.28
CA GLY A 40 40.86 -27.78 0.97
C GLY A 40 39.84 -27.36 -0.10
N ALA A 41 38.54 -27.46 0.19
CA ALA A 41 37.49 -27.09 -0.80
C ALA A 41 37.56 -25.59 -1.09
N ASP A 42 37.46 -24.77 -0.03
CA ASP A 42 37.52 -23.28 -0.09
C ASP A 42 37.89 -22.78 1.31
N ASP A 43 39.17 -22.86 1.67
CA ASP A 43 39.66 -22.51 3.03
C ASP A 43 39.47 -21.01 3.33
N LEU A 44 39.62 -20.13 2.32
CA LEU A 44 39.40 -18.67 2.56
C LEU A 44 37.94 -18.43 2.94
N GLY A 45 36.99 -19.06 2.23
CA GLY A 45 35.57 -18.94 2.58
C GLY A 45 35.29 -19.50 3.97
N LEU A 46 35.81 -20.71 4.25
CA LEU A 46 35.62 -21.40 5.54
C LEU A 46 36.18 -20.55 6.69
N ILE A 47 37.40 -20.03 6.53
CA ILE A 47 38.07 -19.23 7.60
C ILE A 47 37.24 -17.97 7.85
N GLN A 48 36.76 -17.32 6.79
CA GLN A 48 35.95 -16.07 6.94
C GLN A 48 34.64 -16.39 7.65
N ARG A 49 33.96 -17.48 7.26
CA ARG A 49 32.67 -17.89 7.88
C ARG A 49 32.90 -18.24 9.36
N ALA A 50 34.05 -18.86 9.68
CA ALA A 50 34.41 -19.25 11.06
C ALA A 50 34.63 -18.00 11.91
N ALA A 51 35.36 -17.02 11.37
CA ALA A 51 35.61 -15.75 12.09
C ALA A 51 34.28 -15.13 12.51
N ARG A 52 33.31 -15.10 11.59
CA ARG A 52 31.97 -14.51 11.84
C ARG A 52 31.32 -15.21 13.04
N LYS A 53 31.38 -16.55 13.08
CA LYS A 53 30.78 -17.34 14.18
C LYS A 53 31.56 -17.10 15.49
N ILE A 54 32.88 -16.94 15.40
CA ILE A 54 33.73 -16.69 16.61
C ILE A 54 33.35 -15.32 17.22
N ASP A 55 33.05 -14.33 16.38
CA ASP A 55 32.57 -13.00 16.86
C ASP A 55 31.21 -13.18 17.57
N GLY A 56 30.36 -14.07 17.05
CA GLY A 56 29.02 -14.37 17.59
C GLY A 56 29.08 -14.97 18.99
N LEU A 57 30.17 -15.68 19.32
CA LEU A 57 30.38 -16.27 20.67
C LEU A 57 30.74 -15.17 21.68
N GLY A 58 31.04 -13.95 21.19
CA GLY A 58 31.41 -12.81 22.05
C GLY A 58 32.89 -12.77 22.38
N ILE A 59 33.73 -13.44 21.59
CA ILE A 59 35.21 -13.42 21.82
C ILE A 59 35.78 -12.19 21.13
N LYS A 60 36.31 -11.25 21.93
CA LYS A 60 36.78 -9.91 21.49
C LYS A 60 38.30 -9.87 21.25
N HIS A 61 39.06 -10.82 21.79
CA HIS A 61 40.55 -10.80 21.67
C HIS A 61 41.03 -12.15 21.14
N VAL A 62 41.53 -12.18 19.89
CA VAL A 62 42.03 -13.45 19.29
C VAL A 62 43.51 -13.29 18.95
N GLN A 63 44.22 -14.43 18.87
CA GLN A 63 45.64 -14.49 18.45
C GLN A 63 45.81 -15.64 17.45
N LEU A 64 45.98 -15.31 16.17
CA LEU A 64 46.24 -16.34 15.12
C LEU A 64 47.64 -16.91 15.35
N SER A 65 47.74 -18.17 15.82
CA SER A 65 49.05 -18.80 16.12
C SER A 65 49.21 -20.11 15.34
N GLY A 66 50.43 -20.67 15.36
CA GLY A 66 50.72 -21.94 14.66
C GLY A 66 51.15 -21.72 13.23
N GLU A 67 51.47 -22.81 12.51
CA GLU A 67 51.93 -22.76 11.10
C GLU A 67 50.71 -22.66 10.17
N GLY A 68 50.94 -22.25 8.92
CA GLY A 68 49.90 -22.31 7.87
C GLY A 68 49.25 -20.96 7.58
N TRP A 69 49.55 -19.92 8.36
CA TRP A 69 48.90 -18.61 8.11
C TRP A 69 49.62 -17.86 6.99
N ASP A 70 48.89 -17.05 6.24
CA ASP A 70 49.48 -16.19 5.17
C ASP A 70 48.61 -14.93 5.05
N ALA A 71 48.91 -14.06 4.08
CA ALA A 71 48.18 -12.77 3.95
C ALA A 71 46.70 -13.02 3.65
N ASP A 72 46.40 -13.97 2.76
CA ASP A 72 45.00 -14.25 2.33
C ASP A 72 44.21 -14.89 3.49
N ARG A 73 44.83 -15.80 4.24
CA ARG A 73 44.14 -16.50 5.35
C ARG A 73 43.90 -15.53 6.51
N CYS A 74 44.90 -14.69 6.80
CA CYS A 74 44.73 -13.67 7.87
C CYS A 74 43.64 -12.68 7.44
N TRP A 75 43.72 -12.21 6.19
CA TRP A 75 42.75 -11.23 5.65
C TRP A 75 41.36 -11.86 5.64
N ALA A 76 41.28 -13.16 5.31
CA ALA A 76 39.98 -13.87 5.32
C ALA A 76 39.40 -13.84 6.74
N PHE A 77 40.22 -14.20 7.74
CA PHE A 77 39.73 -14.20 9.15
C PHE A 77 39.19 -12.81 9.51
N TRP A 78 39.94 -11.76 9.18
CA TRP A 78 39.57 -10.37 9.58
C TRP A 78 38.31 -9.91 8.82
N GLN A 79 38.19 -10.28 7.54
CA GLN A 79 37.02 -9.86 6.71
C GLN A 79 35.74 -10.29 7.42
N GLY A 80 35.79 -11.41 8.14
CA GLY A 80 34.60 -11.95 8.84
C GLY A 80 34.53 -11.51 10.28
N TYR A 81 35.67 -11.27 10.92
CA TYR A 81 35.72 -10.93 12.37
C TYR A 81 35.24 -9.49 12.57
N LYS A 82 35.75 -8.58 11.73
CA LYS A 82 35.46 -7.12 11.82
C LYS A 82 33.94 -6.89 11.78
N ALA A 83 33.45 -6.03 12.67
CA ALA A 83 32.02 -5.62 12.72
C ALA A 83 31.95 -4.16 13.19
N PRO A 84 30.92 -3.39 12.75
CA PRO A 84 30.81 -1.97 13.08
C PRO A 84 30.61 -1.69 14.57
N LYS A 85 30.03 -2.65 15.29
CA LYS A 85 29.80 -2.57 16.77
C LYS A 85 30.94 -3.28 17.52
N GLY A 86 31.25 -2.80 18.73
CA GLY A 86 32.19 -3.50 19.64
C GLY A 86 33.65 -3.18 19.38
N THR A 87 34.51 -3.55 20.34
CA THR A 87 35.98 -3.34 20.26
C THR A 87 36.65 -4.71 20.12
N ARG A 88 37.44 -4.89 19.07
CA ARG A 88 38.11 -6.19 18.78
C ARG A 88 39.62 -5.96 18.61
N LYS A 89 40.39 -6.97 19.02
CA LYS A 89 41.88 -6.93 18.92
C LYS A 89 42.31 -8.25 18.27
N VAL A 90 43.30 -8.18 17.37
CA VAL A 90 43.76 -9.40 16.63
C VAL A 90 45.29 -9.39 16.58
N VAL A 91 45.92 -10.24 17.39
CA VAL A 91 47.40 -10.40 17.32
C VAL A 91 47.70 -11.22 16.07
N TRP A 92 48.47 -10.66 15.12
CA TRP A 92 48.80 -11.36 13.85
C TRP A 92 49.90 -12.39 14.09
N PRO A 93 50.02 -13.42 13.22
CA PRO A 93 51.09 -14.41 13.34
C PRO A 93 52.40 -13.87 12.75
N ASP A 94 53.49 -14.63 12.88
CA ASP A 94 54.83 -14.16 12.41
C ASP A 94 54.93 -14.38 10.89
N LEU A 95 54.33 -13.48 10.10
CA LEU A 95 54.40 -13.52 8.61
C LEU A 95 55.76 -12.99 8.14
N ASP A 96 56.08 -13.19 6.86
CA ASP A 96 57.31 -12.58 6.27
C ASP A 96 56.93 -11.18 5.78
N ASP A 97 57.93 -10.37 5.36
CA ASP A 97 57.71 -8.94 5.03
C ASP A 97 56.72 -8.77 3.86
N ALA A 98 56.85 -9.56 2.79
CA ALA A 98 55.94 -9.45 1.62
C ALA A 98 54.49 -9.73 2.04
N GLN A 99 54.29 -10.77 2.86
CA GLN A 99 52.92 -11.16 3.31
C GLN A 99 52.38 -10.07 4.25
N ARG A 100 53.23 -9.57 5.16
CA ARG A 100 52.79 -8.56 6.16
C ARG A 100 52.55 -7.21 5.48
N GLN A 101 53.29 -6.92 4.39
CA GLN A 101 53.13 -5.65 3.64
C GLN A 101 51.75 -5.65 2.94
N GLU A 102 51.38 -6.79 2.34
CA GLU A 102 50.08 -6.93 1.63
C GLU A 102 48.93 -6.84 2.66
N LEU A 103 49.06 -7.51 3.81
CA LEU A 103 48.00 -7.50 4.85
C LEU A 103 47.81 -6.07 5.38
N ASP A 104 48.91 -5.36 5.67
CA ASP A 104 48.87 -3.98 6.20
C ASP A 104 48.23 -3.04 5.16
N ASN A 105 48.51 -3.24 3.88
CA ASN A 105 47.95 -2.40 2.78
C ASN A 105 46.42 -2.60 2.72
N ARG A 106 45.96 -3.83 2.98
CA ARG A 106 44.50 -4.13 2.95
C ARG A 106 43.82 -3.51 4.19
N LEU A 107 44.42 -3.68 5.36
CA LEU A 107 43.86 -3.14 6.64
C LEU A 107 43.70 -1.62 6.55
N ILE A 109 43.60 0.41 3.59
CA ILE A 109 42.83 0.96 2.47
C ILE A 109 41.44 0.33 2.38
N ILE A 110 41.33 -0.99 2.54
CA ILE A 110 40.00 -1.66 2.38
C ILE A 110 39.14 -1.39 3.62
N ASP A 111 39.70 -1.49 4.83
CA ASP A 111 38.89 -1.19 6.04
C ASP A 111 38.52 0.30 6.06
N TRP A 112 39.28 1.11 5.32
CA TRP A 112 38.92 2.55 5.19
C TRP A 112 37.64 2.63 4.36
N VAL A 113 37.54 1.81 3.31
CA VAL A 113 36.35 1.78 2.40
C VAL A 113 35.15 1.29 3.21
N ARG A 114 35.36 0.33 4.12
CA ARG A 114 34.26 -0.21 4.95
C ARG A 114 33.84 0.85 5.99
N ASP A 115 34.82 1.48 6.63
CA ASP A 115 34.54 2.46 7.74
C ASP A 115 33.88 3.72 7.16
N THR A 116 34.30 4.13 5.96
CA THR A 116 33.78 5.39 5.34
C THR A 116 32.33 5.19 4.90
N ILE A 117 32.00 4.02 4.35
CA ILE A 117 30.61 3.72 3.86
C ILE A 117 29.69 3.48 5.07
N ASN A 118 30.21 2.86 6.13
CA ASN A 118 29.41 2.54 7.34
C ASN A 118 29.15 3.82 8.15
N ALA A 119 29.95 4.86 7.92
CA ALA A 119 29.86 6.11 8.72
C ALA A 119 28.50 6.79 8.51
N PRO A 120 27.92 7.41 9.57
CA PRO A 120 26.63 8.09 9.44
C PRO A 120 26.71 9.31 8.51
N ALA A 121 25.63 9.58 7.78
CA ALA A 121 25.55 10.72 6.84
C ALA A 121 25.92 12.02 7.56
N GLU A 122 25.55 12.15 8.84
CA GLU A 122 25.84 13.37 9.64
C GLU A 122 27.35 13.59 9.74
N GLU A 123 28.11 12.51 9.90
CA GLU A 123 29.59 12.57 10.06
C GLU A 123 30.26 12.76 8.69
N LEU A 124 29.66 12.21 7.63
CA LEU A 124 30.29 12.23 6.29
C LEU A 124 29.37 12.88 5.25
N GLY A 125 29.52 14.19 5.05
CA GLY A 125 28.79 14.93 4.00
C GLY A 125 29.67 15.04 2.75
N PRO A 126 29.21 15.73 1.69
CA PRO A 126 29.97 15.88 0.45
C PRO A 126 31.42 16.37 0.64
N SER A 127 31.62 17.45 1.41
CA SER A 127 32.97 18.05 1.65
C SER A 127 33.87 17.06 2.41
N GLN A 128 33.32 16.36 3.41
CA GLN A 128 34.10 15.40 4.23
C GLN A 128 34.55 14.22 3.36
N LEU A 129 33.64 13.69 2.54
CA LEU A 129 33.98 12.56 1.64
C LEU A 129 35.12 12.98 0.71
N ALA A 130 34.97 14.12 0.04
CA ALA A 130 35.99 14.60 -0.90
C ALA A 130 37.33 14.75 -0.19
N GLN A 131 37.32 15.27 1.05
CA GLN A 131 38.56 15.57 1.81
C GLN A 131 39.21 14.25 2.27
N ARG A 132 38.43 13.34 2.84
CA ARG A 132 38.98 12.04 3.31
C ARG A 132 39.58 11.29 2.10
N ALA A 133 38.97 11.45 0.93
CA ALA A 133 39.46 10.79 -0.31
C ALA A 133 40.84 11.34 -0.67
N VAL A 134 41.01 12.65 -0.51
CA VAL A 134 42.33 13.31 -0.80
C VAL A 134 43.33 12.85 0.26
N ASP A 135 42.93 12.83 1.53
CA ASP A 135 43.82 12.44 2.66
C ASP A 135 44.36 11.02 2.43
N LEU A 136 43.48 10.06 2.13
CA LEU A 136 43.88 8.64 1.96
C LEU A 136 44.90 8.51 0.81
N ILE A 137 44.60 9.11 -0.34
CA ILE A 137 45.48 8.98 -1.54
C ILE A 137 46.77 9.77 -1.33
N SER A 138 46.67 10.95 -0.70
CA SER A 138 47.87 11.78 -0.41
C SER A 138 48.80 11.02 0.53
N ASN A 139 48.23 10.20 1.42
CA ASN A 139 49.03 9.44 2.41
C ASN A 139 49.98 8.47 1.71
N VAL A 140 49.54 7.86 0.60
CA VAL A 140 50.35 6.81 -0.10
C VAL A 140 51.02 7.40 -1.35
N ALA A 141 50.49 8.52 -1.87
CA ALA A 141 51.00 9.10 -3.14
C ALA A 141 51.90 10.31 -2.89
N GLY A 142 51.90 10.85 -1.67
CA GLY A 142 52.76 12.00 -1.32
C GLY A 142 52.52 13.21 -2.21
N ASP A 143 53.54 13.65 -2.96
CA ASP A 143 53.46 14.88 -3.78
C ASP A 143 53.08 14.55 -5.24
N ARG A 144 52.93 13.26 -5.57
CA ARG A 144 52.53 12.85 -6.95
C ARG A 144 51.02 13.05 -7.13
N VAL A 145 50.31 13.46 -6.07
CA VAL A 145 48.83 13.69 -6.17
C VAL A 145 48.56 15.21 -6.13
N THR A 146 47.72 15.67 -7.06
CA THR A 146 47.18 17.05 -7.09
C THR A 146 45.66 16.95 -7.24
N TYR A 147 44.90 17.99 -6.91
CA TYR A 147 43.42 17.87 -7.02
C TYR A 147 42.76 19.23 -7.15
N ARG A 148 41.45 19.21 -7.42
CA ARG A 148 40.63 20.43 -7.64
C ARG A 148 39.22 20.15 -7.10
N ILE A 149 38.73 21.01 -6.20
CA ILE A 149 37.36 20.84 -5.62
C ILE A 149 36.46 21.96 -6.15
N THR A 150 35.36 21.58 -6.81
CA THR A 150 34.34 22.57 -7.27
C THR A 150 33.07 22.31 -6.46
N LYS A 151 32.54 23.32 -5.78
CA LYS A 151 31.38 23.06 -4.89
C LYS A 151 30.35 24.20 -4.94
N GLY A 152 29.15 23.90 -4.44
CA GLY A 152 28.06 24.88 -4.31
C GLY A 152 27.74 25.58 -5.62
N GLU A 153 27.50 26.89 -5.54
CA GLU A 153 27.08 27.73 -6.70
C GLU A 153 28.09 27.63 -7.85
N ASP A 154 29.35 27.27 -7.58
CA ASP A 154 30.40 27.18 -8.63
C ASP A 154 30.05 26.07 -9.62
N LEU A 155 29.44 25.00 -9.15
CA LEU A 155 29.06 23.87 -10.05
C LEU A 155 28.00 24.36 -11.04
N ARG A 156 27.01 25.12 -10.55
CA ARG A 156 25.94 25.69 -11.42
C ARG A 156 26.58 26.60 -12.46
N GLU A 157 27.46 27.51 -12.02
CA GLU A 157 28.10 28.51 -12.93
C GLU A 157 28.86 27.80 -14.03
N GLN A 158 29.63 26.76 -13.69
CA GLN A 158 30.52 26.05 -14.63
C GLN A 158 29.78 24.93 -15.37
N GLY A 159 28.46 24.82 -15.19
CA GLY A 159 27.62 23.92 -16.02
C GLY A 159 27.57 22.48 -15.54
N TYR A 160 27.88 22.20 -14.27
CA TYR A 160 27.73 20.82 -13.72
C TYR A 160 26.29 20.64 -13.23
N GLY A 162 24.02 18.53 -13.63
CA GLY A 162 23.59 17.24 -13.12
C GLY A 162 23.87 17.10 -11.65
N LEU A 163 25.13 17.27 -11.26
CA LEU A 163 25.57 17.17 -9.85
C LEU A 163 24.94 18.30 -9.02
N HIS A 164 24.88 19.51 -9.58
CA HIS A 164 24.34 20.67 -8.82
C HIS A 164 22.83 20.54 -8.59
N THR A 165 22.08 20.03 -9.57
CA THR A 165 20.60 19.97 -9.48
C THR A 165 20.18 18.96 -8.40
N VAL A 166 20.92 17.87 -8.29
CA VAL A 166 20.58 16.80 -7.30
C VAL A 166 20.93 17.28 -5.90
N GLY A 167 22.07 17.96 -5.75
CA GLY A 167 22.61 18.28 -4.41
C GLY A 167 22.15 19.62 -3.84
N ARG A 168 21.52 20.48 -4.64
CA ARG A 168 21.21 21.86 -4.19
C ARG A 168 20.14 21.86 -3.10
N GLY A 169 19.32 20.80 -3.04
CA GLY A 169 18.24 20.72 -2.04
C GLY A 169 18.78 20.64 -0.62
N SER A 170 20.06 20.26 -0.47
CA SER A 170 20.72 20.08 0.85
C SER A 170 21.35 21.38 1.35
N GLU A 171 21.49 21.51 2.67
CA GLU A 171 22.26 22.65 3.28
C GLU A 171 23.76 22.37 3.10
N ARG A 172 24.13 21.11 2.88
CA ARG A 172 25.54 20.72 2.63
C ARG A 172 25.75 20.74 1.11
N SER A 173 26.54 21.71 0.63
CA SER A 173 26.72 21.97 -0.83
C SER A 173 27.28 20.74 -1.55
N PRO A 174 26.85 20.51 -2.81
CA PRO A 174 27.40 19.42 -3.63
C PRO A 174 28.88 19.69 -3.96
N VAL A 175 29.65 18.62 -4.14
CA VAL A 175 31.13 18.73 -4.36
C VAL A 175 31.58 17.80 -5.48
N LEU A 176 32.38 18.31 -6.40
CA LEU A 176 33.07 17.51 -7.44
C LEU A 176 34.56 17.49 -7.11
N LEU A 177 35.10 16.32 -6.75
CA LEU A 177 36.56 16.17 -6.56
C LEU A 177 37.20 15.72 -7.89
N ALA A 178 38.17 16.47 -8.40
CA ALA A 178 38.93 16.06 -9.61
C ALA A 178 40.38 15.82 -9.20
N LEU A 179 40.67 14.62 -8.68
CA LEU A 179 42.03 14.24 -8.18
C LEU A 179 42.84 13.65 -9.33
N ASP A 180 44.14 13.98 -9.36
CA ASP A 180 45.06 13.53 -10.43
C ASP A 180 46.29 12.86 -9.80
N TYR A 181 46.46 11.55 -10.04
CA TYR A 181 47.70 10.84 -9.63
C TYR A 181 48.61 10.73 -10.84
N ASN A 182 49.71 11.50 -10.84
CA ASN A 182 50.66 11.62 -11.98
C ASN A 182 52.06 11.26 -11.49
N PRO A 183 52.48 9.98 -11.60
CA PRO A 183 53.77 9.52 -11.09
C PRO A 183 55.01 10.11 -11.80
N THR A 184 54.99 10.19 -13.14
CA THR A 184 56.17 10.67 -13.93
C THR A 184 56.36 12.17 -13.78
N GLY A 185 55.43 12.88 -13.15
CA GLY A 185 55.52 14.36 -13.02
C GLY A 185 55.05 15.05 -14.29
N ASP A 186 55.66 14.70 -15.43
CA ASP A 186 55.31 15.24 -16.77
C ASP A 186 53.82 15.60 -16.83
N LYS A 187 53.49 16.87 -17.01
CA LYS A 187 52.08 17.35 -17.05
C LYS A 187 51.40 16.97 -18.37
N GLU A 188 52.20 16.62 -19.39
CA GLU A 188 51.63 16.24 -20.73
C GLU A 188 51.44 14.72 -20.79
N ALA A 189 51.74 14.02 -19.70
CA ALA A 189 51.63 12.53 -19.63
C ALA A 189 50.21 12.11 -20.01
N PRO A 190 50.04 11.00 -20.78
CA PRO A 190 48.71 10.54 -21.17
C PRO A 190 48.01 9.91 -19.96
N VAL A 191 46.72 10.22 -19.79
CA VAL A 191 45.92 9.67 -18.66
C VAL A 191 45.60 8.20 -18.99
N TYR A 192 46.13 7.28 -18.19
CA TYR A 192 45.90 5.82 -18.44
C TYR A 192 44.44 5.47 -18.15
N ALA A 193 43.96 5.86 -16.97
CA ALA A 193 42.60 5.50 -16.51
C ALA A 193 41.89 6.69 -15.86
N CYS A 194 40.56 6.74 -16.00
CA CYS A 194 39.69 7.71 -15.29
C CYS A 194 38.70 6.94 -14.43
N LEU A 195 38.74 7.14 -13.12
CA LEU A 195 37.77 6.48 -12.19
C LEU A 195 36.66 7.49 -11.89
N VAL A 196 35.40 7.06 -11.92
CA VAL A 196 34.25 7.96 -11.60
C VAL A 196 33.43 7.29 -10.49
N GLY A 197 33.04 8.06 -9.46
CA GLY A 197 32.36 7.45 -8.30
C GLY A 197 31.13 8.21 -7.87
N LYS A 198 30.00 7.51 -7.77
CA LYS A 198 28.76 8.12 -7.23
C LYS A 198 28.97 8.32 -5.73
N GLY A 199 28.99 9.58 -5.28
CA GLY A 199 29.22 9.92 -3.86
C GLY A 199 28.00 10.59 -3.24
N ILE A 200 26.83 9.95 -3.33
CA ILE A 200 25.62 10.49 -2.64
C ILE A 200 25.74 10.09 -1.15
N THR A 201 26.05 11.07 -0.31
CA THR A 201 26.32 10.85 1.14
C THR A 201 25.02 10.53 1.90
N PHE A 202 23.85 10.77 1.28
CA PHE A 202 22.56 10.31 1.85
C PHE A 202 21.47 10.47 0.81
N ASP A 203 20.73 9.39 0.56
CA ASP A 203 19.68 9.37 -0.50
C ASP A 203 18.30 9.23 0.13
N SER A 204 17.62 10.35 0.38
CA SER A 204 16.23 10.31 0.90
C SER A 204 15.29 9.93 -0.24
N GLY A 205 15.79 10.05 -1.49
CA GLY A 205 15.00 9.82 -2.71
C GLY A 205 14.43 11.12 -3.25
N GLY A 206 14.68 12.24 -2.56
CA GLY A 206 14.15 13.54 -3.01
C GLY A 206 12.64 13.57 -2.87
N TYR A 207 11.96 14.30 -3.76
CA TYR A 207 10.47 14.40 -3.71
C TYR A 207 9.87 13.02 -4.01
N SER A 208 10.61 12.17 -4.71
CA SER A 208 10.26 10.73 -4.89
C SER A 208 10.74 9.98 -3.65
N ILE A 209 10.29 10.43 -2.47
CA ILE A 209 10.76 9.97 -1.13
C ILE A 209 10.65 8.44 -1.01
N LYS A 210 11.67 7.82 -0.43
CA LYS A 210 11.67 6.36 -0.17
C LYS A 210 10.90 6.06 1.12
N GLN A 211 10.56 4.80 1.35
CA GLN A 211 9.99 4.37 2.65
C GLN A 211 11.16 4.15 3.61
N THR A 212 10.89 4.17 4.92
CA THR A 212 11.92 4.02 5.98
C THR A 212 12.70 2.71 5.81
N ALA A 213 12.01 1.63 5.43
CA ALA A 213 12.62 0.30 5.26
C ALA A 213 13.73 0.31 4.19
N PHE A 214 13.59 1.16 3.16
CA PHE A 214 14.55 1.18 2.02
C PHE A 214 15.51 2.36 2.13
N ASP A 216 16.87 3.36 5.39
CA ASP A 216 17.60 3.29 6.65
C ASP A 216 19.10 2.98 6.42
N SER A 217 19.48 2.61 5.19
CA SER A 217 20.88 2.25 4.89
C SER A 217 21.44 3.15 3.78
N LYS A 219 22.93 5.84 3.85
CA LYS A 219 24.19 6.51 4.13
C LYS A 219 25.27 5.89 3.22
N SER A 220 24.98 4.70 2.67
CA SER A 220 25.94 3.90 1.87
C SER A 220 25.81 4.22 0.37
N ASP A 221 24.96 5.18 0.00
CA ASP A 221 24.73 5.47 -1.45
C ASP A 221 25.97 6.17 -2.04
N GLY A 223 28.88 4.47 -1.85
CA GLY A 223 29.75 3.30 -1.87
C GLY A 223 30.65 3.30 -3.10
N GLY A 224 30.09 3.72 -4.25
CA GLY A 224 30.87 3.80 -5.48
C GLY A 224 32.08 4.69 -5.31
N ALA A 225 31.86 5.87 -4.73
CA ALA A 225 32.97 6.83 -4.50
C ALA A 225 34.07 6.17 -3.65
N ALA A 226 33.70 5.60 -2.51
CA ALA A 226 34.71 4.99 -1.59
C ALA A 226 35.45 3.86 -2.30
N THR A 227 34.76 3.11 -3.16
CA THR A 227 35.35 1.93 -3.83
C THR A 227 36.44 2.36 -4.83
N VAL A 228 36.15 3.28 -5.74
CA VAL A 228 37.16 3.71 -6.76
C VAL A 228 38.29 4.45 -6.05
N THR A 229 37.97 5.18 -4.97
CA THR A 229 38.99 5.90 -4.17
C THR A 229 39.92 4.87 -3.52
N GLY A 230 39.34 3.90 -2.80
CA GLY A 230 40.16 2.83 -2.19
C GLY A 230 40.97 2.10 -3.24
N ALA A 231 40.38 1.91 -4.42
CA ALA A 231 41.02 1.14 -5.53
C ALA A 231 42.29 1.86 -6.01
N LEU A 232 42.23 3.20 -6.14
CA LEU A 232 43.40 3.97 -6.63
C LEU A 232 44.52 3.89 -5.58
N ALA A 233 44.15 4.03 -4.30
CA ALA A 233 45.12 3.95 -3.18
C ALA A 233 45.78 2.56 -3.16
N PHE A 234 44.97 1.52 -3.28
CA PHE A 234 45.50 0.12 -3.24
C PHE A 234 46.40 -0.09 -4.46
N ALA A 235 45.95 0.38 -5.63
CA ALA A 235 46.72 0.28 -6.89
C ALA A 235 48.12 0.85 -6.71
N ILE A 236 48.22 1.99 -6.01
CA ILE A 236 49.54 2.65 -5.75
C ILE A 236 50.40 1.73 -4.87
N THR A 237 49.83 1.12 -3.83
CA THR A 237 50.62 0.20 -2.95
C THR A 237 51.10 -1.01 -3.76
N ARG A 238 50.41 -1.31 -4.88
CA ARG A 238 50.75 -2.46 -5.76
C ARG A 238 51.72 -2.03 -6.87
N GLY A 239 52.26 -0.81 -6.76
CA GLY A 239 53.31 -0.32 -7.68
C GLY A 239 52.76 0.43 -8.89
N LEU A 240 51.52 0.94 -8.85
CA LEU A 240 50.93 1.68 -9.99
C LEU A 240 51.89 2.80 -10.43
N ASN A 241 52.27 2.82 -11.70
CA ASN A 241 53.26 3.80 -12.23
C ASN A 241 52.72 4.47 -13.50
N LYS A 242 51.41 4.74 -13.54
CA LYS A 242 50.77 5.43 -14.69
C LYS A 242 49.78 6.48 -14.18
N ARG A 243 49.48 7.48 -15.01
CA ARG A 243 48.59 8.61 -14.62
C ARG A 243 47.14 8.13 -14.56
N VAL A 244 46.50 8.32 -13.39
CA VAL A 244 45.07 7.95 -13.18
C VAL A 244 44.37 9.15 -12.55
N LYS A 245 43.23 9.56 -13.13
CA LYS A 245 42.41 10.67 -12.59
C LYS A 245 41.19 10.08 -11.88
N LEU A 246 40.78 10.72 -10.78
CA LEU A 246 39.63 10.26 -9.96
C LEU A 246 38.54 11.35 -10.01
N PHE A 247 37.29 10.97 -10.23
CA PHE A 247 36.19 11.95 -10.22
C PHE A 247 35.11 11.48 -9.23
N LEU A 248 34.91 12.23 -8.15
CA LEU A 248 33.87 11.87 -7.15
C LEU A 248 32.73 12.89 -7.19
N CYS A 249 31.58 12.49 -7.74
CA CYS A 249 30.38 13.34 -7.79
C CYS A 249 29.64 13.18 -6.46
N CYS A 250 29.90 14.10 -5.50
CA CYS A 250 29.38 14.00 -4.11
C CYS A 250 28.23 14.98 -3.88
N ALA A 251 27.16 14.52 -3.22
CA ALA A 251 25.97 15.37 -2.96
C ALA A 251 25.02 14.68 -1.98
N ASP A 252 24.09 15.43 -1.40
CA ASP A 252 22.98 14.88 -0.58
C ASP A 252 21.70 14.98 -1.42
N ASN A 253 20.91 13.89 -1.51
CA ASN A 253 19.61 13.96 -2.23
C ASN A 253 18.50 14.14 -1.19
N LEU A 254 18.24 15.38 -0.78
CA LEU A 254 17.29 15.71 0.31
C LEU A 254 16.10 16.52 -0.21
N ILE A 255 15.09 16.73 0.66
CA ILE A 255 13.86 17.51 0.34
C ILE A 255 13.98 18.90 0.96
N SER A 256 13.57 19.94 0.22
CA SER A 256 13.57 21.34 0.73
C SER A 256 12.77 22.22 -0.24
N GLY A 257 12.71 23.53 0.01
CA GLY A 257 12.01 24.46 -0.88
C GLY A 257 12.82 24.77 -2.12
N ASN A 258 13.99 24.13 -2.24
CA ASN A 258 14.96 24.40 -3.34
C ASN A 258 15.32 23.08 -4.06
N ALA A 259 14.81 21.95 -3.56
CA ALA A 259 15.10 20.61 -4.14
C ALA A 259 14.53 20.52 -5.56
N PHE A 260 15.15 19.70 -6.42
CA PHE A 260 14.71 19.59 -7.83
C PHE A 260 13.39 18.82 -7.91
N LYS A 261 12.65 19.05 -8.99
CA LYS A 261 11.25 18.57 -9.11
C LYS A 261 11.08 17.69 -10.36
N LEU A 262 10.09 16.81 -10.33
CA LEU A 262 9.72 15.97 -11.49
C LEU A 262 9.29 16.89 -12.63
N GLY A 263 9.71 16.58 -13.85
CA GLY A 263 9.43 17.43 -15.03
C GLY A 263 10.60 18.34 -15.35
N ASP A 264 11.49 18.56 -14.37
CA ASP A 264 12.68 19.44 -14.57
C ASP A 264 13.58 18.83 -15.65
N ILE A 265 14.00 19.65 -16.61
CA ILE A 265 14.92 19.21 -17.71
C ILE A 265 16.33 19.73 -17.38
N ILE A 266 17.30 18.81 -17.31
CA ILE A 266 18.72 19.18 -17.06
C ILE A 266 19.46 19.18 -18.40
N THR A 267 20.11 20.31 -18.74
CA THR A 267 20.96 20.43 -19.95
C THR A 267 22.42 20.20 -19.56
N TYR A 268 23.04 19.15 -20.12
CA TYR A 268 24.44 18.78 -19.80
C TYR A 268 25.40 19.52 -20.74
N ARG A 269 26.68 19.55 -20.39
CA ARG A 269 27.70 20.31 -21.18
C ARG A 269 27.88 19.67 -22.57
N ASN A 270 27.47 18.40 -22.73
CA ASN A 270 27.61 17.68 -24.03
C ASN A 270 26.34 17.87 -24.87
N GLY A 271 25.41 18.73 -24.44
CA GLY A 271 24.20 19.06 -25.24
C GLY A 271 22.98 18.20 -24.89
N LYS A 272 23.17 17.09 -24.17
CA LYS A 272 22.09 16.12 -23.83
C LYS A 272 21.08 16.77 -22.86
N LYS A 273 19.79 16.67 -23.19
CA LYS A 273 18.68 17.12 -22.30
C LYS A 273 18.07 15.90 -21.61
N VAL A 274 17.88 15.95 -20.29
CA VAL A 274 17.32 14.79 -19.52
C VAL A 274 16.11 15.24 -18.69
N GLU A 275 14.96 14.61 -18.92
CA GLU A 275 13.74 14.91 -18.12
C GLU A 275 13.74 14.04 -16.85
N VAL A 276 13.68 14.68 -15.67
CA VAL A 276 13.62 13.94 -14.38
C VAL A 276 12.17 13.50 -14.17
N ASN A 278 11.74 10.80 -11.97
CA ASN A 278 11.88 10.13 -10.69
C ASN A 278 13.16 10.65 -10.02
N THR A 279 12.99 11.48 -8.98
CA THR A 279 14.13 12.14 -8.28
C THR A 279 14.94 11.13 -7.47
N ASP A 280 14.51 9.85 -7.44
CA ASP A 280 15.25 8.81 -6.69
C ASP A 280 16.25 8.15 -7.66
N ALA A 281 16.10 8.41 -8.96
CA ALA A 281 17.09 7.94 -9.97
C ALA A 281 18.10 9.07 -10.18
N GLU A 282 18.70 9.52 -9.09
CA GLU A 282 19.61 10.70 -9.02
C GLU A 282 21.07 10.27 -9.25
N GLY A 283 21.41 9.01 -8.97
CA GLY A 283 22.79 8.55 -9.09
C GLY A 283 23.34 8.74 -10.50
N ARG A 284 22.50 8.46 -11.50
CA ARG A 284 22.94 8.53 -12.92
C ARG A 284 23.10 9.99 -13.35
N LEU A 285 22.30 10.89 -12.77
CA LEU A 285 22.37 12.33 -13.12
C LEU A 285 23.71 12.94 -12.67
N VAL A 286 24.24 12.50 -11.51
CA VAL A 286 25.54 13.02 -10.99
C VAL A 286 26.71 12.33 -11.71
N LEU A 287 26.60 11.03 -12.02
CA LEU A 287 27.70 10.32 -12.72
C LEU A 287 27.89 10.88 -14.13
N ALA A 288 26.80 11.28 -14.78
CA ALA A 288 26.84 11.85 -16.14
C ALA A 288 27.86 12.99 -16.17
N ASP A 289 27.88 13.83 -15.13
CA ASP A 289 28.81 14.98 -15.06
C ASP A 289 30.25 14.47 -14.91
N GLY A 290 30.45 13.43 -14.10
CA GLY A 290 31.80 12.84 -13.93
C GLY A 290 32.27 12.15 -15.20
N LEU A 291 31.36 11.44 -15.88
CA LEU A 291 31.70 10.71 -17.13
C LEU A 291 32.07 11.69 -18.25
N ILE A 292 31.47 12.88 -18.29
CA ILE A 292 31.83 13.90 -19.32
C ILE A 292 33.27 14.36 -19.06
N ASP A 293 33.62 14.56 -17.78
CA ASP A 293 35.00 14.96 -17.39
C ASP A 293 35.97 13.80 -17.69
N ALA A 294 35.56 12.57 -17.38
CA ALA A 294 36.38 11.37 -17.66
C ALA A 294 36.73 11.30 -19.15
N SER A 295 35.71 11.33 -20.03
CA SER A 295 35.89 11.24 -21.51
C SER A 295 36.82 12.34 -22.02
N ALA A 296 36.63 13.57 -21.53
CA ALA A 296 37.38 14.76 -21.99
C ALA A 296 38.90 14.55 -21.82
N GLN A 297 39.30 13.66 -20.90
CA GLN A 297 40.75 13.38 -20.65
C GLN A 297 41.32 12.43 -21.70
N LYS A 298 40.47 11.91 -22.60
CA LYS A 298 40.88 10.94 -23.66
C LYS A 298 41.68 9.80 -23.04
N PRO A 299 41.15 9.10 -22.00
CA PRO A 299 41.91 8.02 -21.35
C PRO A 299 41.81 6.67 -22.08
N GLU A 300 42.69 5.74 -21.70
CA GLU A 300 42.71 4.38 -22.32
C GLU A 300 41.48 3.60 -21.81
N ILE A 302 37.91 3.88 -18.88
CA ILE A 302 37.08 4.61 -17.93
C ILE A 302 36.33 3.59 -17.08
N ILE A 303 36.52 3.62 -15.76
CA ILE A 303 35.83 2.71 -14.82
C ILE A 303 34.95 3.56 -13.91
N ASP A 304 33.63 3.35 -13.93
CA ASP A 304 32.72 4.08 -12.99
C ASP A 304 32.09 3.05 -12.05
N ALA A 305 31.93 3.42 -10.78
CA ALA A 305 31.32 2.52 -9.76
C ALA A 305 30.19 3.27 -9.06
N ALA A 306 29.06 2.59 -8.82
CA ALA A 306 27.91 3.26 -8.19
C ALA A 306 26.94 2.25 -7.59
N THR A 307 26.44 2.53 -6.38
CA THR A 307 25.27 1.80 -5.82
C THR A 307 24.07 2.44 -6.52
N LEU A 308 23.83 2.05 -7.77
CA LEU A 308 22.92 2.80 -8.66
C LEU A 308 21.49 2.26 -8.59
N THR A 309 21.31 0.93 -8.66
CA THR A 309 19.93 0.37 -8.77
C THR A 309 19.73 -0.84 -7.86
N GLY A 310 18.48 -1.07 -7.46
CA GLY A 310 18.06 -2.29 -6.74
C GLY A 310 17.87 -3.45 -7.71
N ALA A 311 17.78 -3.14 -9.02
CA ALA A 311 17.65 -4.15 -10.08
C ALA A 311 18.88 -5.08 -10.08
N ALA A 312 20.08 -4.53 -9.86
CA ALA A 312 21.31 -5.36 -9.78
C ALA A 312 21.22 -6.31 -8.56
N LYS A 313 20.74 -5.81 -7.41
CA LYS A 313 20.55 -6.64 -6.19
C LYS A 313 19.48 -7.72 -6.43
N THR A 314 18.47 -7.43 -7.27
CA THR A 314 17.43 -8.43 -7.62
C THR A 314 18.03 -9.46 -8.58
N ALA A 315 19.00 -9.03 -9.39
CA ALA A 315 19.60 -9.88 -10.44
C ALA A 315 20.76 -10.72 -9.88
N LEU A 316 21.51 -10.18 -8.91
CA LEU A 316 22.73 -10.88 -8.43
C LEU A 316 22.74 -11.00 -6.90
N GLY A 317 21.73 -10.46 -6.21
CA GLY A 317 21.74 -10.48 -4.74
C GLY A 317 22.82 -9.54 -4.22
N ASN A 318 23.48 -9.92 -3.13
CA ASN A 318 24.63 -9.16 -2.57
C ASN A 318 25.90 -9.98 -2.80
N ASP A 319 25.80 -11.03 -3.62
CA ASP A 319 26.87 -12.05 -3.80
C ASP A 319 27.82 -11.67 -4.94
N TYR A 320 27.41 -10.78 -5.85
CA TYR A 320 28.27 -10.33 -6.97
C TYR A 320 28.06 -8.85 -7.27
N HIS A 321 29.09 -8.18 -7.80
CA HIS A 321 28.95 -6.83 -8.38
C HIS A 321 28.48 -6.97 -9.84
N ALA A 322 27.56 -6.13 -10.29
CA ALA A 322 27.11 -6.14 -11.70
C ALA A 322 28.16 -5.45 -12.58
N LEU A 323 28.53 -6.08 -13.70
CA LEU A 323 29.50 -5.47 -14.66
C LEU A 323 28.78 -5.18 -15.99
N PHE A 324 28.81 -3.93 -16.43
CA PHE A 324 28.19 -3.55 -17.73
C PHE A 324 29.29 -3.01 -18.65
N SER A 325 29.21 -3.28 -19.94
CA SER A 325 30.22 -2.76 -20.90
C SER A 325 29.84 -3.14 -22.33
N PHE A 326 30.26 -2.32 -23.30
CA PHE A 326 30.14 -2.65 -24.74
C PHE A 326 31.44 -3.35 -25.18
N ASP A 327 32.51 -3.17 -24.40
CA ASP A 327 33.87 -3.70 -24.70
C ASP A 327 34.02 -5.10 -24.08
N ASP A 328 33.88 -6.15 -24.90
CA ASP A 328 34.03 -7.56 -24.45
C ASP A 328 35.43 -7.79 -23.87
N ALA A 329 36.47 -7.34 -24.57
CA ALA A 329 37.88 -7.56 -24.17
C ALA A 329 38.13 -6.94 -22.78
N LEU A 330 37.77 -5.66 -22.61
CA LEU A 330 37.99 -4.95 -21.32
C LEU A 330 37.17 -5.66 -20.23
N ALA A 331 35.91 -6.00 -20.52
CA ALA A 331 35.05 -6.76 -19.59
C ALA A 331 35.73 -8.09 -19.22
N GLY A 332 36.35 -8.74 -20.21
CA GLY A 332 37.07 -10.01 -19.96
C GLY A 332 38.27 -9.79 -19.05
N ARG A 333 38.92 -8.63 -19.18
CA ARG A 333 40.12 -8.31 -18.37
C ARG A 333 39.71 -8.04 -16.92
N LEU A 334 38.55 -7.43 -16.69
CA LEU A 334 38.13 -7.14 -15.29
C LEU A 334 37.77 -8.44 -14.59
N LEU A 335 37.04 -9.34 -15.26
CA LEU A 335 36.65 -10.64 -14.65
C LEU A 335 37.89 -11.46 -14.35
N ALA A 336 38.94 -11.32 -15.17
CA ALA A 336 40.23 -12.01 -14.94
C ALA A 336 40.89 -11.46 -13.68
N SER A 337 40.83 -10.14 -13.48
CA SER A 337 41.35 -9.48 -12.25
C SER A 337 40.53 -9.96 -11.04
N ALA A 338 39.20 -9.99 -11.20
CA ALA A 338 38.29 -10.42 -10.12
C ALA A 338 38.65 -11.85 -9.67
N ALA A 339 39.00 -12.72 -10.62
CA ALA A 339 39.39 -14.11 -10.32
C ALA A 339 40.71 -14.12 -9.52
N GLN A 340 41.71 -13.36 -9.97
CA GLN A 340 43.04 -13.29 -9.29
C GLN A 340 42.89 -12.74 -7.87
N GLU A 341 41.97 -11.78 -7.68
CA GLU A 341 41.79 -11.09 -6.37
C GLU A 341 40.69 -11.76 -5.54
N ASN A 342 40.14 -12.88 -6.03
CA ASN A 342 39.13 -13.67 -5.27
C ASN A 342 37.92 -12.78 -4.95
N GLU A 343 37.39 -12.05 -5.94
CA GLU A 343 36.23 -11.14 -5.73
C GLU A 343 35.12 -11.47 -6.74
N PRO A 344 33.83 -11.39 -6.34
CA PRO A 344 32.72 -11.79 -7.20
C PRO A 344 32.15 -10.69 -8.12
N PHE A 345 32.28 -10.90 -9.43
CA PHE A 345 31.71 -10.00 -10.47
C PHE A 345 30.88 -10.81 -11.47
N TRP A 346 29.74 -10.28 -11.90
CA TRP A 346 28.91 -10.96 -12.93
C TRP A 346 28.50 -9.95 -13.99
N ARG A 347 28.58 -10.34 -15.27
CA ARG A 347 28.26 -9.38 -16.36
C ARG A 347 26.77 -9.42 -16.65
N LEU A 348 26.14 -8.25 -16.73
CA LEU A 348 24.71 -8.14 -17.13
C LEU A 348 24.63 -7.43 -18.48
N PRO A 349 23.50 -7.55 -19.20
CA PRO A 349 23.40 -7.05 -20.57
C PRO A 349 23.47 -5.53 -20.74
N LEU A 350 24.24 -5.10 -21.74
CA LEU A 350 24.31 -3.67 -22.18
C LEU A 350 24.47 -3.69 -23.70
N ALA A 351 23.42 -3.26 -24.42
CA ALA A 351 23.43 -3.28 -25.90
C ALA A 351 22.84 -1.98 -26.45
N GLU A 352 23.02 -1.72 -27.75
CA GLU A 352 22.56 -0.45 -28.40
C GLU A 352 21.09 -0.19 -28.08
N PHE A 353 20.25 -1.23 -28.06
CA PHE A 353 18.79 -1.01 -27.88
C PHE A 353 18.50 -0.42 -26.48
N HIS A 354 19.43 -0.59 -25.52
CA HIS A 354 19.24 -0.06 -24.15
C HIS A 354 19.35 1.48 -24.14
N ARG A 355 20.05 2.06 -25.13
CA ARG A 355 20.26 3.52 -25.20
C ARG A 355 18.94 4.23 -25.54
N SER A 356 17.93 3.48 -25.99
CA SER A 356 16.62 4.08 -26.36
C SER A 356 15.50 3.50 -25.48
N GLN A 357 15.84 2.85 -24.35
CA GLN A 357 14.81 2.25 -23.46
C GLN A 357 14.43 3.22 -22.32
N LEU A 358 14.81 4.50 -22.45
CA LEU A 358 14.40 5.55 -21.46
C LEU A 358 13.65 6.65 -22.19
N PRO A 359 12.44 6.38 -22.73
CA PRO A 359 11.70 7.40 -23.49
C PRO A 359 11.12 8.53 -22.62
N SER A 360 11.12 9.74 -23.17
CA SER A 360 10.49 10.94 -22.56
C SER A 360 9.70 11.69 -23.62
N ASN A 361 8.61 12.34 -23.22
CA ASN A 361 7.72 13.07 -24.15
C ASN A 361 8.17 14.53 -24.26
N PHE A 362 9.12 14.95 -23.41
CA PHE A 362 9.52 16.38 -23.33
C PHE A 362 11.04 16.57 -23.47
N ALA A 363 11.81 15.48 -23.56
CA ALA A 363 13.28 15.61 -23.71
C ALA A 363 13.86 14.35 -24.35
N GLU A 364 15.04 14.48 -24.98
CA GLU A 364 15.73 13.36 -25.67
C GLU A 364 15.81 12.14 -24.74
N LEU A 365 16.16 12.36 -23.47
CA LEU A 365 16.31 11.24 -22.49
C LEU A 365 15.40 11.43 -21.28
N ASN A 366 14.95 10.31 -20.71
CA ASN A 366 14.26 10.22 -19.41
C ASN A 366 15.30 9.67 -18.44
N ASN A 367 15.19 9.95 -17.14
CA ASN A 367 16.21 9.42 -16.18
C ASN A 367 15.69 8.12 -15.55
N THR A 368 14.48 7.68 -15.93
CA THR A 368 13.85 6.47 -15.33
C THR A 368 13.41 5.52 -16.44
N GLY A 369 13.17 4.25 -16.11
CA GLY A 369 12.68 3.26 -17.09
C GLY A 369 11.16 3.18 -17.07
N SER A 370 10.60 2.31 -17.92
CA SER A 370 9.13 2.12 -18.01
C SER A 370 8.76 0.67 -17.69
N ALA A 371 7.46 0.37 -17.62
CA ALA A 371 7.00 -1.02 -17.36
C ALA A 371 7.44 -1.92 -18.53
N ALA A 372 7.51 -1.35 -19.74
CA ALA A 372 7.92 -2.04 -20.99
C ALA A 372 9.42 -2.39 -20.95
N TYR A 373 10.22 -1.67 -20.17
CA TYR A 373 11.68 -1.92 -20.10
C TYR A 373 12.09 -2.02 -18.63
N PRO A 374 11.74 -3.12 -17.94
CA PRO A 374 11.94 -3.24 -16.50
C PRO A 374 13.34 -3.67 -16.03
N ALA A 375 14.32 -3.70 -16.94
CA ALA A 375 15.72 -4.03 -16.57
C ALA A 375 16.42 -2.75 -16.11
N GLY A 376 16.06 -2.28 -14.91
CA GLY A 376 16.57 -1.01 -14.33
C GLY A 376 18.07 -0.85 -14.45
N ALA A 377 18.85 -1.90 -14.17
CA ALA A 377 20.33 -1.80 -14.18
C ALA A 377 20.85 -1.66 -15.61
N SER A 378 20.22 -2.36 -16.56
CA SER A 378 20.66 -2.29 -17.97
C SER A 378 20.30 -0.94 -18.58
N THR A 379 19.10 -0.41 -18.31
CA THR A 379 18.69 0.92 -18.84
C THR A 379 19.53 2.02 -18.17
N ALA A 380 19.83 1.87 -16.88
CA ALA A 380 20.71 2.84 -16.18
C ALA A 380 22.07 2.89 -16.89
N ALA A 381 22.65 1.73 -17.20
CA ALA A 381 23.92 1.64 -17.95
C ALA A 381 23.75 2.29 -19.34
N GLY A 382 22.63 2.01 -20.00
CA GLY A 382 22.34 2.61 -21.32
C GLY A 382 22.32 4.13 -21.24
N PHE A 383 21.76 4.67 -20.16
CA PHE A 383 21.67 6.14 -19.94
C PHE A 383 23.08 6.73 -19.81
N LEU A 384 23.89 6.16 -18.92
CA LEU A 384 25.29 6.62 -18.68
C LEU A 384 26.08 6.64 -20.00
N SER A 385 25.76 5.74 -20.93
CA SER A 385 26.51 5.63 -22.22
C SER A 385 26.34 6.90 -23.06
N HIS A 386 25.27 7.67 -22.81
CA HIS A 386 25.02 8.95 -23.53
C HIS A 386 26.00 10.03 -23.06
N PHE A 387 26.85 9.70 -22.08
CA PHE A 387 27.78 10.69 -21.46
C PHE A 387 29.23 10.19 -21.57
N VAL A 388 29.45 9.18 -22.41
CA VAL A 388 30.82 8.69 -22.71
C VAL A 388 31.06 8.85 -24.21
N GLU A 389 32.00 9.72 -24.58
CA GLU A 389 32.32 10.04 -26.00
C GLU A 389 32.38 8.74 -26.83
N ASN A 390 33.34 7.86 -26.52
CA ASN A 390 33.51 6.56 -27.23
C ASN A 390 33.02 5.43 -26.32
N TYR A 391 31.70 5.30 -26.18
CA TYR A 391 31.09 4.35 -25.22
C TYR A 391 31.33 2.89 -25.64
N GLN A 392 31.64 2.65 -26.91
CA GLN A 392 31.83 1.25 -27.41
C GLN A 392 33.21 0.70 -27.02
N GLN A 393 34.19 1.56 -26.72
CA GLN A 393 35.55 1.08 -26.32
C GLN A 393 35.99 1.74 -25.00
N GLY A 394 36.67 0.95 -24.16
CA GLY A 394 37.38 1.44 -22.96
C GLY A 394 36.47 1.96 -21.86
N TRP A 395 35.24 1.45 -21.73
CA TRP A 395 34.36 1.95 -20.63
C TRP A 395 33.71 0.79 -19.89
N LEU A 396 33.89 0.76 -18.56
CA LEU A 396 33.23 -0.23 -17.66
C LEU A 396 32.33 0.51 -16.68
N HIS A 397 31.12 -0.02 -16.46
CA HIS A 397 30.21 0.50 -15.40
C HIS A 397 30.01 -0.59 -14.36
N ILE A 398 30.25 -0.29 -13.08
CA ILE A 398 30.06 -1.31 -12.01
C ILE A 398 28.89 -0.89 -11.13
N ASP A 399 27.79 -1.64 -11.18
CA ASP A 399 26.65 -1.42 -10.25
C ASP A 399 26.98 -2.21 -8.97
N CYS A 400 27.40 -1.50 -7.92
CA CYS A 400 28.01 -2.11 -6.70
C CYS A 400 26.98 -2.86 -5.84
N SER A 401 26.35 -3.90 -6.41
CA SER A 401 25.31 -4.68 -5.69
C SER A 401 25.90 -5.49 -4.53
N ALA A 402 27.23 -5.61 -4.43
CA ALA A 402 27.86 -6.44 -3.37
C ALA A 402 28.59 -5.55 -2.36
N THR A 403 28.36 -4.23 -2.44
CA THR A 403 29.06 -3.26 -1.58
C THR A 403 28.47 -3.25 -0.16
N TYR A 404 27.16 -3.40 0.01
CA TYR A 404 26.54 -3.24 1.37
C TYR A 404 25.64 -4.43 1.73
N ARG A 405 25.71 -4.84 3.00
CA ARG A 405 24.87 -5.92 3.58
C ARG A 405 24.01 -5.32 4.71
N LYS A 406 22.70 -5.14 4.47
CA LYS A 406 21.80 -4.49 5.46
C LYS A 406 21.68 -5.36 6.72
N ALA A 407 22.11 -6.62 6.63
CA ALA A 407 22.03 -7.54 7.80
C ALA A 407 23.18 -8.53 7.74
N PRO A 408 23.67 -9.03 8.90
CA PRO A 408 24.79 -9.97 8.92
C PRO A 408 24.43 -11.28 8.20
N VAL A 409 25.40 -11.86 7.48
CA VAL A 409 25.21 -13.15 6.78
C VAL A 409 26.33 -14.11 7.24
N GLU A 410 26.48 -15.26 6.59
CA GLU A 410 27.46 -16.30 6.98
C GLU A 410 28.88 -15.70 7.10
N GLN A 411 29.35 -14.96 6.09
CA GLN A 411 30.76 -14.53 6.02
C GLN A 411 30.93 -13.01 6.29
N TRP A 412 29.83 -12.26 6.36
CA TRP A 412 29.93 -10.78 6.50
C TRP A 412 29.12 -10.28 7.71
N SER A 413 29.62 -9.23 8.37
CA SER A 413 28.83 -8.49 9.38
C SER A 413 27.90 -7.53 8.63
N ALA A 414 27.01 -6.85 9.35
CA ALA A 414 26.21 -5.81 8.68
C ALA A 414 27.17 -4.76 8.11
N GLY A 415 26.72 -4.01 7.09
CA GLY A 415 27.52 -2.86 6.60
C GLY A 415 28.33 -3.18 5.35
N ALA A 416 29.30 -2.32 5.08
CA ALA A 416 30.12 -2.38 3.84
C ALA A 416 31.07 -3.59 3.91
N THR A 417 31.30 -4.23 2.75
CA THR A 417 32.18 -5.43 2.63
C THR A 417 33.58 -5.01 2.21
N GLY A 418 33.68 -3.99 1.38
CA GLY A 418 34.99 -3.53 0.85
C GLY A 418 35.31 -4.19 -0.48
N LEU A 419 34.41 -5.06 -0.96
CA LEU A 419 34.61 -5.79 -2.24
C LEU A 419 34.63 -4.79 -3.41
N GLY A 420 35.54 -5.03 -4.38
CA GLY A 420 35.69 -4.21 -5.59
C GLY A 420 37.01 -3.44 -5.58
N VAL A 421 37.58 -3.22 -4.40
CA VAL A 421 38.84 -2.45 -4.23
C VAL A 421 40.01 -3.19 -4.92
N ARG A 422 40.18 -4.47 -4.62
CA ARG A 422 41.29 -5.28 -5.17
C ARG A 422 41.15 -5.47 -6.69
N THR A 423 39.94 -5.79 -7.17
CA THR A 423 39.67 -6.02 -8.63
C THR A 423 40.09 -4.78 -9.44
N ILE A 424 39.49 -3.63 -9.15
CA ILE A 424 39.80 -2.39 -9.92
C ILE A 424 41.31 -2.11 -9.81
N ALA A 425 41.87 -2.21 -8.60
CA ALA A 425 43.32 -1.97 -8.38
C ALA A 425 44.16 -2.89 -9.26
N ASN A 426 43.79 -4.17 -9.32
CA ASN A 426 44.51 -5.21 -10.10
C ASN A 426 44.48 -4.87 -11.60
N LEU A 427 43.32 -4.46 -12.12
CA LEU A 427 43.15 -4.11 -13.55
C LEU A 427 44.05 -2.92 -13.91
N LEU A 428 44.13 -1.92 -13.02
CA LEU A 428 44.94 -0.70 -13.23
C LEU A 428 46.44 -1.03 -13.27
N THR A 429 46.89 -1.97 -12.41
CA THR A 429 48.34 -2.29 -12.24
C THR A 429 48.82 -3.27 -13.32
N ALA A 430 47.93 -4.13 -13.83
CA ALA A 430 48.31 -5.12 -14.87
C ALA A 430 48.60 -4.39 -16.19
N THR B 5 -10.21 -5.94 -49.19
CA THR B 5 -9.06 -6.75 -48.67
C THR B 5 -8.07 -7.01 -49.82
N GLU B 6 -7.62 -5.93 -50.49
CA GLU B 6 -6.68 -6.02 -51.64
C GLU B 6 -5.23 -5.93 -51.13
N ALA B 7 -4.32 -6.68 -51.76
CA ALA B 7 -2.90 -6.85 -51.36
C ALA B 7 -2.12 -5.54 -51.53
N LYS B 9 1.77 -4.26 -51.77
CA LYS B 9 3.10 -4.78 -52.06
C LYS B 9 4.12 -4.20 -51.09
N ILE B 10 5.02 -5.07 -50.58
CA ILE B 10 6.13 -4.69 -49.66
C ILE B 10 7.44 -5.02 -50.38
N THR B 11 8.22 -3.99 -50.78
CA THR B 11 9.50 -4.22 -51.52
C THR B 11 10.71 -3.96 -50.62
N LEU B 12 11.88 -4.49 -50.99
CA LEU B 12 13.14 -4.28 -50.23
C LEU B 12 14.09 -3.43 -51.07
N SER B 13 14.72 -2.44 -50.43
CA SER B 13 15.65 -1.48 -51.11
C SER B 13 16.81 -1.16 -50.18
N THR B 14 18.01 -0.99 -50.72
CA THR B 14 19.24 -0.62 -49.98
C THR B 14 19.47 0.90 -50.09
N GLN B 15 18.62 1.58 -50.87
CA GLN B 15 18.68 3.06 -51.02
C GLN B 15 17.76 3.69 -49.97
N PRO B 16 18.16 4.85 -49.38
CA PRO B 16 17.34 5.52 -48.38
C PRO B 16 16.09 6.18 -48.97
N ALA B 17 15.09 6.43 -48.11
CA ALA B 17 13.82 7.10 -48.50
C ALA B 17 14.11 8.54 -48.94
N ASP B 18 13.16 9.15 -49.66
CA ASP B 18 13.32 10.56 -50.12
C ASP B 18 13.23 11.49 -48.90
N ALA B 19 13.86 12.68 -49.01
CA ALA B 19 14.03 13.65 -47.90
C ALA B 19 12.69 14.00 -47.23
N ARG B 20 11.55 13.66 -47.84
CA ARG B 20 10.21 13.95 -47.25
C ARG B 20 9.97 13.06 -46.03
N TRP B 21 10.64 11.89 -45.99
CA TRP B 21 10.54 10.92 -44.87
C TRP B 21 11.75 11.08 -43.95
N GLY B 22 12.90 11.41 -44.55
CA GLY B 22 14.20 11.48 -43.85
C GLY B 22 15.14 10.39 -44.32
N GLU B 23 16.44 10.57 -44.09
CA GLU B 23 17.46 9.56 -44.51
C GLU B 23 17.38 8.33 -43.60
N LYS B 24 16.98 8.53 -42.34
CA LYS B 24 16.94 7.44 -41.31
C LYS B 24 15.63 6.64 -41.38
N ALA B 25 14.66 7.09 -42.17
CA ALA B 25 13.36 6.38 -42.31
C ALA B 25 13.59 4.91 -42.66
N THR B 26 12.94 4.00 -41.93
CA THR B 26 13.10 2.53 -42.14
C THR B 26 12.13 2.07 -43.25
N TYR B 27 11.05 2.83 -43.48
CA TYR B 27 10.06 2.49 -44.54
C TYR B 27 9.48 3.78 -45.13
N SER B 28 9.06 3.71 -46.39
CA SER B 28 8.34 4.83 -47.08
C SER B 28 7.15 4.23 -47.85
N ILE B 29 6.24 5.08 -48.35
CA ILE B 29 4.99 4.59 -49.00
C ILE B 29 4.68 5.42 -50.24
N ASN B 30 4.12 4.77 -51.28
CA ASN B 30 3.65 5.45 -52.52
C ASN B 30 2.63 4.51 -53.21
N ASN B 31 2.32 4.74 -54.49
CA ASN B 31 1.36 3.88 -55.22
C ASN B 31 1.92 2.46 -55.38
N ASP B 32 3.22 2.35 -55.73
CA ASP B 32 3.88 1.04 -55.95
C ASP B 32 3.83 0.21 -54.66
N GLY B 33 3.43 0.82 -53.53
CA GLY B 33 3.28 0.11 -52.25
C GLY B 33 4.26 0.60 -51.20
N ILE B 34 4.56 -0.27 -50.22
CA ILE B 34 5.49 0.07 -49.10
C ILE B 34 6.91 -0.41 -49.46
N THR B 35 7.92 0.40 -49.15
CA THR B 35 9.34 0.03 -49.40
C THR B 35 10.08 -0.03 -48.07
N LEU B 36 10.72 -1.17 -47.75
CA LEU B 36 11.56 -1.28 -46.52
C LEU B 36 13.00 -0.91 -46.89
N HIS B 37 13.58 0.08 -46.20
CA HIS B 37 14.93 0.61 -46.50
C HIS B 37 15.98 -0.08 -45.62
N LEU B 38 16.61 -1.13 -46.14
CA LEU B 38 17.66 -1.90 -45.41
C LEU B 38 18.97 -1.10 -45.45
N ASN B 39 19.77 -1.20 -44.38
CA ASN B 39 21.05 -0.45 -44.28
C ASN B 39 22.18 -1.39 -43.83
N GLY B 40 21.88 -2.68 -43.65
CA GLY B 40 22.91 -3.69 -43.33
C GLY B 40 23.20 -3.80 -41.84
N ALA B 41 22.75 -2.85 -41.02
CA ALA B 41 23.00 -2.91 -39.56
C ALA B 41 22.34 -4.15 -38.96
N ASP B 42 21.01 -4.14 -38.85
CA ASP B 42 20.21 -5.32 -38.38
C ASP B 42 18.92 -5.36 -39.21
N ASP B 43 19.02 -5.92 -40.42
CA ASP B 43 17.89 -5.94 -41.40
C ASP B 43 16.71 -6.76 -40.85
N LEU B 44 16.99 -7.83 -40.11
CA LEU B 44 15.88 -8.67 -39.57
C LEU B 44 15.12 -7.87 -38.49
N GLY B 45 15.86 -7.18 -37.61
CA GLY B 45 15.22 -6.34 -36.58
C GLY B 45 14.44 -5.20 -37.20
N LEU B 46 15.00 -4.60 -38.26
CA LEU B 46 14.40 -3.45 -39.00
C LEU B 46 13.10 -3.91 -39.67
N ILE B 47 13.13 -5.07 -40.34
CA ILE B 47 11.96 -5.59 -41.09
C ILE B 47 10.86 -5.93 -40.08
N GLN B 48 11.23 -6.59 -38.98
CA GLN B 48 10.24 -6.98 -37.94
C GLN B 48 9.63 -5.73 -37.33
N ARG B 49 10.43 -4.69 -37.10
CA ARG B 49 9.94 -3.41 -36.51
C ARG B 49 9.03 -2.73 -37.54
N ALA B 50 9.40 -2.77 -38.83
CA ALA B 50 8.60 -2.14 -39.92
C ALA B 50 7.22 -2.82 -40.01
N ALA B 51 7.21 -4.16 -39.89
CA ALA B 51 5.96 -4.95 -39.95
C ALA B 51 5.01 -4.53 -38.82
N ARG B 52 5.56 -4.26 -37.64
CA ARG B 52 4.75 -3.85 -36.46
C ARG B 52 4.01 -2.55 -36.80
N LYS B 53 4.70 -1.64 -37.52
CA LYS B 53 4.12 -0.31 -37.86
C LYS B 53 3.09 -0.48 -38.96
N ILE B 54 3.39 -1.32 -39.96
CA ILE B 54 2.45 -1.58 -41.09
C ILE B 54 1.14 -2.13 -40.53
N ASP B 55 1.20 -3.00 -39.51
CA ASP B 55 -0.04 -3.51 -38.86
C ASP B 55 -0.76 -2.34 -38.19
N GLY B 56 0.00 -1.39 -37.64
CA GLY B 56 -0.55 -0.22 -36.94
C GLY B 56 -1.22 0.75 -37.90
N LEU B 57 -0.91 0.67 -39.20
CA LEU B 57 -1.50 1.55 -40.24
C LEU B 57 -2.87 1.00 -40.68
N GLY B 58 -3.26 -0.16 -40.15
CA GLY B 58 -4.57 -0.78 -40.48
C GLY B 58 -4.53 -1.54 -41.80
N ILE B 59 -3.34 -1.98 -42.24
CA ILE B 59 -3.18 -2.77 -43.50
C ILE B 59 -3.25 -4.26 -43.12
N LYS B 60 -4.26 -4.98 -43.61
CA LYS B 60 -4.51 -6.40 -43.21
C LYS B 60 -4.18 -7.36 -44.36
N HIS B 61 -3.79 -6.85 -45.53
CA HIS B 61 -3.42 -7.71 -46.68
C HIS B 61 -2.12 -7.19 -47.30
N VAL B 62 -1.04 -7.96 -47.18
CA VAL B 62 0.29 -7.57 -47.75
C VAL B 62 0.78 -8.70 -48.66
N GLN B 63 1.69 -8.37 -49.57
CA GLN B 63 2.39 -9.33 -50.47
C GLN B 63 3.88 -8.96 -50.48
N LEU B 64 4.74 -9.91 -50.10
CA LEU B 64 6.20 -9.65 -50.16
C LEU B 64 6.61 -9.84 -51.62
N SER B 65 6.88 -8.73 -52.33
CA SER B 65 7.24 -8.78 -53.77
C SER B 65 8.68 -8.31 -53.98
N GLY B 66 9.19 -8.44 -55.21
CA GLY B 66 10.58 -8.06 -55.54
C GLY B 66 11.58 -9.08 -55.04
N GLU B 67 12.87 -8.84 -55.30
CA GLU B 67 13.99 -9.75 -54.95
C GLU B 67 14.46 -9.46 -53.52
N GLY B 68 15.17 -10.43 -52.91
CA GLY B 68 15.81 -10.26 -51.60
C GLY B 68 15.12 -11.03 -50.49
N TRP B 69 13.88 -11.47 -50.70
CA TRP B 69 13.10 -12.16 -49.63
C TRP B 69 13.60 -13.59 -49.43
N ASP B 70 14.07 -13.90 -48.21
CA ASP B 70 14.46 -15.29 -47.85
C ASP B 70 13.58 -15.73 -46.68
N ALA B 71 13.80 -16.96 -46.18
CA ALA B 71 12.99 -17.50 -45.06
C ALA B 71 13.11 -16.58 -43.85
N ASP B 72 14.34 -16.26 -43.46
CA ASP B 72 14.62 -15.43 -42.25
C ASP B 72 13.95 -14.07 -42.37
N ARG B 73 14.03 -13.43 -43.55
CA ARG B 73 13.45 -12.08 -43.75
C ARG B 73 11.92 -12.16 -43.77
N CYS B 74 11.36 -13.20 -44.41
CA CYS B 74 9.89 -13.43 -44.44
C CYS B 74 9.40 -13.67 -43.01
N TRP B 75 10.13 -14.51 -42.26
CA TRP B 75 9.78 -14.86 -40.87
C TRP B 75 9.83 -13.60 -40.00
N ALA B 76 10.89 -12.81 -40.17
CA ALA B 76 11.05 -11.55 -39.40
C ALA B 76 9.79 -10.70 -39.58
N PHE B 77 9.37 -10.52 -40.84
CA PHE B 77 8.20 -9.67 -41.15
C PHE B 77 6.96 -10.22 -40.43
N TRP B 78 6.72 -11.52 -40.56
CA TRP B 78 5.53 -12.17 -39.94
C TRP B 78 5.59 -12.04 -38.40
N GLN B 79 6.72 -12.36 -37.78
CA GLN B 79 6.90 -12.27 -36.31
C GLN B 79 6.37 -10.91 -35.82
N GLY B 80 6.61 -9.86 -36.59
CA GLY B 80 6.23 -8.49 -36.17
C GLY B 80 4.82 -8.14 -36.62
N TYR B 81 4.38 -8.74 -37.73
CA TYR B 81 3.05 -8.43 -38.34
C TYR B 81 1.93 -9.10 -37.53
N LYS B 82 2.17 -10.35 -37.08
CA LYS B 82 1.18 -11.16 -36.32
C LYS B 82 0.74 -10.44 -35.04
N ALA B 83 -0.57 -10.35 -34.83
CA ALA B 83 -1.15 -9.75 -33.59
C ALA B 83 -2.34 -10.59 -33.15
N PRO B 84 -2.58 -10.73 -31.82
CA PRO B 84 -3.66 -11.60 -31.31
C PRO B 84 -5.05 -11.39 -31.90
N LYS B 85 -5.48 -10.14 -32.10
CA LYS B 85 -6.85 -9.90 -32.65
C LYS B 85 -6.74 -9.37 -34.08
N GLY B 86 -7.76 -9.64 -34.90
CA GLY B 86 -7.79 -9.25 -36.32
C GLY B 86 -7.33 -10.39 -37.22
N THR B 87 -7.65 -10.29 -38.52
CA THR B 87 -7.26 -11.26 -39.58
C THR B 87 -6.22 -10.61 -40.49
N ARG B 88 -5.09 -11.29 -40.72
CA ARG B 88 -3.99 -10.76 -41.57
C ARG B 88 -3.64 -11.77 -42.65
N LYS B 89 -3.39 -11.27 -43.86
CA LYS B 89 -3.06 -12.13 -45.02
C LYS B 89 -1.66 -11.74 -45.53
N VAL B 90 -0.76 -12.72 -45.66
CA VAL B 90 0.61 -12.46 -46.21
C VAL B 90 0.81 -13.36 -47.43
N VAL B 91 0.84 -12.76 -48.63
CA VAL B 91 1.17 -13.51 -49.87
C VAL B 91 2.69 -13.62 -49.93
N TRP B 92 3.22 -14.84 -49.71
CA TRP B 92 4.69 -15.05 -49.70
C TRP B 92 5.24 -14.95 -51.11
N PRO B 93 6.57 -14.75 -51.27
CA PRO B 93 7.20 -14.71 -52.60
C PRO B 93 7.75 -16.07 -53.07
N ASP B 94 8.44 -16.07 -54.21
CA ASP B 94 9.07 -17.29 -54.79
C ASP B 94 10.28 -17.69 -53.95
N LEU B 95 10.15 -18.76 -53.17
CA LEU B 95 11.28 -19.30 -52.35
C LEU B 95 11.61 -20.71 -52.83
N ASP B 96 12.87 -21.14 -52.71
CA ASP B 96 13.21 -22.55 -53.04
C ASP B 96 12.49 -23.45 -52.01
N ASP B 97 12.45 -24.76 -52.25
CA ASP B 97 11.66 -25.70 -51.40
C ASP B 97 12.19 -25.71 -49.95
N ALA B 98 13.52 -25.72 -49.76
CA ALA B 98 14.12 -25.74 -48.40
C ALA B 98 13.73 -24.47 -47.63
N GLN B 99 13.77 -23.31 -48.30
CA GLN B 99 13.43 -21.99 -47.69
C GLN B 99 11.95 -21.97 -47.29
N ARG B 100 11.07 -22.40 -48.18
CA ARG B 100 9.60 -22.37 -47.93
C ARG B 100 9.26 -23.43 -46.87
N GLN B 101 9.97 -24.55 -46.89
CA GLN B 101 9.72 -25.67 -45.95
C GLN B 101 10.08 -25.20 -44.53
N GLU B 102 11.18 -24.46 -44.41
CA GLU B 102 11.64 -23.89 -43.11
C GLU B 102 10.60 -22.87 -42.62
N LEU B 103 10.12 -22.00 -43.51
CA LEU B 103 9.11 -20.98 -43.15
C LEU B 103 7.81 -21.67 -42.69
N ASP B 104 7.34 -22.66 -43.46
CA ASP B 104 6.07 -23.38 -43.13
C ASP B 104 6.17 -24.00 -41.74
N ASN B 105 7.27 -24.71 -41.45
CA ASN B 105 7.47 -25.36 -40.13
C ASN B 105 7.46 -24.29 -39.03
N ARG B 106 8.11 -23.15 -39.27
CA ARG B 106 8.11 -22.06 -38.27
C ARG B 106 6.66 -21.60 -38.06
N LEU B 107 5.94 -21.31 -39.14
CA LEU B 107 4.53 -20.82 -39.08
C LEU B 107 3.66 -21.80 -38.29
N ILE B 109 4.51 -24.38 -36.11
CA ILE B 109 4.86 -24.76 -34.75
C ILE B 109 5.07 -23.53 -33.85
N ILE B 110 5.80 -22.51 -34.32
CA ILE B 110 6.11 -21.34 -33.45
C ILE B 110 4.84 -20.53 -33.18
N ASP B 111 3.99 -20.34 -34.19
CA ASP B 111 2.70 -19.62 -33.99
C ASP B 111 1.78 -20.46 -33.11
N TRP B 112 1.98 -21.78 -33.10
CA TRP B 112 1.22 -22.66 -32.17
C TRP B 112 1.63 -22.30 -30.74
N VAL B 113 2.90 -21.98 -30.54
CA VAL B 113 3.41 -21.59 -29.19
C VAL B 113 2.81 -20.21 -28.84
N ARG B 114 2.81 -19.29 -29.81
CA ARG B 114 2.21 -17.95 -29.62
C ARG B 114 0.71 -18.07 -29.30
N ASP B 115 -0.02 -18.89 -30.07
CA ASP B 115 -1.50 -18.98 -29.92
C ASP B 115 -1.87 -19.75 -28.64
N THR B 116 -1.12 -20.82 -28.32
CA THR B 116 -1.42 -21.64 -27.11
C THR B 116 -1.25 -20.76 -25.86
N ILE B 117 -0.13 -20.04 -25.77
CA ILE B 117 0.17 -19.16 -24.60
C ILE B 117 -0.82 -18.00 -24.55
N ASN B 118 -1.20 -17.45 -25.71
CA ASN B 118 -2.15 -16.31 -25.77
C ASN B 118 -3.59 -16.78 -25.45
N ALA B 119 -3.90 -18.05 -25.72
CA ALA B 119 -5.25 -18.60 -25.49
C ALA B 119 -5.74 -18.31 -24.07
N PRO B 120 -7.03 -17.96 -23.89
CA PRO B 120 -7.60 -17.74 -22.55
C PRO B 120 -7.47 -18.99 -21.66
N ALA B 121 -7.39 -18.78 -20.34
CA ALA B 121 -7.24 -19.90 -19.39
C ALA B 121 -8.52 -20.77 -19.39
N GLU B 122 -9.68 -20.18 -19.68
CA GLU B 122 -10.96 -20.93 -19.70
C GLU B 122 -10.94 -21.95 -20.84
N GLU B 123 -10.32 -21.58 -21.96
CA GLU B 123 -10.20 -22.44 -23.16
C GLU B 123 -9.08 -23.48 -22.94
N LEU B 124 -8.02 -23.09 -22.23
CA LEU B 124 -6.82 -23.98 -22.10
C LEU B 124 -6.55 -24.33 -20.62
N GLY B 125 -7.22 -25.38 -20.11
CA GLY B 125 -6.94 -25.90 -18.77
C GLY B 125 -5.83 -26.96 -18.82
N PRO B 126 -5.41 -27.54 -17.68
CA PRO B 126 -4.35 -28.54 -17.66
C PRO B 126 -4.57 -29.67 -18.70
N SER B 127 -5.79 -30.21 -18.71
CA SER B 127 -6.15 -31.33 -19.61
C SER B 127 -6.02 -30.92 -21.09
N GLN B 128 -6.46 -29.70 -21.45
CA GLN B 128 -6.38 -29.24 -22.86
C GLN B 128 -4.93 -29.02 -23.26
N LEU B 129 -4.08 -28.54 -22.34
CA LEU B 129 -2.65 -28.30 -22.66
C LEU B 129 -2.00 -29.65 -22.97
N ALA B 130 -2.33 -30.68 -22.19
CA ALA B 130 -1.74 -32.02 -22.38
C ALA B 130 -2.11 -32.55 -23.77
N GLN B 131 -3.40 -32.56 -24.13
CA GLN B 131 -3.83 -33.21 -25.40
C GLN B 131 -3.40 -32.36 -26.61
N ARG B 132 -3.35 -31.03 -26.49
CA ARG B 132 -2.87 -30.19 -27.62
C ARG B 132 -1.36 -30.42 -27.82
N ALA B 133 -0.63 -30.72 -26.74
CA ALA B 133 0.82 -30.99 -26.83
C ALA B 133 1.04 -32.31 -27.59
N VAL B 134 0.22 -33.33 -27.25
CA VAL B 134 0.28 -34.64 -27.94
C VAL B 134 -0.03 -34.44 -29.43
N ASP B 135 -1.07 -33.67 -29.74
CA ASP B 135 -1.51 -33.45 -31.15
C ASP B 135 -0.39 -32.80 -31.96
N LEU B 136 0.21 -31.72 -31.44
CA LEU B 136 1.28 -31.00 -32.20
C LEU B 136 2.40 -31.98 -32.58
N ILE B 137 2.88 -32.75 -31.59
CA ILE B 137 4.03 -33.67 -31.78
C ILE B 137 3.62 -34.90 -32.59
N SER B 138 2.42 -35.44 -32.38
CA SER B 138 1.95 -36.65 -33.11
C SER B 138 1.82 -36.35 -34.60
N ASN B 139 1.59 -35.09 -34.96
CA ASN B 139 1.32 -34.69 -36.36
C ASN B 139 2.63 -34.65 -37.17
N VAL B 140 3.80 -34.60 -36.49
CA VAL B 140 5.11 -34.52 -37.21
C VAL B 140 5.97 -35.76 -36.86
N ALA B 141 5.63 -36.49 -35.79
CA ALA B 141 6.48 -37.57 -35.27
C ALA B 141 6.09 -38.96 -35.82
N GLY B 142 5.10 -39.02 -36.72
CA GLY B 142 4.65 -40.33 -37.25
C GLY B 142 4.25 -41.30 -36.15
N ASP B 143 4.67 -42.56 -36.25
CA ASP B 143 4.28 -43.64 -35.29
C ASP B 143 5.28 -43.68 -34.12
N ARG B 144 6.32 -42.86 -34.17
CA ARG B 144 7.45 -42.94 -33.21
C ARG B 144 7.13 -42.18 -31.93
N VAL B 145 5.87 -42.14 -31.50
CA VAL B 145 5.48 -41.33 -30.29
C VAL B 145 4.49 -42.12 -29.42
N THR B 146 4.84 -42.30 -28.14
CA THR B 146 3.94 -42.89 -27.12
C THR B 146 3.73 -41.84 -26.02
N TYR B 147 2.59 -41.86 -25.33
CA TYR B 147 2.38 -40.86 -24.23
C TYR B 147 1.51 -41.44 -23.11
N ARG B 148 1.52 -40.74 -21.98
CA ARG B 148 0.69 -41.12 -20.81
C ARG B 148 0.30 -39.85 -20.06
N ILE B 149 -0.99 -39.72 -19.73
CA ILE B 149 -1.52 -38.56 -18.98
C ILE B 149 -1.99 -39.07 -17.61
N THR B 150 -1.40 -38.55 -16.54
CA THR B 150 -1.78 -38.92 -15.14
C THR B 150 -2.44 -37.69 -14.51
N LYS B 151 -3.70 -37.80 -14.05
CA LYS B 151 -4.33 -36.59 -13.47
C LYS B 151 -4.93 -36.88 -12.09
N GLY B 152 -5.28 -35.80 -11.38
CA GLY B 152 -6.02 -35.80 -10.11
C GLY B 152 -5.39 -36.68 -9.04
N GLU B 153 -6.22 -37.55 -8.45
CA GLU B 153 -5.83 -38.40 -7.30
C GLU B 153 -4.67 -39.32 -7.68
N ASP B 154 -4.54 -39.68 -8.96
CA ASP B 154 -3.46 -40.61 -9.37
C ASP B 154 -2.10 -39.97 -9.10
N LEU B 155 -2.04 -38.64 -9.18
CA LEU B 155 -0.76 -37.93 -8.89
C LEU B 155 -0.43 -38.08 -7.42
N ARG B 156 -1.46 -38.01 -6.55
CA ARG B 156 -1.27 -38.21 -5.08
C ARG B 156 -0.78 -39.64 -4.81
N GLU B 157 -1.49 -40.64 -5.35
CA GLU B 157 -1.18 -42.08 -5.10
C GLU B 157 0.23 -42.44 -5.58
N GLN B 158 0.74 -41.75 -6.61
CA GLN B 158 2.06 -42.10 -7.21
C GLN B 158 3.16 -41.18 -6.67
N GLY B 159 2.84 -40.34 -5.67
CA GLY B 159 3.87 -39.55 -4.94
C GLY B 159 4.21 -38.21 -5.59
N TYR B 160 3.47 -37.79 -6.63
CA TYR B 160 3.72 -36.48 -7.30
C TYR B 160 3.13 -35.39 -6.41
N GLY B 162 4.28 -32.59 -5.42
CA GLY B 162 4.49 -31.22 -5.84
C GLY B 162 3.34 -30.74 -6.72
N LEU B 163 3.12 -31.45 -7.83
CA LEU B 163 2.10 -31.06 -8.84
C LEU B 163 0.69 -31.17 -8.27
N HIS B 164 0.44 -32.18 -7.42
CA HIS B 164 -0.93 -32.36 -6.85
C HIS B 164 -1.23 -31.25 -5.84
N THR B 165 -0.30 -30.95 -4.93
CA THR B 165 -0.53 -29.96 -3.85
C THR B 165 -0.85 -28.59 -4.47
N VAL B 166 -0.18 -28.22 -5.55
CA VAL B 166 -0.37 -26.89 -6.21
C VAL B 166 -1.73 -26.87 -6.94
N GLY B 167 -2.08 -27.97 -7.61
CA GLY B 167 -3.27 -27.98 -8.48
C GLY B 167 -4.57 -28.34 -7.76
N ARG B 168 -4.49 -29.04 -6.63
CA ARG B 168 -5.72 -29.60 -5.99
C ARG B 168 -6.72 -28.49 -5.66
N GLY B 169 -6.28 -27.25 -5.50
CA GLY B 169 -7.21 -26.15 -5.19
C GLY B 169 -8.21 -25.90 -6.31
N SER B 170 -7.85 -26.31 -7.53
CA SER B 170 -8.67 -26.07 -8.75
C SER B 170 -9.70 -27.19 -8.95
N GLU B 171 -10.78 -26.88 -9.66
CA GLU B 171 -11.85 -27.84 -10.08
C GLU B 171 -11.35 -28.58 -11.32
N ARG B 172 -10.32 -28.04 -11.98
CA ARG B 172 -9.65 -28.68 -13.14
C ARG B 172 -8.40 -29.39 -12.61
N SER B 173 -8.47 -30.70 -12.43
CA SER B 173 -7.40 -31.49 -11.77
C SER B 173 -6.05 -31.29 -12.45
N PRO B 174 -4.94 -31.32 -11.69
CA PRO B 174 -3.60 -31.18 -12.27
C PRO B 174 -3.28 -32.39 -13.15
N VAL B 175 -2.47 -32.17 -14.19
CA VAL B 175 -2.18 -33.24 -15.19
C VAL B 175 -0.67 -33.37 -15.37
N LEU B 176 -0.18 -34.60 -15.49
CA LEU B 176 1.23 -34.84 -15.90
C LEU B 176 1.21 -35.46 -17.29
N LEU B 177 1.74 -34.75 -18.30
CA LEU B 177 1.93 -35.40 -19.61
C LEU B 177 3.35 -35.98 -19.64
N ALA B 178 3.45 -37.28 -19.95
CA ALA B 178 4.76 -37.93 -20.15
C ALA B 178 4.78 -38.45 -21.59
N LEU B 179 5.34 -37.65 -22.52
CA LEU B 179 5.37 -38.02 -23.96
C LEU B 179 6.76 -38.58 -24.30
N ASP B 180 6.79 -39.66 -25.10
CA ASP B 180 8.06 -40.31 -25.48
C ASP B 180 8.20 -40.31 -27.01
N TYR B 181 9.15 -39.53 -27.53
CA TYR B 181 9.51 -39.59 -28.98
C TYR B 181 10.71 -40.52 -29.13
N ASN B 182 10.50 -41.68 -29.76
CA ASN B 182 11.51 -42.76 -29.88
C ASN B 182 11.65 -43.15 -31.35
N PRO B 183 12.51 -42.45 -32.12
CA PRO B 183 12.65 -42.71 -33.57
C PRO B 183 13.01 -44.14 -34.01
N THR B 184 13.93 -44.81 -33.30
CA THR B 184 14.36 -46.18 -33.70
C THR B 184 13.24 -47.19 -33.42
N GLY B 185 12.37 -46.89 -32.45
CA GLY B 185 11.30 -47.83 -32.04
C GLY B 185 11.78 -48.76 -30.94
N ASP B 186 13.10 -48.98 -30.88
CA ASP B 186 13.75 -49.84 -29.84
C ASP B 186 13.42 -49.28 -28.45
N LYS B 187 12.61 -50.01 -27.67
CA LYS B 187 12.15 -49.54 -26.34
C LYS B 187 13.33 -49.51 -25.36
N GLU B 188 14.50 -50.04 -25.77
CA GLU B 188 15.72 -50.06 -24.93
C GLU B 188 16.60 -48.86 -25.29
N ALA B 189 16.30 -48.17 -26.40
CA ALA B 189 17.12 -47.05 -26.90
C ALA B 189 17.39 -46.05 -25.77
N PRO B 190 18.61 -45.47 -25.70
CA PRO B 190 18.94 -44.52 -24.64
C PRO B 190 18.22 -43.17 -24.83
N VAL B 191 17.72 -42.60 -23.74
CA VAL B 191 17.06 -41.26 -23.78
C VAL B 191 18.16 -40.21 -23.94
N TYR B 192 18.15 -39.47 -25.04
CA TYR B 192 19.19 -38.43 -25.29
C TYR B 192 18.89 -37.19 -24.46
N ALA B 193 17.64 -36.71 -24.50
CA ALA B 193 17.28 -35.48 -23.77
C ALA B 193 15.94 -35.64 -23.06
N CYS B 194 15.75 -34.88 -21.97
CA CYS B 194 14.47 -34.80 -21.24
C CYS B 194 14.07 -33.33 -21.16
N LEU B 195 12.97 -32.95 -21.82
CA LEU B 195 12.41 -31.59 -21.74
C LEU B 195 11.39 -31.55 -20.60
N VAL B 196 11.50 -30.57 -19.68
CA VAL B 196 10.52 -30.42 -18.56
C VAL B 196 9.93 -29.01 -18.65
N GLY B 197 8.61 -28.87 -18.63
CA GLY B 197 7.98 -27.55 -18.78
C GLY B 197 6.94 -27.24 -17.72
N LYS B 198 6.94 -25.99 -17.22
CA LYS B 198 5.93 -25.51 -16.24
C LYS B 198 4.64 -25.17 -17.00
N GLY B 199 3.58 -25.94 -16.75
CA GLY B 199 2.28 -25.72 -17.42
C GLY B 199 1.23 -25.19 -16.45
N ILE B 200 1.50 -24.05 -15.81
CA ILE B 200 0.46 -23.46 -14.93
C ILE B 200 -0.48 -22.65 -15.84
N THR B 201 -1.65 -23.24 -16.14
CA THR B 201 -2.62 -22.70 -17.12
C THR B 201 -3.23 -21.39 -16.62
N PHE B 202 -3.17 -21.13 -15.31
CA PHE B 202 -3.54 -19.81 -14.74
C PHE B 202 -3.00 -19.70 -13.31
N ASP B 203 -2.38 -18.56 -12.99
CA ASP B 203 -1.75 -18.38 -11.66
C ASP B 203 -2.42 -17.22 -10.93
N SER B 204 -3.40 -17.53 -10.08
CA SER B 204 -4.01 -16.49 -9.20
C SER B 204 -2.99 -16.09 -8.14
N GLY B 205 -1.99 -16.95 -7.93
CA GLY B 205 -0.97 -16.77 -6.88
C GLY B 205 -1.29 -17.65 -5.67
N GLY B 206 -2.53 -18.12 -5.57
CA GLY B 206 -2.99 -18.95 -4.43
C GLY B 206 -3.41 -18.06 -3.26
N TYR B 207 -3.34 -18.59 -2.04
CA TYR B 207 -3.69 -17.77 -0.85
C TYR B 207 -2.74 -16.56 -0.77
N SER B 208 -1.57 -16.68 -1.39
CA SER B 208 -0.66 -15.52 -1.60
C SER B 208 -1.14 -14.76 -2.84
N ILE B 209 -2.42 -14.35 -2.82
CA ILE B 209 -3.15 -13.78 -4.00
C ILE B 209 -2.38 -12.62 -4.63
N LYS B 210 -2.36 -12.58 -5.97
CA LYS B 210 -1.71 -11.49 -6.76
C LYS B 210 -2.63 -10.26 -6.81
N GLN B 211 -2.06 -9.10 -7.16
CA GLN B 211 -2.86 -7.88 -7.45
C GLN B 211 -3.23 -7.92 -8.94
N THR B 212 -4.43 -7.43 -9.29
CA THR B 212 -4.95 -7.47 -10.69
C THR B 212 -3.87 -7.08 -11.70
N ALA B 213 -3.10 -6.03 -11.43
CA ALA B 213 -2.10 -5.50 -12.41
C ALA B 213 -1.06 -6.57 -12.77
N PHE B 214 -0.89 -7.59 -11.91
CA PHE B 214 0.15 -8.63 -12.10
C PHE B 214 -0.45 -9.99 -12.46
N ASP B 216 -3.27 -10.18 -14.55
CA ASP B 216 -4.07 -10.03 -15.77
C ASP B 216 -3.44 -10.77 -16.97
N SER B 217 -2.23 -11.30 -16.83
CA SER B 217 -1.55 -12.00 -17.97
C SER B 217 -1.07 -13.39 -17.54
N LYS B 219 -2.43 -16.14 -17.72
CA LYS B 219 -2.82 -17.22 -18.60
C LYS B 219 -1.55 -17.77 -19.29
N SER B 220 -0.49 -16.96 -19.27
CA SER B 220 0.81 -17.26 -19.94
C SER B 220 1.79 -17.94 -18.98
N ASP B 221 1.32 -18.40 -17.81
CA ASP B 221 2.22 -19.05 -16.82
C ASP B 221 2.46 -20.51 -17.19
N GLY B 223 3.80 -20.97 -20.26
CA GLY B 223 4.62 -20.64 -21.42
C GLY B 223 5.84 -21.54 -21.52
N GLY B 224 6.35 -22.02 -20.38
CA GLY B 224 7.48 -22.97 -20.38
C GLY B 224 7.09 -24.27 -21.04
N ALA B 225 5.91 -24.80 -20.67
CA ALA B 225 5.38 -26.06 -21.23
C ALA B 225 5.18 -25.93 -22.75
N ALA B 226 4.64 -24.80 -23.21
CA ALA B 226 4.37 -24.62 -24.67
C ALA B 226 5.69 -24.50 -25.45
N THR B 227 6.71 -23.89 -24.83
CA THR B 227 8.03 -23.63 -25.49
C THR B 227 8.81 -24.94 -25.68
N VAL B 228 8.80 -25.85 -24.69
CA VAL B 228 9.54 -27.14 -24.84
C VAL B 228 8.75 -28.07 -25.77
N THR B 229 7.41 -27.95 -25.77
CA THR B 229 6.58 -28.79 -26.67
C THR B 229 6.86 -28.35 -28.11
N GLY B 230 6.94 -27.04 -28.35
CA GLY B 230 7.27 -26.52 -29.68
C GLY B 230 8.68 -26.91 -30.09
N ALA B 231 9.62 -26.86 -29.12
CA ALA B 231 11.04 -27.19 -29.37
C ALA B 231 11.15 -28.65 -29.85
N LEU B 232 10.36 -29.55 -29.26
CA LEU B 232 10.42 -30.97 -29.68
C LEU B 232 9.86 -31.10 -31.10
N ALA B 233 8.68 -30.53 -31.34
CA ALA B 233 8.01 -30.58 -32.68
C ALA B 233 8.92 -29.95 -33.74
N PHE B 234 9.48 -28.76 -33.46
CA PHE B 234 10.34 -28.05 -34.42
C PHE B 234 11.64 -28.84 -34.65
N ALA B 235 12.19 -29.42 -33.58
CA ALA B 235 13.42 -30.26 -33.70
C ALA B 235 13.16 -31.41 -34.66
N ILE B 236 12.02 -32.08 -34.52
CA ILE B 236 11.63 -33.23 -35.40
C ILE B 236 11.63 -32.76 -36.87
N THR B 237 11.05 -31.58 -37.16
CA THR B 237 11.05 -31.05 -38.56
C THR B 237 12.48 -30.76 -39.01
N ARG B 238 13.42 -30.64 -38.06
CA ARG B 238 14.84 -30.31 -38.38
C ARG B 238 15.67 -31.60 -38.56
N GLY B 239 15.06 -32.76 -38.31
CA GLY B 239 15.73 -34.05 -38.53
C GLY B 239 16.08 -34.79 -37.25
N LEU B 240 15.59 -34.31 -36.10
CA LEU B 240 15.85 -35.02 -34.80
C LEU B 240 15.66 -36.53 -35.01
N ASN B 241 16.69 -37.32 -34.66
CA ASN B 241 16.64 -38.79 -34.86
C ASN B 241 17.17 -39.48 -33.60
N LYS B 242 17.01 -38.84 -32.43
CA LYS B 242 17.42 -39.40 -31.12
C LYS B 242 16.20 -39.39 -30.20
N ARG B 243 16.20 -40.26 -29.19
CA ARG B 243 15.04 -40.39 -28.28
C ARG B 243 14.98 -39.18 -27.33
N VAL B 244 13.83 -38.51 -27.29
CA VAL B 244 13.59 -37.34 -26.39
C VAL B 244 12.30 -37.59 -25.63
N LYS B 245 12.27 -37.27 -24.33
CA LYS B 245 11.06 -37.42 -23.48
C LYS B 245 10.59 -36.03 -23.05
N LEU B 246 9.28 -35.80 -23.07
CA LEU B 246 8.69 -34.49 -22.69
C LEU B 246 7.83 -34.67 -21.44
N PHE B 247 8.10 -33.88 -20.40
CA PHE B 247 7.29 -33.90 -19.15
C PHE B 247 6.68 -32.51 -18.94
N LEU B 248 5.35 -32.42 -19.02
CA LEU B 248 4.64 -31.14 -18.80
C LEU B 248 3.88 -31.26 -17.47
N CYS B 249 4.28 -30.44 -16.49
CA CYS B 249 3.60 -30.42 -15.16
C CYS B 249 2.53 -29.33 -15.22
N CYS B 250 1.29 -29.74 -15.53
CA CYS B 250 0.19 -28.78 -15.81
C CYS B 250 -0.78 -28.69 -14.63
N ALA B 251 -1.23 -27.47 -14.31
CA ALA B 251 -2.14 -27.26 -13.15
C ALA B 251 -2.60 -25.80 -13.07
N ASP B 252 -3.75 -25.57 -12.44
CA ASP B 252 -4.21 -24.20 -12.09
C ASP B 252 -3.77 -23.93 -10.64
N ASN B 253 -3.28 -22.72 -10.36
CA ASN B 253 -2.96 -22.32 -8.97
C ASN B 253 -4.09 -21.41 -8.49
N LEU B 254 -5.15 -21.99 -7.91
CA LEU B 254 -6.36 -21.21 -7.56
C LEU B 254 -6.63 -21.27 -6.05
N ILE B 255 -7.67 -20.55 -5.62
CA ILE B 255 -8.09 -20.41 -4.20
C ILE B 255 -9.42 -21.16 -4.01
N SER B 256 -9.46 -22.05 -3.01
CA SER B 256 -10.70 -22.81 -2.67
C SER B 256 -10.59 -23.29 -1.23
N GLY B 257 -11.57 -24.08 -0.76
CA GLY B 257 -11.51 -24.64 0.61
C GLY B 257 -10.58 -25.85 0.66
N ASN B 258 -9.85 -26.08 -0.43
CA ASN B 258 -9.01 -27.28 -0.64
C ASN B 258 -7.59 -26.87 -1.05
N ALA B 259 -7.39 -25.61 -1.43
CA ALA B 259 -6.07 -25.12 -1.92
C ALA B 259 -4.99 -25.27 -0.83
N PHE B 260 -3.73 -25.33 -1.26
CA PHE B 260 -2.61 -25.56 -0.30
C PHE B 260 -2.36 -24.27 0.49
N LYS B 261 -1.84 -24.46 1.72
CA LYS B 261 -1.73 -23.36 2.70
C LYS B 261 -0.26 -23.07 3.01
N LEU B 262 0.03 -21.88 3.52
CA LEU B 262 1.40 -21.51 3.95
C LEU B 262 1.77 -22.34 5.19
N GLY B 263 3.01 -22.84 5.24
CA GLY B 263 3.47 -23.73 6.33
C GLY B 263 3.33 -25.20 5.97
N ASP B 264 2.57 -25.53 4.92
CA ASP B 264 2.41 -26.95 4.49
C ASP B 264 3.77 -27.48 4.04
N ILE B 265 4.11 -28.71 4.45
CA ILE B 265 5.42 -29.35 4.08
C ILE B 265 5.16 -30.40 3.00
N ILE B 266 5.76 -30.21 1.82
CA ILE B 266 5.62 -31.17 0.69
C ILE B 266 6.78 -32.17 0.74
N THR B 267 6.47 -33.48 0.73
CA THR B 267 7.51 -34.54 0.72
C THR B 267 7.59 -35.11 -0.70
N TYR B 268 8.73 -34.88 -1.38
CA TYR B 268 8.96 -35.41 -2.75
C TYR B 268 9.50 -36.84 -2.66
N ARG B 269 9.37 -37.59 -3.75
CA ARG B 269 9.77 -39.02 -3.83
C ARG B 269 11.28 -39.17 -3.61
N ASN B 270 12.07 -38.09 -3.73
CA ASN B 270 13.54 -38.18 -3.56
C ASN B 270 13.91 -37.87 -2.11
N GLY B 271 12.92 -37.71 -1.22
CA GLY B 271 13.16 -37.48 0.22
C GLY B 271 13.17 -36.02 0.61
N LYS B 272 13.28 -35.11 -0.37
CA LYS B 272 13.34 -33.65 -0.08
C LYS B 272 12.02 -33.17 0.52
N LYS B 273 12.10 -32.42 1.63
CA LYS B 273 10.92 -31.81 2.31
C LYS B 273 10.97 -30.30 2.06
N VAL B 274 9.85 -29.71 1.64
CA VAL B 274 9.82 -28.26 1.29
C VAL B 274 8.71 -27.56 2.09
N GLU B 275 9.07 -26.51 2.84
CA GLU B 275 8.04 -25.69 3.53
C GLU B 275 7.53 -24.64 2.52
N VAL B 276 6.21 -24.58 2.31
CA VAL B 276 5.60 -23.54 1.42
C VAL B 276 5.42 -22.27 2.25
N ASN B 278 5.11 -19.26 0.58
CA ASN B 278 4.51 -18.35 -0.39
C ASN B 278 3.88 -19.22 -1.49
N THR B 279 2.54 -19.23 -1.58
CA THR B 279 1.83 -20.08 -2.57
C THR B 279 2.07 -19.59 -4.00
N ASP B 280 2.59 -18.37 -4.16
CA ASP B 280 2.81 -17.81 -5.53
C ASP B 280 4.15 -18.31 -6.09
N ALA B 281 5.01 -18.90 -5.25
CA ALA B 281 6.26 -19.55 -5.73
C ALA B 281 5.95 -21.02 -6.02
N GLU B 282 4.92 -21.24 -6.84
CA GLU B 282 4.34 -22.59 -7.12
C GLU B 282 5.05 -23.25 -8.30
N GLY B 283 5.61 -22.45 -9.22
CA GLY B 283 6.24 -22.97 -10.44
C GLY B 283 7.33 -23.97 -10.13
N ARG B 284 8.19 -23.67 -9.16
CA ARG B 284 9.35 -24.52 -8.76
C ARG B 284 8.84 -25.81 -8.08
N LEU B 285 7.67 -25.75 -7.44
CA LEU B 285 7.11 -26.93 -6.72
C LEU B 285 6.70 -28.01 -7.73
N VAL B 286 6.02 -27.61 -8.83
CA VAL B 286 5.55 -28.57 -9.87
C VAL B 286 6.75 -29.02 -10.73
N LEU B 287 7.69 -28.12 -11.04
CA LEU B 287 8.87 -28.52 -11.88
C LEU B 287 9.68 -29.60 -11.14
N ALA B 288 9.81 -29.48 -9.82
CA ALA B 288 10.57 -30.46 -9.01
C ALA B 288 10.12 -31.89 -9.34
N ASP B 289 8.80 -32.10 -9.56
CA ASP B 289 8.27 -33.46 -9.87
C ASP B 289 8.68 -33.86 -11.29
N GLY B 290 8.59 -32.94 -12.26
CA GLY B 290 9.05 -33.23 -13.62
C GLY B 290 10.53 -33.58 -13.65
N LEU B 291 11.34 -32.84 -12.88
CA LEU B 291 12.81 -33.02 -12.82
C LEU B 291 13.16 -34.39 -12.19
N ILE B 292 12.45 -34.81 -11.13
CA ILE B 292 12.71 -36.15 -10.54
C ILE B 292 12.52 -37.22 -11.63
N ASP B 293 11.42 -37.13 -12.40
CA ASP B 293 11.12 -38.06 -13.52
C ASP B 293 12.19 -37.95 -14.60
N ALA B 294 12.68 -36.73 -14.86
CA ALA B 294 13.70 -36.48 -15.90
C ALA B 294 15.02 -37.14 -15.51
N SER B 295 15.44 -37.00 -14.25
CA SER B 295 16.72 -37.57 -13.74
C SER B 295 16.68 -39.10 -13.79
N ALA B 296 15.51 -39.69 -13.51
CA ALA B 296 15.35 -41.17 -13.48
C ALA B 296 15.70 -41.78 -14.84
N GLN B 297 15.37 -41.09 -15.94
CA GLN B 297 15.66 -41.57 -17.33
C GLN B 297 17.17 -41.56 -17.60
N LYS B 298 17.96 -40.91 -16.74
CA LYS B 298 19.43 -40.80 -16.91
C LYS B 298 19.75 -40.31 -18.32
N PRO B 299 19.22 -39.16 -18.78
CA PRO B 299 19.46 -38.70 -20.15
C PRO B 299 20.83 -38.03 -20.27
N GLU B 300 21.23 -37.73 -21.51
CA GLU B 300 22.52 -37.04 -21.81
C GLU B 300 22.40 -35.57 -21.39
N ILE B 302 19.25 -32.59 -19.64
CA ILE B 302 17.92 -32.25 -19.16
C ILE B 302 17.71 -30.75 -19.39
N ILE B 303 16.61 -30.38 -20.04
CA ILE B 303 16.31 -28.92 -20.26
C ILE B 303 14.93 -28.63 -19.67
N ASP B 304 14.87 -27.76 -18.66
CA ASP B 304 13.57 -27.35 -18.08
C ASP B 304 13.35 -25.87 -18.44
N ALA B 305 12.12 -25.51 -18.80
CA ALA B 305 11.75 -24.12 -19.17
C ALA B 305 10.55 -23.69 -18.34
N ALA B 306 10.52 -22.42 -17.89
CA ALA B 306 9.39 -21.94 -17.07
C ALA B 306 9.39 -20.41 -16.93
N THR B 307 8.20 -19.82 -16.99
CA THR B 307 7.97 -18.39 -16.64
C THR B 307 7.94 -18.35 -15.11
N LEU B 308 9.11 -18.54 -14.48
CA LEU B 308 9.20 -18.85 -13.04
C LEU B 308 9.17 -17.59 -12.16
N THR B 309 10.13 -16.67 -12.33
CA THR B 309 10.26 -15.53 -11.39
C THR B 309 10.21 -14.19 -12.13
N GLY B 310 9.69 -13.16 -11.45
CA GLY B 310 9.75 -11.77 -11.95
C GLY B 310 11.15 -11.20 -11.78
N ALA B 311 12.03 -11.91 -11.07
CA ALA B 311 13.41 -11.44 -10.83
C ALA B 311 14.23 -11.57 -12.13
N ALA B 312 13.88 -12.54 -12.96
CA ALA B 312 14.56 -12.71 -14.27
C ALA B 312 14.22 -11.51 -15.15
N LYS B 313 12.98 -11.04 -15.10
CA LYS B 313 12.53 -9.87 -15.91
C LYS B 313 13.16 -8.58 -15.37
N THR B 314 13.41 -8.49 -14.05
CA THR B 314 14.09 -7.29 -13.48
C THR B 314 15.57 -7.28 -13.89
N ALA B 315 16.15 -8.46 -14.16
CA ALA B 315 17.58 -8.61 -14.53
C ALA B 315 17.79 -8.44 -16.04
N LEU B 316 16.87 -8.95 -16.86
CA LEU B 316 17.07 -9.02 -18.35
C LEU B 316 15.93 -8.32 -19.12
N GLY B 317 14.91 -7.82 -18.41
CA GLY B 317 13.74 -7.26 -19.12
C GLY B 317 13.01 -8.34 -19.87
N ASN B 318 12.31 -8.00 -20.95
CA ASN B 318 11.62 -8.98 -21.82
C ASN B 318 12.50 -9.25 -23.06
N ASP B 319 13.74 -8.74 -23.03
CA ASP B 319 14.65 -8.74 -24.21
C ASP B 319 15.50 -10.01 -24.28
N TYR B 320 15.66 -10.75 -23.16
CA TYR B 320 16.45 -12.01 -23.15
C TYR B 320 15.76 -13.07 -22.28
N HIS B 321 15.97 -14.35 -22.62
CA HIS B 321 15.63 -15.49 -21.72
C HIS B 321 16.81 -15.69 -20.75
N ALA B 322 16.53 -16.01 -19.48
CA ALA B 322 17.59 -16.27 -18.48
C ALA B 322 18.04 -17.73 -18.59
N LEU B 323 19.36 -17.96 -18.66
CA LEU B 323 19.93 -19.34 -18.71
C LEU B 323 20.65 -19.65 -17.39
N PHE B 324 20.26 -20.73 -16.72
CA PHE B 324 20.93 -21.15 -15.46
C PHE B 324 21.51 -22.55 -15.62
N SER B 325 22.75 -22.75 -15.18
CA SER B 325 23.41 -24.09 -15.28
C SER B 325 24.71 -24.10 -14.46
N PHE B 326 25.11 -25.30 -14.00
CA PHE B 326 26.44 -25.52 -13.36
C PHE B 326 27.40 -25.98 -14.46
N ASP B 327 26.84 -26.50 -15.55
CA ASP B 327 27.60 -27.08 -16.69
C ASP B 327 27.98 -25.95 -17.65
N ASP B 328 29.24 -25.50 -17.58
CA ASP B 328 29.77 -24.40 -18.44
C ASP B 328 29.71 -24.83 -19.91
N ALA B 329 30.13 -26.07 -20.19
CA ALA B 329 30.18 -26.61 -21.56
C ALA B 329 28.76 -26.60 -22.18
N LEU B 330 27.77 -27.12 -21.45
CA LEU B 330 26.38 -27.22 -21.98
C LEU B 330 25.79 -25.82 -22.14
N ALA B 331 26.09 -24.91 -21.21
CA ALA B 331 25.61 -23.51 -21.30
C ALA B 331 26.13 -22.86 -22.59
N GLY B 332 27.41 -23.08 -22.90
CA GLY B 332 28.03 -22.50 -24.11
C GLY B 332 27.39 -23.05 -25.38
N ARG B 333 27.00 -24.32 -25.35
CA ARG B 333 26.36 -24.98 -26.51
C ARG B 333 24.99 -24.33 -26.76
N LEU B 334 24.24 -24.04 -25.69
CA LEU B 334 22.90 -23.43 -25.88
C LEU B 334 23.06 -21.98 -26.35
N LEU B 335 24.04 -21.25 -25.80
CA LEU B 335 24.29 -19.85 -26.24
C LEU B 335 24.75 -19.87 -27.71
N ALA B 336 25.51 -20.89 -28.10
CA ALA B 336 25.92 -21.03 -29.52
C ALA B 336 24.68 -21.27 -30.38
N SER B 337 23.78 -22.13 -29.92
CA SER B 337 22.51 -22.42 -30.63
C SER B 337 21.66 -21.15 -30.70
N ALA B 338 21.62 -20.40 -29.60
CA ALA B 338 20.85 -19.14 -29.53
C ALA B 338 21.33 -18.19 -30.63
N ALA B 339 22.65 -18.15 -30.84
CA ALA B 339 23.27 -17.25 -31.85
C ALA B 339 22.88 -17.70 -33.27
N GLN B 340 22.92 -19.01 -33.55
CA GLN B 340 22.56 -19.54 -34.90
C GLN B 340 21.08 -19.31 -35.19
N GLU B 341 20.22 -19.42 -34.17
CA GLU B 341 18.75 -19.31 -34.36
C GLU B 341 18.30 -17.85 -34.12
N ASN B 342 19.26 -16.94 -33.88
CA ASN B 342 18.97 -15.50 -33.73
C ASN B 342 17.92 -15.29 -32.63
N GLU B 343 18.13 -15.90 -31.45
CA GLU B 343 17.22 -15.73 -30.28
C GLU B 343 18.03 -15.23 -29.09
N PRO B 344 17.48 -14.32 -28.26
CA PRO B 344 18.23 -13.74 -27.14
C PRO B 344 18.22 -14.57 -25.85
N PHE B 345 19.42 -14.90 -25.37
CA PHE B 345 19.63 -15.63 -24.09
C PHE B 345 20.76 -14.94 -23.33
N TRP B 346 20.64 -14.88 -22.00
CA TRP B 346 21.71 -14.32 -21.14
C TRP B 346 21.92 -15.23 -19.93
N ARG B 347 23.16 -15.58 -19.62
CA ARG B 347 23.45 -16.48 -18.48
C ARG B 347 23.44 -15.70 -17.18
N LEU B 348 22.59 -16.10 -16.22
CA LEU B 348 22.55 -15.52 -14.84
C LEU B 348 23.17 -16.53 -13.87
N PRO B 349 23.58 -16.09 -12.66
CA PRO B 349 24.37 -16.92 -11.76
C PRO B 349 23.68 -18.15 -11.12
N LEU B 350 24.47 -19.22 -10.98
CA LEU B 350 24.06 -20.47 -10.29
C LEU B 350 25.32 -21.14 -9.73
N ALA B 351 25.53 -21.01 -8.42
CA ALA B 351 26.68 -21.64 -7.72
C ALA B 351 26.13 -22.52 -6.59
N GLU B 352 27.02 -23.26 -5.92
N GLU B 352 27.02 -23.26 -5.92
CA GLU B 352 26.61 -24.20 -4.84
CA GLU B 352 26.63 -24.20 -4.83
C GLU B 352 26.00 -23.44 -3.66
C GLU B 352 25.99 -23.43 -3.67
N PHE B 353 26.40 -22.18 -3.45
CA PHE B 353 25.89 -21.40 -2.28
C PHE B 353 24.43 -21.03 -2.47
N HIS B 354 23.91 -21.08 -3.71
CA HIS B 354 22.47 -20.77 -3.93
C HIS B 354 21.60 -21.92 -3.41
N ARG B 355 22.20 -23.11 -3.23
CA ARG B 355 21.42 -24.31 -2.78
C ARG B 355 21.06 -24.17 -1.30
N SER B 356 21.66 -23.22 -0.58
CA SER B 356 21.36 -23.03 0.86
C SER B 356 20.82 -21.62 1.12
N GLN B 357 20.46 -20.90 0.05
CA GLN B 357 19.89 -19.53 0.17
C GLN B 357 18.35 -19.59 0.22
N LEU B 358 17.79 -20.72 0.65
CA LEU B 358 16.32 -20.84 0.86
C LEU B 358 16.12 -21.47 2.23
N PRO B 359 16.48 -20.76 3.33
CA PRO B 359 16.34 -21.31 4.68
C PRO B 359 14.88 -21.43 5.13
N SER B 360 14.61 -22.45 5.94
CA SER B 360 13.29 -22.73 6.54
C SER B 360 13.52 -23.25 7.96
N ASN B 361 12.68 -22.84 8.90
CA ASN B 361 12.84 -23.27 10.32
C ASN B 361 12.12 -24.60 10.56
N PHE B 362 11.39 -25.13 9.57
CA PHE B 362 10.55 -26.33 9.80
C PHE B 362 10.86 -27.44 8.79
N ALA B 363 11.69 -27.17 7.79
CA ALA B 363 12.00 -28.20 6.75
C ALA B 363 13.36 -27.92 6.12
N GLU B 364 13.90 -28.93 5.43
CA GLU B 364 15.20 -28.85 4.73
C GLU B 364 15.21 -27.63 3.79
N LEU B 365 14.13 -27.42 3.03
CA LEU B 365 14.08 -26.34 2.02
C LEU B 365 12.84 -25.45 2.23
N ASN B 366 12.96 -24.21 1.74
CA ASN B 366 11.89 -23.18 1.65
C ASN B 366 11.58 -23.00 0.16
N ASN B 367 10.37 -22.61 -0.23
CA ASN B 367 10.10 -22.40 -1.68
C ASN B 367 10.34 -20.92 -2.02
N THR B 368 10.70 -20.09 -1.02
CA THR B 368 11.02 -18.66 -1.26
C THR B 368 12.41 -18.30 -0.75
N GLY B 369 12.92 -17.14 -1.19
CA GLY B 369 14.17 -16.57 -0.66
C GLY B 369 13.84 -15.65 0.52
N SER B 370 14.78 -14.82 0.91
CA SER B 370 14.58 -13.86 2.03
C SER B 370 15.16 -12.50 1.63
N ALA B 371 15.06 -11.50 2.51
CA ALA B 371 15.60 -10.14 2.29
C ALA B 371 17.11 -10.23 2.08
N ALA B 372 17.77 -11.18 2.78
CA ALA B 372 19.24 -11.35 2.75
C ALA B 372 19.68 -12.04 1.44
N TYR B 373 18.80 -12.83 0.82
CA TYR B 373 19.14 -13.56 -0.44
C TYR B 373 18.12 -13.19 -1.52
N PRO B 374 18.13 -11.94 -2.02
CA PRO B 374 17.08 -11.46 -2.93
C PRO B 374 17.27 -11.74 -4.43
N ALA B 375 18.20 -12.63 -4.79
CA ALA B 375 18.38 -13.02 -6.21
C ALA B 375 17.35 -14.11 -6.56
N GLY B 376 16.09 -13.70 -6.69
CA GLY B 376 14.92 -14.60 -6.89
C GLY B 376 15.13 -15.68 -7.93
N ALA B 377 15.70 -15.32 -9.08
CA ALA B 377 15.88 -16.29 -10.20
C ALA B 377 17.05 -17.25 -9.89
N SER B 378 18.12 -16.75 -9.29
CA SER B 378 19.28 -17.60 -8.90
C SER B 378 18.88 -18.56 -7.77
N THR B 379 18.12 -18.09 -6.77
CA THR B 379 17.72 -19.00 -5.65
C THR B 379 16.70 -20.03 -6.14
N ALA B 380 15.83 -19.65 -7.09
CA ALA B 380 14.85 -20.60 -7.66
C ALA B 380 15.59 -21.75 -8.34
N ALA B 381 16.58 -21.41 -9.19
CA ALA B 381 17.46 -22.39 -9.85
C ALA B 381 18.14 -23.27 -8.81
N GLY B 382 18.57 -22.68 -7.69
CA GLY B 382 19.21 -23.45 -6.60
C GLY B 382 18.24 -24.44 -5.99
N PHE B 383 16.96 -24.06 -5.90
CA PHE B 383 15.89 -24.95 -5.38
C PHE B 383 15.70 -26.14 -6.33
N LEU B 384 15.65 -25.88 -7.64
CA LEU B 384 15.41 -26.94 -8.66
C LEU B 384 16.59 -27.94 -8.66
N SER B 385 17.79 -27.51 -8.29
CA SER B 385 18.99 -28.40 -8.30
C SER B 385 18.85 -29.52 -7.25
N HIS B 386 18.00 -29.32 -6.23
CA HIS B 386 17.77 -30.36 -5.20
C HIS B 386 16.91 -31.50 -5.77
N PHE B 387 16.48 -31.38 -7.03
CA PHE B 387 15.58 -32.38 -7.64
C PHE B 387 16.22 -32.95 -8.93
N VAL B 388 17.48 -32.59 -9.20
CA VAL B 388 18.26 -33.19 -10.32
C VAL B 388 19.43 -33.96 -9.69
N GLU B 389 19.39 -35.29 -9.75
CA GLU B 389 20.39 -36.15 -9.05
C GLU B 389 21.82 -35.69 -9.39
N ASN B 390 22.15 -35.61 -10.69
CA ASN B 390 23.49 -35.14 -11.13
C ASN B 390 23.32 -33.71 -11.65
N TYR B 391 23.16 -32.76 -10.73
CA TYR B 391 22.79 -31.35 -11.07
C TYR B 391 24.00 -30.58 -11.62
N GLN B 392 25.22 -31.07 -11.36
CA GLN B 392 26.46 -30.34 -11.73
C GLN B 392 26.77 -30.54 -13.22
N GLN B 393 26.11 -31.49 -13.89
CA GLN B 393 26.36 -31.76 -15.33
C GLN B 393 25.05 -32.13 -16.05
N GLY B 394 24.93 -31.68 -17.31
CA GLY B 394 23.84 -32.09 -18.22
C GLY B 394 22.49 -31.52 -17.84
N TRP B 395 22.43 -30.37 -17.17
CA TRP B 395 21.11 -29.80 -16.81
C TRP B 395 21.07 -28.29 -17.10
N LEU B 396 20.07 -27.85 -17.87
CA LEU B 396 19.85 -26.41 -18.16
C LEU B 396 18.47 -26.01 -17.62
N HIS B 397 18.41 -24.84 -16.98
CA HIS B 397 17.15 -24.23 -16.50
C HIS B 397 16.97 -22.90 -17.23
N ILE B 398 15.81 -22.71 -17.86
CA ILE B 398 15.54 -21.47 -18.65
C ILE B 398 14.40 -20.72 -18.00
N ASP B 399 14.70 -19.57 -17.36
CA ASP B 399 13.64 -18.66 -16.85
C ASP B 399 13.19 -17.82 -18.05
N CYS B 400 12.00 -18.13 -18.57
CA CYS B 400 11.47 -17.57 -19.85
C CYS B 400 11.00 -16.12 -19.70
N SER B 401 11.93 -15.22 -19.40
CA SER B 401 11.65 -13.77 -19.24
C SER B 401 11.31 -13.12 -20.60
N ALA B 402 11.59 -13.80 -21.72
CA ALA B 402 11.32 -13.23 -23.06
C ALA B 402 10.10 -13.90 -23.72
N THR B 403 9.35 -14.70 -22.96
CA THR B 403 8.20 -15.47 -23.52
C THR B 403 6.98 -14.59 -23.78
N TYR B 404 6.71 -13.61 -22.91
CA TYR B 404 5.44 -12.84 -23.00
C TYR B 404 5.71 -11.34 -22.88
N ARG B 405 5.02 -10.55 -23.72
CA ARG B 405 5.02 -9.07 -23.74
C ARG B 405 3.64 -8.59 -23.26
N LYS B 406 3.57 -7.93 -22.10
CA LYS B 406 2.25 -7.48 -21.57
C LYS B 406 1.70 -6.34 -22.45
N ALA B 407 2.57 -5.66 -23.20
CA ALA B 407 2.12 -4.53 -24.06
C ALA B 407 2.94 -4.52 -25.34
N PRO B 408 2.37 -4.05 -26.48
CA PRO B 408 3.11 -4.02 -27.73
C PRO B 408 4.36 -3.15 -27.60
N VAL B 409 5.46 -3.58 -28.22
CA VAL B 409 6.74 -2.80 -28.25
C VAL B 409 7.10 -2.54 -29.71
N GLU B 410 8.36 -2.19 -30.00
CA GLU B 410 8.78 -1.80 -31.37
C GLU B 410 8.63 -2.99 -32.34
N GLN B 411 9.00 -4.19 -31.90
CA GLN B 411 9.10 -5.36 -32.82
C GLN B 411 8.08 -6.45 -32.47
N TRP B 412 7.35 -6.30 -31.36
CA TRP B 412 6.39 -7.36 -30.92
C TRP B 412 4.99 -6.78 -30.68
N SER B 413 3.96 -7.50 -31.13
CA SER B 413 2.57 -7.18 -30.71
C SER B 413 2.45 -7.61 -29.23
N ALA B 414 1.26 -7.48 -28.65
CA ALA B 414 1.10 -7.93 -27.24
C ALA B 414 1.06 -9.47 -27.22
N GLY B 415 1.32 -10.06 -26.05
CA GLY B 415 1.18 -11.51 -25.87
C GLY B 415 2.49 -12.27 -26.07
N ALA B 416 2.38 -13.55 -26.43
CA ALA B 416 3.55 -14.45 -26.57
C ALA B 416 4.35 -14.11 -27.82
N THR B 417 5.67 -14.26 -27.72
CA THR B 417 6.64 -13.98 -28.81
C THR B 417 6.97 -15.28 -29.54
N GLY B 418 7.06 -16.38 -28.78
CA GLY B 418 7.42 -17.69 -29.34
C GLY B 418 8.92 -17.93 -29.31
N LEU B 419 9.67 -17.06 -28.64
CA LEU B 419 11.15 -17.16 -28.58
C LEU B 419 11.57 -18.35 -27.71
N GLY B 420 12.64 -19.05 -28.13
CA GLY B 420 13.22 -20.18 -27.37
C GLY B 420 13.02 -21.51 -28.06
N VAL B 421 12.01 -21.58 -28.94
CA VAL B 421 11.65 -22.83 -29.67
C VAL B 421 12.81 -23.24 -30.59
N ARG B 422 13.30 -22.31 -31.41
CA ARG B 422 14.40 -22.61 -32.37
C ARG B 422 15.70 -22.95 -31.62
N THR B 423 16.03 -22.22 -30.55
CA THR B 423 17.30 -22.45 -29.79
C THR B 423 17.32 -23.88 -29.24
N ILE B 424 16.29 -24.26 -28.48
CA ILE B 424 16.23 -25.61 -27.85
C ILE B 424 16.21 -26.69 -28.95
N ALA B 425 15.44 -26.46 -30.02
CA ALA B 425 15.38 -27.42 -31.14
C ALA B 425 16.77 -27.63 -31.75
N ASN B 426 17.51 -26.52 -31.91
CA ASN B 426 18.86 -26.52 -32.52
C ASN B 426 19.83 -27.30 -31.64
N LEU B 427 19.70 -27.16 -30.32
CA LEU B 427 20.60 -27.89 -29.36
C LEU B 427 20.29 -29.38 -29.40
N LEU B 428 19.01 -29.74 -29.58
CA LEU B 428 18.56 -31.17 -29.63
C LEU B 428 19.09 -31.85 -30.90
N THR B 429 19.09 -31.13 -32.02
CA THR B 429 19.50 -31.66 -33.35
C THR B 429 20.97 -31.32 -33.66
N ALA B 430 21.72 -30.85 -32.66
CA ALA B 430 23.14 -30.45 -32.87
C ALA B 430 24.04 -31.69 -32.94
N THR C 5 15.59 18.43 -44.69
CA THR C 5 14.11 18.43 -44.45
C THR C 5 13.40 18.98 -45.69
N GLU C 6 12.33 18.31 -46.14
CA GLU C 6 11.55 18.74 -47.35
C GLU C 6 10.05 18.50 -47.13
N ALA C 7 9.22 19.37 -47.71
CA ALA C 7 7.75 19.37 -47.49
C ALA C 7 7.08 18.17 -48.15
N LYS C 9 3.11 17.01 -49.26
CA LYS C 9 1.82 17.62 -49.54
C LYS C 9 0.67 16.82 -48.90
N ILE C 10 -0.06 17.46 -47.99
CA ILE C 10 -1.31 16.90 -47.37
C ILE C 10 -2.50 17.48 -48.14
N THR C 11 -3.27 16.64 -48.84
CA THR C 11 -4.44 17.13 -49.61
C THR C 11 -5.74 16.55 -49.01
N LEU C 12 -6.83 17.31 -49.08
CA LEU C 12 -8.16 16.83 -48.58
C LEU C 12 -8.92 16.20 -49.75
N SER C 13 -9.86 15.30 -49.47
CA SER C 13 -10.65 14.58 -50.49
C SER C 13 -11.96 14.04 -49.88
N THR C 14 -13.09 14.34 -50.52
CA THR C 14 -14.42 13.81 -50.08
C THR C 14 -14.66 12.44 -50.73
N GLN C 15 -13.59 11.81 -51.23
CA GLN C 15 -13.66 10.47 -51.89
C GLN C 15 -12.83 9.48 -51.08
N PRO C 16 -13.27 8.21 -50.92
CA PRO C 16 -12.56 7.25 -50.07
C PRO C 16 -11.25 6.71 -50.65
N ALA C 17 -10.47 6.02 -49.81
CA ALA C 17 -9.19 5.40 -50.20
C ALA C 17 -9.47 4.10 -50.96
N ASP C 18 -8.46 3.56 -51.66
CA ASP C 18 -8.66 2.29 -52.43
C ASP C 18 -8.65 1.10 -51.45
N ALA C 19 -8.93 -0.10 -51.97
CA ALA C 19 -9.09 -1.34 -51.18
C ALA C 19 -7.80 -1.74 -50.45
N ARG C 20 -6.65 -1.26 -50.92
CA ARG C 20 -5.33 -1.63 -50.31
C ARG C 20 -5.25 -1.05 -48.88
N TRP C 21 -5.68 0.20 -48.71
CA TRP C 21 -5.65 0.88 -47.39
C TRP C 21 -6.87 0.48 -46.56
N GLY C 22 -8.05 0.53 -47.21
CA GLY C 22 -9.35 0.28 -46.58
C GLY C 22 -10.36 1.31 -47.04
N GLU C 23 -11.63 0.93 -47.18
CA GLU C 23 -12.70 1.87 -47.60
C GLU C 23 -12.95 2.88 -46.47
N LYS C 24 -12.48 2.58 -45.26
CA LYS C 24 -12.71 3.42 -44.05
C LYS C 24 -11.38 3.96 -43.50
N ALA C 25 -10.35 4.05 -44.35
CA ALA C 25 -9.04 4.62 -43.94
C ALA C 25 -9.16 6.15 -43.91
N THR C 26 -8.66 6.79 -42.85
CA THR C 26 -8.76 8.27 -42.70
C THR C 26 -7.70 8.96 -43.56
N TYR C 27 -6.65 8.24 -43.94
CA TYR C 27 -5.61 8.84 -44.82
C TYR C 27 -4.96 7.73 -45.68
N SER C 28 -4.45 8.14 -46.84
CA SER C 28 -3.70 7.23 -47.74
C SER C 28 -2.49 7.99 -48.30
N ILE C 29 -1.47 7.28 -48.76
CA ILE C 29 -0.26 7.95 -49.31
C ILE C 29 -0.05 7.47 -50.75
N ASN C 30 0.10 8.41 -51.69
CA ASN C 30 0.36 8.10 -53.12
C ASN C 30 1.66 8.80 -53.53
N ASN C 31 1.85 9.04 -54.83
CA ASN C 31 3.09 9.66 -55.36
C ASN C 31 3.11 11.16 -55.07
N ASP C 32 1.93 11.81 -55.05
CA ASP C 32 1.84 13.27 -54.80
C ASP C 32 2.05 13.58 -53.32
N GLY C 33 1.66 12.67 -52.43
CA GLY C 33 1.85 12.88 -50.98
C GLY C 33 0.74 12.22 -50.17
N ILE C 34 0.42 12.79 -49.01
CA ILE C 34 -0.64 12.23 -48.13
C ILE C 34 -2.00 12.79 -48.55
N THR C 35 -3.05 11.99 -48.41
CA THR C 35 -4.44 12.37 -48.77
C THR C 35 -5.35 12.05 -47.57
N LEU C 36 -6.07 13.06 -47.06
CA LEU C 36 -7.03 12.86 -45.93
C LEU C 36 -8.41 12.58 -46.52
N HIS C 37 -9.05 11.49 -46.08
CA HIS C 37 -10.36 11.07 -46.64
C HIS C 37 -11.49 11.51 -45.70
N LEU C 38 -12.02 12.71 -45.95
CA LEU C 38 -13.15 13.27 -45.17
C LEU C 38 -14.43 12.51 -45.55
N ASN C 39 -15.30 12.26 -44.56
CA ASN C 39 -16.57 11.53 -44.81
C ASN C 39 -17.75 12.43 -44.39
N GLY C 40 -17.47 13.63 -43.85
CA GLY C 40 -18.50 14.61 -43.48
C GLY C 40 -19.02 14.43 -42.07
N ALA C 41 -18.67 13.33 -41.38
CA ALA C 41 -19.16 13.06 -40.01
C ALA C 41 -18.52 14.01 -39.00
N ASP C 42 -17.19 13.93 -38.83
CA ASP C 42 -16.45 14.80 -37.87
C ASP C 42 -15.12 15.20 -38.51
N ASP C 43 -15.20 15.90 -39.66
CA ASP C 43 -14.00 16.29 -40.45
C ASP C 43 -12.89 16.83 -39.54
N LEU C 44 -13.20 17.78 -38.66
CA LEU C 44 -12.17 18.38 -37.77
C LEU C 44 -11.54 17.28 -36.89
N GLY C 45 -12.36 16.42 -36.27
CA GLY C 45 -11.82 15.36 -35.41
C GLY C 45 -10.94 14.41 -36.19
N LEU C 46 -11.34 14.09 -37.43
CA LEU C 46 -10.60 13.17 -38.32
C LEU C 46 -9.26 13.81 -38.74
N ILE C 47 -9.28 15.08 -39.14
CA ILE C 47 -8.03 15.77 -39.60
C ILE C 47 -7.03 15.81 -38.44
N GLN C 48 -7.50 16.05 -37.22
CA GLN C 48 -6.61 16.16 -36.04
C GLN C 48 -6.01 14.77 -35.73
N ARG C 49 -6.85 13.74 -35.80
N ARG C 49 -6.85 13.73 -35.79
CA ARG C 49 -6.40 12.34 -35.56
CA ARG C 49 -6.41 12.34 -35.55
C ARG C 49 -5.40 11.93 -36.66
C ARG C 49 -5.40 11.93 -36.66
N ALA C 50 -5.67 12.33 -37.90
CA ALA C 50 -4.77 12.01 -39.05
C ALA C 50 -3.41 12.68 -38.83
N ALA C 51 -3.41 13.94 -38.41
CA ALA C 51 -2.16 14.69 -38.15
C ALA C 51 -1.33 13.96 -37.10
N ARG C 52 -1.98 13.47 -36.03
CA ARG C 52 -1.28 12.72 -34.94
C ARG C 52 -0.57 11.51 -35.53
N LYS C 53 -1.24 10.78 -36.43
CA LYS C 53 -0.63 9.56 -37.04
C LYS C 53 0.50 10.00 -37.99
N ILE C 54 0.27 11.05 -38.79
CA ILE C 54 1.33 11.57 -39.73
C ILE C 54 2.58 11.90 -38.91
N ASP C 55 2.40 12.36 -37.66
CA ASP C 55 3.56 12.67 -36.78
C ASP C 55 4.26 11.35 -36.44
N GLY C 56 3.49 10.27 -36.22
CA GLY C 56 4.04 8.94 -35.90
C GLY C 56 4.91 8.40 -37.02
N LEU C 57 4.61 8.80 -38.27
CA LEU C 57 5.36 8.32 -39.46
C LEU C 57 6.75 8.98 -39.53
N GLY C 58 6.99 10.00 -38.69
CA GLY C 58 8.28 10.71 -38.64
C GLY C 58 8.36 11.85 -39.65
N ILE C 59 7.22 12.23 -40.24
CA ILE C 59 7.17 13.33 -41.24
C ILE C 59 7.18 14.67 -40.48
N LYS C 60 8.29 15.42 -40.59
CA LYS C 60 8.52 16.66 -39.81
C LYS C 60 8.17 17.90 -40.64
N HIS C 61 8.18 17.80 -41.97
CA HIS C 61 7.86 18.96 -42.84
C HIS C 61 6.64 18.61 -43.71
N VAL C 62 5.54 19.36 -43.55
CA VAL C 62 4.30 19.11 -44.35
C VAL C 62 3.83 20.41 -45.00
N GLN C 63 3.10 20.29 -46.11
CA GLN C 63 2.47 21.43 -46.83
C GLN C 63 0.99 21.09 -47.01
N LEU C 64 0.10 21.95 -46.52
CA LEU C 64 -1.37 21.75 -46.69
C LEU C 64 -1.76 22.35 -48.06
N SER C 65 -1.80 21.51 -49.09
CA SER C 65 -2.04 21.98 -50.48
C SER C 65 -3.44 21.57 -50.97
N GLY C 66 -3.91 22.22 -52.04
CA GLY C 66 -5.22 21.92 -52.63
C GLY C 66 -6.33 22.80 -52.07
N GLU C 67 -7.57 22.54 -52.50
CA GLU C 67 -8.76 23.31 -52.05
C GLU C 67 -9.32 22.68 -50.76
N GLY C 68 -10.28 23.36 -50.12
CA GLY C 68 -11.00 22.82 -48.95
C GLY C 68 -10.37 23.17 -47.62
N TRP C 69 -9.22 23.88 -47.62
CA TRP C 69 -8.55 24.26 -46.34
C TRP C 69 -9.11 25.58 -45.82
N ASP C 70 -9.24 25.69 -44.49
CA ASP C 70 -9.70 26.93 -43.82
C ASP C 70 -9.10 26.97 -42.41
N ALA C 71 -9.47 27.99 -41.62
CA ALA C 71 -8.89 28.21 -40.28
C ALA C 71 -9.11 26.99 -39.38
N ASP C 72 -10.34 26.50 -39.29
CA ASP C 72 -10.70 25.40 -38.35
C ASP C 72 -10.02 24.10 -38.77
N ARG C 73 -9.87 23.87 -40.09
CA ARG C 73 -9.23 22.63 -40.61
C ARG C 73 -7.71 22.75 -40.46
N CYS C 74 -7.15 23.93 -40.75
CA CYS C 74 -5.70 24.19 -40.56
C CYS C 74 -5.37 24.10 -39.07
N TRP C 75 -6.25 24.65 -38.22
CA TRP C 75 -6.05 24.61 -36.75
C TRP C 75 -6.16 23.17 -36.25
N ALA C 76 -7.18 22.46 -36.72
CA ALA C 76 -7.41 21.03 -36.35
C ALA C 76 -6.18 20.21 -36.73
N PHE C 77 -5.64 20.43 -37.92
CA PHE C 77 -4.45 19.64 -38.33
C PHE C 77 -3.31 19.91 -37.34
N TRP C 78 -3.05 21.18 -37.06
CA TRP C 78 -1.89 21.62 -36.23
C TRP C 78 -2.05 21.15 -34.78
N GLN C 79 -3.27 21.23 -34.24
CA GLN C 79 -3.58 20.79 -32.84
C GLN C 79 -3.03 19.38 -32.60
N GLY C 80 -3.12 18.51 -33.61
CA GLY C 80 -2.72 17.09 -33.49
C GLY C 80 -1.28 16.86 -33.89
N TYR C 81 -0.77 17.65 -34.83
CA TYR C 81 0.61 17.51 -35.36
C TYR C 81 1.64 17.96 -34.32
N LYS C 82 1.33 19.06 -33.62
CA LYS C 82 2.24 19.67 -32.60
C LYS C 82 2.54 18.65 -31.48
N ALA C 83 3.78 18.69 -30.97
CA ALA C 83 4.22 17.82 -29.86
C ALA C 83 5.48 18.41 -29.22
N PRO C 84 5.70 18.20 -27.89
CA PRO C 84 6.82 18.82 -27.19
C PRO C 84 8.22 18.48 -27.71
N LYS C 85 8.46 17.22 -28.11
CA LYS C 85 9.81 16.87 -28.65
C LYS C 85 9.91 17.20 -30.14
N GLY C 86 11.08 17.65 -30.57
CA GLY C 86 11.30 17.97 -32.00
C GLY C 86 10.59 19.23 -32.44
N THR C 87 10.92 19.70 -33.64
CA THR C 87 10.32 20.92 -34.23
C THR C 87 9.75 20.54 -35.60
N ARG C 88 8.58 21.09 -35.94
CA ARG C 88 7.86 20.74 -37.18
C ARG C 88 7.55 22.02 -37.98
N LYS C 89 7.74 21.95 -39.30
CA LYS C 89 7.45 23.09 -40.21
C LYS C 89 6.10 22.82 -40.90
N VAL C 90 5.21 23.81 -40.93
CA VAL C 90 3.90 23.64 -41.63
C VAL C 90 3.70 24.79 -42.61
N VAL C 91 3.80 24.51 -43.92
CA VAL C 91 3.51 25.53 -44.97
C VAL C 91 1.98 25.66 -45.06
N TRP C 92 1.45 26.85 -44.74
CA TRP C 92 -0.03 27.06 -44.72
C TRP C 92 -0.55 27.26 -46.14
N PRO C 93 -1.85 26.98 -46.38
CA PRO C 93 -2.44 27.16 -47.70
C PRO C 93 -2.87 28.61 -47.97
N ASP C 94 -3.32 28.89 -49.20
CA ASP C 94 -3.75 30.26 -49.60
C ASP C 94 -5.10 30.59 -48.95
N LEU C 95 -5.07 31.17 -47.75
CA LEU C 95 -6.29 31.57 -46.98
C LEU C 95 -6.50 33.08 -47.13
N ASP C 96 -7.73 33.57 -46.90
CA ASP C 96 -8.02 35.02 -46.98
C ASP C 96 -7.43 35.70 -45.74
N ASP C 97 -7.45 37.04 -45.71
CA ASP C 97 -6.84 37.82 -44.59
C ASP C 97 -7.54 37.50 -43.28
N ALA C 98 -8.87 37.35 -43.30
CA ALA C 98 -9.66 37.11 -42.07
C ALA C 98 -9.36 35.73 -41.49
N GLN C 99 -9.32 34.70 -42.36
CA GLN C 99 -9.04 33.30 -41.96
C GLN C 99 -7.60 33.17 -41.44
N ARG C 100 -6.65 33.85 -42.08
CA ARG C 100 -5.21 33.77 -41.68
C ARG C 100 -5.02 34.48 -40.33
N GLN C 101 -5.67 35.63 -40.15
CA GLN C 101 -5.57 36.42 -38.89
C GLN C 101 -6.06 35.56 -37.71
N GLU C 102 -7.19 34.86 -37.91
CA GLU C 102 -7.79 34.00 -36.85
C GLU C 102 -6.81 32.88 -36.52
N LEU C 103 -6.23 32.24 -37.54
CA LEU C 103 -5.27 31.13 -37.35
C LEU C 103 -4.01 31.65 -36.64
N ASP C 104 -3.52 32.83 -37.05
CA ASP C 104 -2.27 33.41 -36.48
C ASP C 104 -2.52 33.74 -35.00
N ASN C 105 -3.73 34.18 -34.66
CA ASN C 105 -4.07 34.52 -33.25
C ASN C 105 -4.08 33.23 -32.41
N ARG C 106 -4.57 32.12 -33.00
CA ARG C 106 -4.64 30.81 -32.28
C ARG C 106 -3.23 30.26 -32.08
N LEU C 107 -2.38 30.33 -33.12
CA LEU C 107 -0.97 29.83 -33.07
C LEU C 107 -0.18 30.57 -31.99
N ILE C 109 -1.37 32.47 -29.29
CA ILE C 109 -1.88 32.51 -27.93
C ILE C 109 -2.16 31.09 -27.40
N ILE C 110 -2.88 30.26 -28.16
CA ILE C 110 -3.22 28.90 -27.66
C ILE C 110 -1.93 28.07 -27.54
N ASP C 111 -0.99 28.23 -28.48
CA ASP C 111 0.29 27.46 -28.39
C ASP C 111 1.11 28.00 -27.20
N TRP C 112 0.96 29.28 -26.87
CA TRP C 112 1.62 29.84 -25.67
C TRP C 112 1.09 29.11 -24.43
N VAL C 113 -0.23 28.89 -24.38
CA VAL C 113 -0.87 28.19 -23.22
C VAL C 113 -0.30 26.77 -23.14
N ARG C 114 -0.20 26.09 -24.29
CA ARG C 114 0.35 24.70 -24.33
C ARG C 114 1.81 24.69 -23.87
N ASP C 115 2.65 25.56 -24.45
CA ASP C 115 4.10 25.62 -24.13
C ASP C 115 4.33 25.98 -22.66
N THR C 116 3.62 26.99 -22.14
CA THR C 116 3.79 27.46 -20.74
C THR C 116 3.41 26.36 -19.75
N ILE C 117 2.28 25.69 -19.98
CA ILE C 117 1.86 24.58 -19.07
C ILE C 117 2.88 23.42 -19.20
N ASN C 118 3.40 23.21 -20.41
CA ASN C 118 4.37 22.10 -20.70
C ASN C 118 5.75 22.42 -20.11
N ALA C 119 6.09 23.71 -19.97
CA ALA C 119 7.42 24.13 -19.49
C ALA C 119 7.74 23.48 -18.16
N PRO C 120 9.00 23.06 -17.92
CA PRO C 120 9.38 22.44 -16.65
C PRO C 120 9.28 23.45 -15.50
N ALA C 121 9.06 22.97 -14.27
CA ALA C 121 8.84 23.85 -13.10
C ALA C 121 10.09 24.70 -12.80
N GLU C 122 11.28 24.17 -13.09
CA GLU C 122 12.54 24.94 -12.84
C GLU C 122 12.55 26.18 -13.73
N GLU C 123 12.00 26.06 -14.95
CA GLU C 123 11.97 27.17 -15.95
C GLU C 123 10.85 28.16 -15.61
N LEU C 124 9.72 27.68 -15.06
CA LEU C 124 8.56 28.58 -14.83
C LEU C 124 8.15 28.59 -13.35
N GLY C 125 8.74 29.50 -12.58
CA GLY C 125 8.37 29.71 -11.16
C GLY C 125 7.25 30.73 -11.04
N PRO C 126 6.78 31.03 -9.80
CA PRO C 126 5.69 31.98 -9.61
C PRO C 126 5.93 33.31 -10.33
N SER C 127 7.13 33.89 -10.16
CA SER C 127 7.47 35.20 -10.76
C SER C 127 7.55 35.09 -12.29
N GLN C 128 8.10 33.99 -12.81
CA GLN C 128 8.24 33.82 -14.28
C GLN C 128 6.83 33.69 -14.89
N LEU C 129 5.93 33.01 -14.18
CA LEU C 129 4.53 32.83 -14.67
C LEU C 129 3.86 34.21 -14.73
N ALA C 130 4.01 35.01 -13.67
CA ALA C 130 3.38 36.36 -13.63
C ALA C 130 3.94 37.19 -14.79
N GLN C 131 5.25 37.16 -14.99
CA GLN C 131 5.87 38.04 -16.01
C GLN C 131 5.42 37.62 -17.42
N ARG C 132 5.39 36.32 -17.70
CA ARG C 132 5.00 35.86 -19.06
C ARG C 132 3.52 36.19 -19.31
N ALA C 133 2.69 36.04 -18.27
CA ALA C 133 1.26 36.42 -18.39
C ALA C 133 1.15 37.89 -18.82
N VAL C 134 2.03 38.73 -18.28
CA VAL C 134 2.03 40.20 -18.57
C VAL C 134 2.60 40.43 -19.98
N ASP C 135 3.61 39.65 -20.37
CA ASP C 135 4.26 39.82 -21.70
C ASP C 135 3.23 39.51 -22.80
N LEU C 136 2.54 38.37 -22.69
CA LEU C 136 1.54 37.94 -23.71
C LEU C 136 0.46 39.00 -23.89
N ILE C 137 -0.12 39.46 -22.77
CA ILE C 137 -1.27 40.43 -22.79
C ILE C 137 -0.76 41.81 -23.23
N SER C 138 0.44 42.21 -22.80
CA SER C 138 0.97 43.55 -23.19
C SER C 138 1.23 43.60 -24.70
N ASN C 139 1.45 42.43 -25.33
CA ASN C 139 1.80 42.37 -26.77
C ASN C 139 0.58 42.65 -27.64
N VAL C 140 -0.63 42.36 -27.13
CA VAL C 140 -1.88 42.52 -27.93
C VAL C 140 -2.70 43.72 -27.44
N ALA C 141 -2.39 44.24 -26.24
CA ALA C 141 -3.14 45.34 -25.59
C ALA C 141 -2.39 46.66 -25.71
N GLY C 142 -1.08 46.66 -25.43
CA GLY C 142 -0.26 47.88 -25.49
C GLY C 142 -0.45 48.74 -24.24
N ASP C 143 -0.91 49.99 -24.42
CA ASP C 143 -1.10 50.94 -23.30
C ASP C 143 -2.47 50.74 -22.63
N ARG C 144 -3.29 49.81 -23.14
CA ARG C 144 -4.63 49.53 -22.56
C ARG C 144 -4.52 48.57 -21.37
N VAL C 145 -3.31 48.10 -21.07
CA VAL C 145 -3.08 47.16 -19.94
C VAL C 145 -2.17 47.82 -18.90
N THR C 146 -2.53 47.65 -17.62
CA THR C 146 -1.71 48.06 -16.46
C THR C 146 -1.76 46.90 -15.47
N TYR C 147 -0.75 46.74 -14.61
CA TYR C 147 -0.73 45.55 -13.72
C TYR C 147 -0.01 45.85 -12.39
N ARG C 148 -0.21 44.96 -11.42
CA ARG C 148 0.41 45.00 -10.06
C ARG C 148 0.95 43.60 -9.74
N ILE C 149 2.19 43.51 -9.23
CA ILE C 149 2.77 42.19 -8.84
C ILE C 149 3.08 42.20 -7.34
N THR C 150 2.25 41.56 -6.52
CA THR C 150 2.49 41.44 -5.05
C THR C 150 3.17 40.09 -4.79
N LYS C 151 4.29 40.09 -4.06
CA LYS C 151 5.01 38.80 -3.82
C LYS C 151 5.55 38.71 -2.40
N GLY C 152 5.80 37.47 -1.95
CA GLY C 152 6.43 37.17 -0.65
C GLY C 152 5.70 37.79 0.52
N GLU C 153 6.45 38.43 1.42
CA GLU C 153 5.92 38.98 2.70
C GLU C 153 4.82 40.02 2.42
N ASP C 154 4.91 40.76 1.31
CA ASP C 154 3.91 41.81 0.98
C ASP C 154 2.51 41.20 0.95
N LEU C 155 2.40 39.93 0.53
CA LEU C 155 1.10 39.21 0.48
C LEU C 155 0.58 39.02 1.91
N ARG C 156 1.46 38.66 2.85
CA ARG C 156 1.04 38.42 4.25
C ARG C 156 0.56 39.75 4.87
N GLU C 157 1.24 40.85 4.52
CA GLU C 157 0.97 42.20 5.08
C GLU C 157 -0.38 42.72 4.56
N GLN C 158 -0.85 42.24 3.41
CA GLN C 158 -2.13 42.73 2.82
C GLN C 158 -3.26 41.72 3.08
N GLY C 159 -2.99 40.67 3.89
CA GLY C 159 -4.03 39.72 4.33
C GLY C 159 -4.27 38.55 3.37
N TYR C 160 -3.40 38.34 2.38
CA TYR C 160 -3.56 37.18 1.44
C TYR C 160 -3.00 35.93 2.10
N GLY C 162 -4.21 32.81 2.50
CA GLY C 162 -4.29 31.55 1.78
C GLY C 162 -3.10 31.39 0.83
N LEU C 163 -2.89 32.37 -0.05
CA LEU C 163 -1.82 32.32 -1.08
C LEU C 163 -0.44 32.31 -0.41
N HIS C 164 -0.29 33.00 0.73
CA HIS C 164 1.03 33.07 1.42
C HIS C 164 1.32 31.75 2.15
N THR C 165 0.35 31.23 2.89
CA THR C 165 0.53 29.99 3.70
C THR C 165 0.92 28.83 2.77
N VAL C 166 0.31 28.74 1.59
CA VAL C 166 0.57 27.62 0.65
C VAL C 166 1.97 27.76 0.05
N GLY C 167 2.34 28.98 -0.36
CA GLY C 167 3.59 29.18 -1.12
C GLY C 167 4.82 29.46 -0.28
N ARG C 168 4.66 29.72 1.02
CA ARG C 168 5.82 30.16 1.86
C ARG C 168 6.78 28.98 2.13
N GLY C 169 6.40 27.76 1.76
CA GLY C 169 7.30 26.60 1.94
C GLY C 169 8.40 26.58 0.88
N SER C 170 8.16 27.26 -0.24
CA SER C 170 9.12 27.29 -1.38
C SER C 170 10.21 28.36 -1.16
N GLU C 171 11.32 28.23 -1.89
CA GLU C 171 12.42 29.22 -1.89
C GLU C 171 12.06 30.31 -2.91
N ARG C 172 11.11 29.98 -3.79
CA ARG C 172 10.56 30.93 -4.81
C ARG C 172 9.24 31.47 -4.25
N SER C 173 9.23 32.76 -3.91
CA SER C 173 8.11 33.40 -3.16
C SER C 173 6.81 33.37 -3.94
N PRO C 174 5.66 33.16 -3.26
CA PRO C 174 4.36 33.14 -3.91
C PRO C 174 4.11 34.51 -4.55
N VAL C 175 3.37 34.55 -5.65
CA VAL C 175 3.16 35.83 -6.39
C VAL C 175 1.66 35.97 -6.73
N LEU C 176 1.11 37.15 -6.47
CA LEU C 176 -0.26 37.50 -6.96
C LEU C 176 -0.10 38.49 -8.11
N LEU C 177 -0.72 38.19 -9.25
CA LEU C 177 -0.75 39.16 -10.38
C LEU C 177 -2.17 39.72 -10.45
N ALA C 178 -2.30 41.05 -10.36
CA ALA C 178 -3.60 41.73 -10.58
C ALA C 178 -3.48 42.55 -11.87
N LEU C 179 -3.89 41.98 -12.99
CA LEU C 179 -3.74 42.65 -14.30
C LEU C 179 -5.09 43.27 -14.70
N ASP C 180 -5.05 44.49 -15.23
CA ASP C 180 -6.26 45.29 -15.56
C ASP C 180 -6.25 45.64 -17.06
N TYR C 181 -7.11 45.01 -17.84
CA TYR C 181 -7.30 45.41 -19.26
C TYR C 181 -8.43 46.44 -19.29
N ASN C 182 -8.11 47.71 -19.58
CA ASN C 182 -9.10 48.82 -19.56
C ASN C 182 -9.07 49.53 -20.91
N PRO C 183 -10.00 49.21 -21.84
CA PRO C 183 -10.02 49.83 -23.15
C PRO C 183 -10.30 51.35 -23.13
N THR C 184 -11.29 51.78 -22.33
CA THR C 184 -11.68 53.21 -22.26
C THR C 184 -10.57 54.06 -21.61
N GLY C 185 -9.84 53.50 -20.64
CA GLY C 185 -8.77 54.21 -19.92
C GLY C 185 -9.29 54.85 -18.63
N ASP C 186 -10.60 55.06 -18.55
CA ASP C 186 -11.26 55.66 -17.36
C ASP C 186 -11.02 54.75 -16.15
N LYS C 187 -10.35 55.28 -15.12
CA LYS C 187 -10.01 54.51 -13.89
C LYS C 187 -11.29 54.12 -13.13
N GLU C 188 -12.43 54.73 -13.49
CA GLU C 188 -13.72 54.46 -12.79
C GLU C 188 -14.66 53.65 -13.69
N ALA C 189 -14.21 53.28 -14.89
CA ALA C 189 -15.02 52.42 -15.80
C ALA C 189 -15.38 51.12 -15.07
N PRO C 190 -16.62 50.60 -15.23
CA PRO C 190 -17.02 49.38 -14.54
C PRO C 190 -16.27 48.15 -15.04
N VAL C 191 -15.97 47.21 -14.14
CA VAL C 191 -15.25 45.95 -14.47
C VAL C 191 -16.29 44.96 -15.00
N TYR C 192 -16.25 44.64 -16.29
CA TYR C 192 -17.24 43.71 -16.89
C TYR C 192 -17.04 42.29 -16.34
N ALA C 193 -15.78 41.82 -16.25
CA ALA C 193 -15.52 40.43 -15.80
C ALA C 193 -14.17 40.32 -15.08
N CYS C 194 -14.10 39.38 -14.14
CA CYS C 194 -12.84 39.05 -13.40
C CYS C 194 -12.47 37.59 -13.68
N LEU C 195 -11.24 37.34 -14.13
CA LEU C 195 -10.74 35.96 -14.40
C LEU C 195 -9.75 35.58 -13.28
N VAL C 196 -10.06 34.52 -12.53
CA VAL C 196 -9.15 34.05 -11.44
C VAL C 196 -8.54 32.71 -11.87
N GLY C 197 -7.21 32.59 -11.81
CA GLY C 197 -6.53 31.35 -12.24
C GLY C 197 -5.63 30.79 -11.16
N LYS C 198 -5.65 29.46 -10.99
CA LYS C 198 -4.76 28.77 -10.03
C LYS C 198 -3.40 28.63 -10.71
N GLY C 199 -2.34 29.13 -10.07
CA GLY C 199 -1.00 29.14 -10.68
C GLY C 199 0.02 28.39 -9.84
N ILE C 200 -0.33 27.22 -9.34
CA ILE C 200 0.67 26.40 -8.59
C ILE C 200 1.68 25.86 -9.60
N THR C 201 2.84 26.51 -9.67
CA THR C 201 3.88 26.18 -10.67
C THR C 201 4.43 24.77 -10.42
N PHE C 202 4.32 24.28 -9.18
CA PHE C 202 4.66 22.86 -8.90
C PHE C 202 3.96 22.42 -7.60
N ASP C 203 3.24 21.31 -7.69
CA ASP C 203 2.47 20.78 -6.55
C ASP C 203 3.09 19.46 -6.07
N SER C 204 3.92 19.54 -5.04
CA SER C 204 4.51 18.31 -4.44
C SER C 204 3.48 17.69 -3.48
N GLY C 205 2.40 18.43 -3.21
CA GLY C 205 1.36 18.00 -2.24
C GLY C 205 1.67 18.51 -0.85
N GLY C 206 2.87 19.04 -0.62
CA GLY C 206 3.30 19.49 0.72
C GLY C 206 3.51 18.31 1.64
N TYR C 207 3.28 18.48 2.95
CA TYR C 207 3.52 17.37 3.92
C TYR C 207 2.56 16.20 3.61
N SER C 208 1.42 16.51 2.99
CA SER C 208 0.54 15.43 2.43
C SER C 208 1.12 15.09 1.04
N ILE C 209 2.39 14.68 1.02
CA ILE C 209 3.21 14.45 -0.20
C ILE C 209 2.52 13.45 -1.13
N LYS C 210 2.69 13.65 -2.45
CA LYS C 210 2.12 12.79 -3.52
C LYS C 210 3.08 11.65 -3.84
N GLN C 211 2.56 10.59 -4.49
CA GLN C 211 3.42 9.47 -5.01
C GLN C 211 3.99 9.91 -6.38
N THR C 212 5.18 9.43 -6.71
CA THR C 212 5.89 9.85 -7.95
C THR C 212 4.96 9.71 -9.17
N ALA C 213 4.06 8.72 -9.17
CA ALA C 213 3.19 8.43 -10.34
C ALA C 213 2.19 9.57 -10.60
N PHE C 214 1.83 10.33 -9.56
CA PHE C 214 0.79 11.39 -9.66
C PHE C 214 1.45 12.77 -9.68
N ASP C 216 4.55 13.39 -11.31
CA ASP C 216 5.46 13.53 -12.43
C ASP C 216 4.97 14.58 -13.46
N SER C 217 3.73 15.04 -13.35
CA SER C 217 3.21 16.07 -14.29
C SER C 217 2.59 17.24 -13.53
N LYS C 219 3.96 20.00 -12.86
CA LYS C 219 4.37 21.29 -13.39
C LYS C 219 3.14 21.94 -14.05
N SER C 220 2.14 21.12 -14.40
CA SER C 220 0.94 21.58 -15.14
C SER C 220 -0.16 22.03 -14.17
N ASP C 221 0.16 22.15 -12.88
CA ASP C 221 -0.86 22.52 -11.86
C ASP C 221 -1.14 24.02 -11.91
N GLY C 223 -2.22 25.27 -14.87
CA GLY C 223 -2.94 25.31 -16.14
C GLY C 223 -4.14 26.23 -16.11
N GLY C 224 -4.76 26.39 -14.94
CA GLY C 224 -5.88 27.35 -14.82
C GLY C 224 -5.39 28.77 -15.08
N ALA C 225 -4.25 29.13 -14.50
CA ALA C 225 -3.63 30.47 -14.68
C ALA C 225 -3.35 30.71 -16.16
N ALA C 226 -2.74 29.73 -16.84
CA ALA C 226 -2.38 29.86 -18.27
C ALA C 226 -3.65 29.95 -19.12
N THR C 227 -4.68 29.21 -18.77
CA THR C 227 -5.95 29.17 -19.55
C THR C 227 -6.65 30.53 -19.49
N VAL C 228 -6.88 31.06 -18.29
CA VAL C 228 -7.60 32.37 -18.17
C VAL C 228 -6.74 33.46 -18.82
N THR C 229 -5.41 33.36 -18.69
CA THR C 229 -4.47 34.35 -19.29
C THR C 229 -4.63 34.33 -20.82
N GLY C 230 -4.51 33.14 -21.42
CA GLY C 230 -4.67 32.97 -22.88
C GLY C 230 -6.04 33.44 -23.32
N ALA C 231 -7.07 33.17 -22.50
CA ALA C 231 -8.45 33.56 -22.83
C ALA C 231 -8.55 35.09 -22.94
N LEU C 232 -8.00 35.81 -21.97
CA LEU C 232 -8.04 37.29 -22.03
C LEU C 232 -7.29 37.75 -23.29
N ALA C 233 -6.06 37.26 -23.47
CA ALA C 233 -5.25 37.63 -24.66
C ALA C 233 -6.07 37.38 -25.94
N PHE C 234 -6.64 36.19 -26.08
CA PHE C 234 -7.42 35.79 -27.27
C PHE C 234 -8.67 36.68 -27.40
N ALA C 235 -9.37 36.90 -26.28
CA ALA C 235 -10.57 37.75 -26.26
C ALA C 235 -10.26 39.11 -26.91
N ILE C 236 -9.11 39.69 -26.56
CA ILE C 236 -8.67 41.00 -27.13
C ILE C 236 -8.54 40.87 -28.65
N THR C 237 -7.88 39.81 -29.16
CA THR C 237 -7.74 39.60 -30.63
C THR C 237 -9.13 39.44 -31.28
N ARG C 238 -10.12 38.95 -30.53
CA ARG C 238 -11.51 38.79 -31.05
C ARG C 238 -12.26 40.14 -30.97
N GLY C 239 -11.65 41.17 -30.36
CA GLY C 239 -12.22 42.52 -30.29
C GLY C 239 -12.83 42.87 -28.94
N LEU C 240 -12.35 42.25 -27.84
CA LEU C 240 -12.85 42.60 -26.49
C LEU C 240 -12.71 44.11 -26.30
N ASN C 241 -13.82 44.78 -25.97
CA ASN C 241 -13.84 46.26 -25.80
C ASN C 241 -14.51 46.59 -24.46
N LYS C 242 -14.24 45.77 -23.43
CA LYS C 242 -14.79 46.01 -22.07
C LYS C 242 -13.69 45.76 -21.03
N ARG C 243 -13.83 46.36 -19.84
CA ARG C 243 -12.80 46.24 -18.79
C ARG C 243 -12.82 44.82 -18.20
N VAL C 244 -11.68 44.13 -18.27
CA VAL C 244 -11.54 42.76 -17.67
C VAL C 244 -10.31 42.76 -16.77
N LYS C 245 -10.45 42.19 -15.56
CA LYS C 245 -9.32 42.07 -14.60
C LYS C 245 -8.92 40.59 -14.50
N LEU C 246 -7.61 40.33 -14.45
CA LEU C 246 -7.06 38.96 -14.38
C LEU C 246 -6.34 38.79 -13.04
N PHE C 247 -6.71 37.75 -12.28
CA PHE C 247 -6.04 37.48 -10.99
C PHE C 247 -5.37 36.10 -11.05
N LEU C 248 -4.03 36.06 -11.04
CA LEU C 248 -3.30 34.77 -11.03
C LEU C 248 -2.69 34.58 -9.63
N CYS C 249 -3.20 33.60 -8.87
CA CYS C 249 -2.63 33.24 -7.56
C CYS C 249 -1.53 32.19 -7.81
N CYS C 250 -0.25 32.63 -7.81
CA CYS C 250 0.87 31.76 -8.23
C CYS C 250 1.74 31.36 -7.02
N ALA C 251 2.20 30.10 -6.99
CA ALA C 251 3.07 29.62 -5.89
C ALA C 251 3.53 28.19 -6.15
N ASP C 252 4.64 27.78 -5.52
CA ASP C 252 5.07 26.35 -5.45
C ASP C 252 4.51 25.78 -4.15
N ASN C 253 3.97 24.55 -4.17
CA ASN C 253 3.52 23.86 -2.94
C ASN C 253 4.62 22.83 -2.59
N LEU C 254 5.60 23.22 -1.75
CA LEU C 254 6.78 22.37 -1.47
C LEU C 254 6.88 22.01 0.02
N ILE C 255 7.94 21.28 0.36
CA ILE C 255 8.22 20.79 1.74
C ILE C 255 9.52 21.46 2.22
N SER C 256 9.49 22.04 3.42
CA SER C 256 10.63 22.73 4.08
C SER C 256 10.31 22.93 5.56
N GLY C 257 11.22 23.57 6.30
CA GLY C 257 10.99 23.82 7.73
C GLY C 257 9.98 24.94 7.95
N ASN C 258 9.52 25.56 6.86
CA ASN C 258 8.60 26.74 6.88
C ASN C 258 7.25 26.37 6.25
N ALA C 259 7.14 25.17 5.66
CA ALA C 259 5.91 24.74 4.95
C ALA C 259 4.71 24.67 5.93
N PHE C 260 3.51 24.91 5.41
CA PHE C 260 2.29 24.90 6.26
C PHE C 260 1.97 23.45 6.65
N LYS C 261 1.34 23.29 7.81
CA LYS C 261 1.15 21.97 8.46
C LYS C 261 -0.33 21.62 8.57
N LEU C 262 -0.63 20.33 8.74
CA LEU C 262 -2.02 19.89 8.95
C LEU C 262 -2.49 20.40 10.32
N GLY C 263 -3.71 20.94 10.39
CA GLY C 263 -4.25 21.54 11.62
C GLY C 263 -4.10 23.06 11.64
N ASP C 264 -3.28 23.61 10.74
CA ASP C 264 -3.10 25.08 10.65
C ASP C 264 -4.44 25.71 10.24
N ILE C 265 -4.85 26.78 10.91
CA ILE C 265 -6.11 27.50 10.58
C ILE C 265 -5.76 28.78 9.83
N ILE C 266 -6.36 28.98 8.65
CA ILE C 266 -6.12 30.20 7.83
C ILE C 266 -7.30 31.16 8.03
N THR C 267 -7.04 32.39 8.45
CA THR C 267 -8.12 33.41 8.57
C THR C 267 -8.08 34.31 7.33
N TYR C 268 -9.15 34.25 6.52
CA TYR C 268 -9.22 35.05 5.26
C TYR C 268 -9.76 36.46 5.58
N ARG C 269 -9.65 37.35 4.59
CA ARG C 269 -10.10 38.77 4.74
C ARG C 269 -11.63 38.84 4.87
N ASN C 270 -12.36 37.85 4.34
CA ASN C 270 -13.84 37.84 4.43
C ASN C 270 -14.30 37.15 5.74
N GLY C 271 -13.35 36.81 6.63
CA GLY C 271 -13.68 36.26 7.97
C GLY C 271 -13.78 34.74 8.01
N LYS C 272 -13.77 34.07 6.85
CA LYS C 272 -13.88 32.58 6.83
C LYS C 272 -12.60 31.96 7.39
N LYS C 273 -12.75 31.09 8.38
CA LYS C 273 -11.62 30.30 8.97
C LYS C 273 -11.62 28.91 8.32
N VAL C 274 -10.45 28.49 7.80
CA VAL C 274 -10.29 27.18 7.12
C VAL C 274 -9.25 26.34 7.88
N GLU C 275 -9.62 25.13 8.32
CA GLU C 275 -8.63 24.21 8.92
C GLU C 275 -8.00 23.36 7.81
N VAL C 276 -6.68 23.32 7.73
CA VAL C 276 -5.96 22.55 6.68
C VAL C 276 -5.83 21.10 7.16
N ASN C 278 -5.42 18.60 4.77
CA ASN C 278 -4.71 17.96 3.67
C ASN C 278 -3.98 19.04 2.88
N THR C 279 -2.65 19.06 2.96
CA THR C 279 -1.85 20.12 2.30
C THR C 279 -1.94 19.99 0.77
N ASP C 280 -2.46 18.88 0.26
CA ASP C 280 -2.52 18.68 -1.21
C ASP C 280 -3.78 19.33 -1.77
N ALA C 281 -4.68 19.78 -0.90
CA ALA C 281 -5.85 20.58 -1.35
C ALA C 281 -5.46 22.06 -1.26
N GLU C 282 -4.35 22.43 -1.92
CA GLU C 282 -3.79 23.81 -1.85
C GLU C 282 -4.44 24.73 -2.90
N GLY C 283 -5.01 24.17 -3.97
CA GLY C 283 -5.60 25.00 -5.04
C GLY C 283 -6.73 25.88 -4.54
N ARG C 284 -7.62 25.32 -3.72
CA ARG C 284 -8.82 26.07 -3.23
C ARG C 284 -8.38 27.16 -2.24
N LEU C 285 -7.29 26.92 -1.50
CA LEU C 285 -6.76 27.89 -0.51
C LEU C 285 -6.26 29.16 -1.24
N VAL C 286 -5.49 28.98 -2.32
CA VAL C 286 -4.93 30.16 -3.06
C VAL C 286 -6.02 30.80 -3.93
N LEU C 287 -6.94 30.00 -4.48
CA LEU C 287 -8.05 30.57 -5.30
C LEU C 287 -8.91 31.48 -4.42
N ALA C 288 -9.18 31.05 -3.18
CA ALA C 288 -10.01 31.82 -2.22
C ALA C 288 -9.58 33.29 -2.23
N ASP C 289 -8.27 33.55 -2.10
CA ASP C 289 -7.71 34.94 -2.07
C ASP C 289 -7.97 35.67 -3.39
N GLY C 290 -7.96 34.95 -4.53
CA GLY C 290 -8.22 35.59 -5.83
C GLY C 290 -9.70 35.92 -5.99
N LEU C 291 -10.57 35.02 -5.52
CA LEU C 291 -12.04 35.21 -5.57
C LEU C 291 -12.45 36.40 -4.68
N ILE C 292 -11.78 36.59 -3.54
CA ILE C 292 -12.11 37.75 -2.66
C ILE C 292 -11.82 39.04 -3.43
N ASP C 293 -10.68 39.10 -4.14
CA ASP C 293 -10.32 40.30 -4.95
C ASP C 293 -11.30 40.44 -6.13
N ALA C 294 -11.67 39.32 -6.77
CA ALA C 294 -12.62 39.37 -7.90
C ALA C 294 -13.97 39.90 -7.43
N SER C 295 -14.51 39.37 -6.31
CA SER C 295 -15.82 39.80 -5.77
C SER C 295 -15.82 41.30 -5.42
N ALA C 296 -14.68 41.80 -4.89
CA ALA C 296 -14.55 43.21 -4.49
C ALA C 296 -14.75 44.13 -5.70
N GLN C 297 -14.32 43.71 -6.89
CA GLN C 297 -14.46 44.53 -8.14
C GLN C 297 -15.94 44.63 -8.55
N LYS C 298 -16.80 43.81 -7.94
CA LYS C 298 -18.25 43.77 -8.23
C LYS C 298 -18.47 43.75 -9.74
N PRO C 299 -17.99 42.69 -10.43
CA PRO C 299 -18.13 42.58 -11.88
C PRO C 299 -19.44 41.91 -12.32
N GLU C 300 -19.71 41.94 -13.63
CA GLU C 300 -20.93 41.33 -14.23
C GLU C 300 -20.81 39.81 -14.15
N ILE C 302 -17.80 36.52 -12.79
CA ILE C 302 -16.52 36.04 -12.30
C ILE C 302 -16.28 34.65 -12.89
N ILE C 303 -15.13 34.45 -13.54
CA ILE C 303 -14.79 33.11 -14.10
C ILE C 303 -13.47 32.64 -13.48
N ASP C 304 -13.49 31.51 -12.75
CA ASP C 304 -12.23 30.97 -12.16
C ASP C 304 -11.95 29.63 -12.83
N ALA C 305 -10.67 29.35 -13.15
CA ALA C 305 -10.24 28.09 -13.80
C ALA C 305 -9.06 27.51 -13.04
N ALA C 306 -9.10 26.21 -12.76
CA ALA C 306 -8.01 25.55 -12.00
C ALA C 306 -7.97 24.05 -12.29
N THR C 307 -6.77 23.48 -12.27
CA THR C 307 -6.59 22.01 -12.25
C THR C 307 -6.74 21.60 -10.77
N LEU C 308 -7.98 21.57 -10.29
CA LEU C 308 -8.27 21.56 -8.83
C LEU C 308 -8.26 20.13 -8.25
N THR C 309 -9.04 19.21 -8.83
CA THR C 309 -9.14 17.84 -8.24
C THR C 309 -9.06 16.76 -9.31
N GLY C 310 -8.67 15.54 -8.89
CA GLY C 310 -8.68 14.36 -9.76
C GLY C 310 -10.08 13.78 -9.88
N ALA C 311 -10.98 14.14 -8.96
CA ALA C 311 -12.37 13.66 -8.98
C ALA C 311 -13.07 14.17 -10.25
N ALA C 312 -12.65 15.32 -10.78
CA ALA C 312 -13.22 15.85 -12.03
C ALA C 312 -12.79 14.94 -13.20
N LYS C 313 -11.56 14.44 -13.16
CA LYS C 313 -11.04 13.53 -14.22
C LYS C 313 -11.74 12.17 -14.12
N THR C 314 -12.01 11.71 -12.90
CA THR C 314 -12.75 10.43 -12.67
C THR C 314 -14.19 10.58 -13.15
N ALA C 315 -14.69 11.82 -13.25
CA ALA C 315 -16.09 12.08 -13.66
C ALA C 315 -16.19 12.27 -15.18
N LEU C 316 -15.24 12.98 -15.79
CA LEU C 316 -15.33 13.36 -17.23
C LEU C 316 -14.10 12.87 -18.02
N GLY C 317 -13.11 12.30 -17.33
CA GLY C 317 -11.86 11.88 -18.00
C GLY C 317 -11.02 13.07 -18.38
N ASN C 318 -10.42 13.05 -19.57
CA ASN C 318 -9.64 14.21 -20.09
C ASN C 318 -10.39 14.75 -21.32
N ASP C 319 -11.62 14.28 -21.51
CA ASP C 319 -12.43 14.57 -22.74
C ASP C 319 -13.31 15.81 -22.54
N TYR C 320 -13.52 16.28 -21.30
CA TYR C 320 -14.33 17.51 -21.04
C TYR C 320 -13.72 18.34 -19.90
N HIS C 321 -13.99 19.65 -19.90
CA HIS C 321 -13.73 20.52 -18.73
C HIS C 321 -14.95 20.44 -17.80
N ALA C 322 -14.75 20.49 -16.49
CA ALA C 322 -15.90 20.46 -15.55
C ALA C 322 -16.39 21.88 -15.31
N LEU C 323 -17.70 22.10 -15.42
CA LEU C 323 -18.31 23.44 -15.20
C LEU C 323 -19.18 23.39 -13.95
N PHE C 324 -18.97 24.33 -13.03
CA PHE C 324 -19.76 24.44 -11.77
C PHE C 324 -20.31 25.86 -11.61
N SER C 325 -21.60 25.99 -11.33
CA SER C 325 -22.23 27.32 -11.13
C SER C 325 -23.58 27.14 -10.45
N PHE C 326 -24.01 28.15 -9.67
CA PHE C 326 -25.40 28.20 -9.14
C PHE C 326 -26.27 28.94 -10.15
N ASP C 327 -25.61 29.70 -11.04
CA ASP C 327 -26.28 30.54 -12.07
C ASP C 327 -26.48 29.70 -13.33
N ASP C 328 -27.71 29.20 -13.53
CA ASP C 328 -28.05 28.32 -14.70
C ASP C 328 -27.88 29.10 -16.01
N ALA C 329 -28.39 30.33 -16.06
CA ALA C 329 -28.31 31.17 -17.28
C ALA C 329 -26.85 31.33 -17.73
N LEU C 330 -25.96 31.67 -16.80
CA LEU C 330 -24.52 31.90 -17.13
C LEU C 330 -23.85 30.58 -17.52
N ALA C 331 -24.16 29.50 -16.78
CA ALA C 331 -23.65 28.16 -17.11
C ALA C 331 -24.08 27.79 -18.54
N GLY C 332 -25.33 28.13 -18.89
CA GLY C 332 -25.87 27.86 -20.25
C GLY C 332 -25.13 28.65 -21.31
N ARG C 333 -24.70 29.87 -20.98
CA ARG C 333 -24.00 30.76 -21.94
C ARG C 333 -22.59 30.24 -22.21
N LEU C 334 -21.90 29.73 -21.18
CA LEU C 334 -20.54 29.16 -21.39
C LEU C 334 -20.64 27.90 -22.26
N LEU C 335 -21.65 27.05 -22.01
CA LEU C 335 -21.85 25.81 -22.83
C LEU C 335 -22.19 26.20 -24.27
N ALA C 336 -22.90 27.31 -24.47
CA ALA C 336 -23.22 27.77 -25.85
C ALA C 336 -21.92 28.25 -26.53
N SER C 337 -21.07 28.95 -25.77
CA SER C 337 -19.76 29.43 -26.29
C SER C 337 -18.87 28.23 -26.65
N ALA C 338 -18.88 27.19 -25.80
CA ALA C 338 -18.13 25.93 -26.03
C ALA C 338 -18.55 25.29 -27.36
N ALA C 339 -19.86 25.21 -27.62
CA ALA C 339 -20.39 24.63 -28.88
C ALA C 339 -19.85 25.43 -30.09
N GLN C 340 -19.94 26.76 -30.03
CA GLN C 340 -19.45 27.64 -31.14
C GLN C 340 -17.94 27.50 -31.31
N GLU C 341 -17.20 27.34 -30.21
CA GLU C 341 -15.71 27.29 -30.27
C GLU C 341 -15.25 25.83 -30.36
N ASN C 342 -16.20 24.89 -30.48
CA ASN C 342 -15.87 23.47 -30.71
C ASN C 342 -14.99 22.93 -29.56
N GLU C 343 -15.25 23.37 -28.33
CA GLU C 343 -14.50 22.89 -27.14
C GLU C 343 -15.44 22.08 -26.25
N PRO C 344 -14.93 21.08 -25.50
CA PRO C 344 -15.78 20.23 -24.67
C PRO C 344 -15.86 20.62 -23.18
N PHE C 345 -17.08 20.94 -22.73
CA PHE C 345 -17.39 21.27 -21.30
C PHE C 345 -18.60 20.43 -20.86
N TRP C 346 -18.69 20.11 -19.58
CA TRP C 346 -19.81 19.33 -18.99
C TRP C 346 -20.10 19.85 -17.59
N ARG C 347 -21.39 20.08 -17.29
CA ARG C 347 -21.78 20.70 -15.99
C ARG C 347 -21.92 19.63 -14.91
N LEU C 348 -21.13 19.74 -13.84
CA LEU C 348 -21.25 18.83 -12.68
C LEU C 348 -21.99 19.56 -11.57
N PRO C 349 -22.50 18.83 -10.55
CA PRO C 349 -23.38 19.43 -9.54
C PRO C 349 -22.73 20.42 -8.56
N LEU C 350 -23.47 21.49 -8.25
CA LEU C 350 -23.12 22.50 -7.22
C LEU C 350 -24.43 23.02 -6.63
N ALA C 351 -24.70 22.67 -5.37
CA ALA C 351 -25.95 23.06 -4.67
C ALA C 351 -25.58 23.61 -3.29
N GLU C 352 -26.57 24.20 -2.60
N GLU C 352 -26.57 24.22 -2.60
CA GLU C 352 -26.35 24.84 -1.27
CA GLU C 352 -26.36 24.84 -1.27
C GLU C 352 -25.85 23.79 -0.27
C GLU C 352 -25.84 23.78 -0.28
N PHE C 353 -26.24 22.52 -0.44
CA PHE C 353 -25.84 21.46 0.52
C PHE C 353 -24.34 21.15 0.40
N HIS C 354 -23.72 21.38 -0.76
CA HIS C 354 -22.26 21.15 -0.92
C HIS C 354 -21.44 22.11 -0.05
N ARG C 355 -22.02 23.27 0.30
CA ARG C 355 -21.32 24.31 1.12
C ARG C 355 -21.05 23.78 2.54
N SER C 356 -21.81 22.79 3.01
CA SER C 356 -21.61 22.26 4.38
C SER C 356 -21.10 20.81 4.33
N GLN C 357 -20.55 20.39 3.19
CA GLN C 357 -19.97 19.01 3.05
C GLN C 357 -18.45 19.05 3.27
N LEU C 358 -17.95 20.08 3.96
CA LEU C 358 -16.49 20.12 4.34
C LEU C 358 -16.39 20.38 5.84
N PRO C 359 -16.93 19.48 6.68
CA PRO C 359 -16.93 19.70 8.13
C PRO C 359 -15.53 19.63 8.77
N SER C 360 -15.29 20.51 9.74
CA SER C 360 -14.06 20.51 10.57
C SER C 360 -14.47 20.58 12.05
N ASN C 361 -13.71 19.92 12.94
CA ASN C 361 -13.98 19.96 14.40
C ASN C 361 -13.35 21.22 15.03
N PHE C 362 -12.45 21.90 14.30
CA PHE C 362 -11.68 23.04 14.88
C PHE C 362 -11.92 24.34 14.10
N ALA C 363 -12.74 24.32 13.05
CA ALA C 363 -12.95 25.55 12.26
C ALA C 363 -14.22 25.47 11.42
N GLU C 364 -14.71 26.64 11.02
CA GLU C 364 -15.93 26.84 10.20
C GLU C 364 -15.88 25.96 8.95
N LEU C 365 -14.70 25.82 8.34
CA LEU C 365 -14.57 25.03 7.07
C LEU C 365 -13.34 24.13 7.14
N ASN C 366 -13.39 23.03 6.38
CA ASN C 366 -12.25 22.12 6.14
C ASN C 366 -11.85 22.29 4.67
N ASN C 367 -10.57 22.17 4.33
CA ASN C 367 -10.14 22.30 2.91
C ASN C 367 -10.34 20.95 2.19
N THR C 368 -10.83 19.94 2.90
CA THR C 368 -10.98 18.58 2.30
C THR C 368 -12.31 17.96 2.72
N GLY C 369 -12.91 17.12 1.85
CA GLY C 369 -14.16 16.41 2.14
C GLY C 369 -13.89 15.09 2.85
N SER C 370 -14.89 14.59 3.59
CA SER C 370 -14.74 13.30 4.33
C SER C 370 -15.20 12.12 3.45
N ALA C 371 -15.29 10.93 4.03
CA ALA C 371 -15.65 9.69 3.28
C ALA C 371 -17.13 9.69 2.91
N ALA C 372 -17.99 10.34 3.70
CA ALA C 372 -19.46 10.39 3.51
C ALA C 372 -19.82 11.35 2.37
N TYR C 373 -18.92 12.28 2.05
CA TYR C 373 -19.13 13.28 0.96
C TYR C 373 -17.95 13.18 0.01
N PRO C 374 -17.90 12.13 -0.86
CA PRO C 374 -16.75 11.89 -1.72
C PRO C 374 -16.81 12.52 -3.12
N ALA C 375 -17.62 13.56 -3.31
CA ALA C 375 -17.73 14.27 -4.61
C ALA C 375 -16.70 15.42 -4.64
N GLY C 376 -15.41 15.05 -4.64
CA GLY C 376 -14.28 16.01 -4.57
C GLY C 376 -14.48 17.30 -5.34
N ALA C 377 -14.89 17.22 -6.61
CA ALA C 377 -15.02 18.42 -7.46
C ALA C 377 -16.25 19.26 -7.06
N SER C 378 -17.28 18.61 -6.49
CA SER C 378 -18.49 19.34 -6.01
C SER C 378 -18.19 20.02 -4.67
N THR C 379 -17.52 19.33 -3.74
CA THR C 379 -17.18 19.92 -2.41
C THR C 379 -16.13 21.02 -2.57
N ALA C 380 -15.20 20.86 -3.53
CA ALA C 380 -14.21 21.92 -3.84
C ALA C 380 -14.93 23.17 -4.34
N ALA C 381 -15.88 23.01 -5.28
CA ALA C 381 -16.69 24.14 -5.79
C ALA C 381 -17.48 24.75 -4.62
N GLY C 382 -18.01 23.90 -3.74
CA GLY C 382 -18.75 24.37 -2.54
C GLY C 382 -17.85 25.19 -1.64
N PHE C 383 -16.60 24.77 -1.47
CA PHE C 383 -15.62 25.52 -0.67
C PHE C 383 -15.41 26.90 -1.30
N LEU C 384 -15.14 26.93 -2.61
CA LEU C 384 -14.85 28.20 -3.33
C LEU C 384 -16.04 29.16 -3.21
N SER C 385 -17.27 28.64 -3.12
CA SER C 385 -18.49 29.52 -3.08
C SER C 385 -18.50 30.36 -1.80
N HIS C 386 -17.73 29.95 -0.78
CA HIS C 386 -17.62 30.69 0.51
C HIS C 386 -16.74 31.93 0.34
N PHE C 387 -16.11 32.11 -0.82
CA PHE C 387 -15.17 33.25 -1.04
C PHE C 387 -15.67 34.14 -2.18
N VAL C 388 -16.97 34.04 -2.49
CA VAL C 388 -17.62 34.90 -3.52
C VAL C 388 -18.86 35.53 -2.89
N GLU C 389 -18.83 36.86 -2.67
CA GLU C 389 -19.91 37.61 -1.98
C GLU C 389 -21.28 37.16 -2.49
N ASN C 390 -21.53 37.27 -3.80
CA ASN C 390 -22.84 36.89 -4.38
C ASN C 390 -22.63 35.63 -5.24
N TYR C 391 -22.29 34.51 -4.59
CA TYR C 391 -21.90 33.23 -5.27
C TYR C 391 -23.06 32.64 -6.07
N GLN C 392 -24.30 32.95 -5.68
CA GLN C 392 -25.51 32.37 -6.31
C GLN C 392 -25.72 32.96 -7.72
N GLN C 393 -24.96 33.99 -8.11
CA GLN C 393 -25.17 34.65 -9.43
C GLN C 393 -23.82 35.14 -10.01
N GLY C 394 -23.69 35.10 -11.33
CA GLY C 394 -22.54 35.67 -12.06
C GLY C 394 -21.21 35.07 -11.68
N TRP C 395 -21.15 33.76 -11.40
CA TRP C 395 -19.86 33.12 -11.04
C TRP C 395 -19.79 31.72 -11.65
N LEU C 396 -18.73 31.49 -12.45
CA LEU C 396 -18.43 30.17 -13.07
C LEU C 396 -17.11 29.65 -12.50
N HIS C 397 -17.08 28.37 -12.12
CA HIS C 397 -15.87 27.63 -11.70
C HIS C 397 -15.61 26.53 -12.75
N ILE C 398 -14.39 26.48 -13.28
CA ILE C 398 -14.00 25.47 -14.30
C ILE C 398 -12.91 24.57 -13.70
N ASP C 399 -13.24 23.28 -13.48
CA ASP C 399 -12.21 22.31 -13.03
C ASP C 399 -11.58 21.76 -14.32
N CYS C 400 -10.36 22.18 -14.63
CA CYS C 400 -9.69 21.97 -15.95
C CYS C 400 -9.27 20.51 -16.16
N SER C 401 -10.23 19.59 -16.16
CA SER C 401 -9.95 18.15 -16.33
C SER C 401 -9.37 17.87 -17.74
N ALA C 402 -9.68 18.70 -18.73
CA ALA C 402 -9.26 18.45 -20.14
C ALA C 402 -8.01 19.24 -20.52
N THR C 403 -7.32 19.83 -19.54
CA THR C 403 -6.15 20.71 -19.84
C THR C 403 -4.91 19.87 -20.17
N TYR C 404 -4.67 18.76 -19.46
CA TYR C 404 -3.38 18.02 -19.62
C TYR C 404 -3.61 16.53 -19.92
N ARG C 405 -2.84 15.99 -20.86
CA ARG C 405 -2.85 14.53 -21.23
C ARG C 405 -1.51 13.91 -20.78
N LYS C 406 -1.52 13.08 -19.72
CA LYS C 406 -0.25 12.47 -19.22
C LYS C 406 0.41 11.65 -20.35
N ALA C 407 -0.39 10.92 -21.13
CA ALA C 407 0.12 10.10 -22.27
C ALA C 407 -0.57 10.52 -23.57
N PRO C 408 0.08 10.32 -24.75
CA PRO C 408 -0.53 10.70 -26.02
C PRO C 408 -1.76 9.83 -26.35
N VAL C 409 -2.72 10.41 -27.08
CA VAL C 409 -3.97 9.69 -27.46
C VAL C 409 -4.20 9.83 -28.96
N GLU C 410 -5.38 9.47 -29.45
CA GLU C 410 -5.68 9.49 -30.90
C GLU C 410 -5.45 10.89 -31.48
N GLN C 411 -5.96 11.93 -30.79
CA GLN C 411 -5.95 13.33 -31.33
C GLN C 411 -4.95 14.23 -30.59
N TRP C 412 -4.40 13.81 -29.45
CA TRP C 412 -3.49 14.72 -28.69
C TRP C 412 -2.11 14.08 -28.51
N SER C 413 -1.06 14.90 -28.62
CA SER C 413 0.28 14.50 -28.17
C SER C 413 0.26 14.54 -26.64
N ALA C 414 1.35 14.16 -25.97
CA ALA C 414 1.36 14.28 -24.49
C ALA C 414 1.42 15.77 -24.12
N GLY C 415 0.92 16.13 -22.94
CA GLY C 415 1.06 17.50 -22.41
C GLY C 415 -0.23 18.31 -22.49
N ALA C 416 -0.09 19.64 -22.46
CA ALA C 416 -1.24 20.56 -22.46
C ALA C 416 -1.91 20.56 -23.84
N THR C 417 -3.22 20.77 -23.85
CA THR C 417 -4.04 20.74 -25.10
C THR C 417 -4.36 22.16 -25.55
N GLY C 418 -4.50 23.09 -24.60
CA GLY C 418 -4.89 24.48 -24.85
C GLY C 418 -6.40 24.67 -24.81
N LEU C 419 -7.16 23.59 -24.56
CA LEU C 419 -8.65 23.64 -24.54
C LEU C 419 -9.16 24.57 -23.43
N GLY C 420 -10.14 25.41 -23.77
CA GLY C 420 -10.77 26.34 -22.80
C GLY C 420 -10.54 27.80 -23.18
N VAL C 421 -9.40 28.10 -23.82
CA VAL C 421 -9.00 29.49 -24.22
C VAL C 421 -10.10 30.10 -25.09
N ARG C 422 -10.57 29.37 -26.10
CA ARG C 422 -11.59 29.92 -27.04
C ARG C 422 -12.92 30.09 -26.31
N THR C 423 -13.34 29.10 -25.53
CA THR C 423 -14.67 29.12 -24.84
C THR C 423 -14.80 30.37 -23.97
N ILE C 424 -13.81 30.62 -23.11
CA ILE C 424 -13.87 31.80 -22.20
C ILE C 424 -13.79 33.08 -23.02
N ALA C 425 -12.95 33.10 -24.05
CA ALA C 425 -12.78 34.29 -24.92
C ALA C 425 -14.11 34.61 -25.63
N ASN C 426 -14.82 33.57 -26.06
CA ASN C 426 -16.13 33.73 -26.75
C ASN C 426 -17.14 34.36 -25.78
N LEU C 427 -17.14 33.91 -24.52
CA LEU C 427 -18.11 34.39 -23.50
C LEU C 427 -17.86 35.88 -23.20
N LEU C 428 -16.58 36.29 -23.09
CA LEU C 428 -16.19 37.69 -22.81
C LEU C 428 -16.53 38.61 -24.00
N THR C 429 -16.42 38.09 -25.23
CA THR C 429 -16.70 38.90 -26.46
C THR C 429 -18.12 38.66 -26.98
N ALA C 430 -18.91 37.86 -26.25
CA ALA C 430 -20.32 37.59 -26.64
C ALA C 430 -21.20 38.73 -26.09
N THR D 5 28.59 -42.20 18.79
CA THR D 5 29.54 -41.05 18.94
C THR D 5 29.87 -40.66 20.38
N GLU D 6 30.39 -39.45 20.54
CA GLU D 6 30.73 -38.91 21.89
C GLU D 6 29.78 -37.76 22.23
N ALA D 7 29.21 -37.80 23.45
CA ALA D 7 28.32 -36.72 23.93
C ALA D 7 29.18 -35.58 24.49
N LYS D 9 29.74 -33.00 27.30
CA LYS D 9 29.36 -32.81 28.69
C LYS D 9 28.96 -31.36 28.93
N ILE D 10 27.83 -31.16 29.63
CA ILE D 10 27.36 -29.81 30.05
C ILE D 10 27.37 -29.79 31.58
N THR D 11 28.28 -29.02 32.18
CA THR D 11 28.38 -28.93 33.67
C THR D 11 27.91 -27.55 34.13
N LEU D 12 27.68 -27.40 35.44
CA LEU D 12 27.21 -26.14 36.07
C LEU D 12 28.29 -25.64 37.05
N SER D 13 28.47 -24.32 37.12
CA SER D 13 29.47 -23.67 38.00
C SER D 13 28.89 -22.35 38.53
N THR D 14 29.20 -22.00 39.78
CA THR D 14 28.75 -20.71 40.37
C THR D 14 29.90 -19.70 40.27
N GLN D 15 30.99 -20.09 39.61
CA GLN D 15 32.19 -19.24 39.43
C GLN D 15 32.29 -18.80 37.98
N PRO D 16 32.95 -17.67 37.67
CA PRO D 16 33.07 -17.18 36.30
C PRO D 16 34.12 -17.89 35.42
N ALA D 17 34.03 -17.65 34.11
CA ALA D 17 34.96 -18.19 33.10
C ALA D 17 36.34 -17.52 33.25
N ASP D 18 37.31 -17.94 32.43
CA ASP D 18 38.69 -17.37 32.54
C ASP D 18 38.73 -16.03 31.79
N ALA D 19 39.84 -15.29 31.95
CA ALA D 19 40.05 -13.92 31.43
C ALA D 19 39.90 -13.85 29.91
N ARG D 20 39.90 -14.99 29.21
CA ARG D 20 39.77 -15.01 27.73
C ARG D 20 38.30 -14.95 27.36
N TRP D 21 37.45 -15.63 28.12
CA TRP D 21 35.99 -15.64 27.88
C TRP D 21 35.38 -14.38 28.52
N GLY D 22 35.93 -13.97 29.66
CA GLY D 22 35.47 -12.77 30.38
C GLY D 22 34.52 -13.14 31.50
N GLU D 23 34.41 -12.25 32.49
CA GLU D 23 33.52 -12.46 33.66
C GLU D 23 32.05 -12.51 33.23
N LYS D 24 31.71 -11.81 32.13
CA LYS D 24 30.30 -11.70 31.68
C LYS D 24 29.86 -12.96 30.92
N ALA D 25 30.79 -13.81 30.51
CA ALA D 25 30.43 -15.02 29.71
C ALA D 25 29.51 -15.93 30.53
N THR D 26 28.39 -16.37 29.92
CA THR D 26 27.35 -17.25 30.54
C THR D 26 27.73 -18.72 30.33
N TYR D 27 28.66 -18.99 29.40
CA TYR D 27 29.16 -20.36 29.15
C TYR D 27 30.60 -20.27 28.61
N SER D 28 31.37 -21.33 28.81
CA SER D 28 32.75 -21.43 28.26
C SER D 28 33.04 -22.90 27.94
N ILE D 29 33.91 -23.14 26.97
CA ILE D 29 34.25 -24.52 26.53
C ILE D 29 35.73 -24.78 26.83
N ASN D 30 36.01 -25.84 27.59
CA ASN D 30 37.39 -26.28 27.91
C ASN D 30 37.60 -27.65 27.25
N ASN D 31 38.47 -28.49 27.82
CA ASN D 31 38.75 -29.83 27.26
C ASN D 31 37.61 -30.79 27.62
N ASP D 32 37.12 -30.71 28.87
CA ASP D 32 36.08 -31.64 29.42
C ASP D 32 34.72 -31.41 28.74
N GLY D 33 34.41 -30.17 28.35
CA GLY D 33 33.13 -29.87 27.66
C GLY D 33 32.70 -28.43 27.85
N ILE D 34 31.39 -28.19 27.93
CA ILE D 34 30.82 -26.83 28.09
C ILE D 34 30.45 -26.61 29.56
N THR D 35 30.84 -25.45 30.12
CA THR D 35 30.53 -25.09 31.52
C THR D 35 29.57 -23.89 31.51
N LEU D 36 28.41 -24.04 32.14
CA LEU D 36 27.42 -22.93 32.27
C LEU D 36 27.76 -22.14 33.52
N HIS D 37 27.90 -20.81 33.39
CA HIS D 37 28.29 -19.96 34.54
C HIS D 37 27.05 -19.26 35.11
N LEU D 38 26.50 -19.83 36.19
CA LEU D 38 25.30 -19.28 36.88
C LEU D 38 25.74 -18.12 37.79
N ASN D 39 24.83 -17.18 38.04
CA ASN D 39 25.12 -15.98 38.88
C ASN D 39 24.04 -15.82 39.96
N GLY D 40 22.94 -16.58 39.85
CA GLY D 40 21.85 -16.58 40.85
C GLY D 40 20.78 -15.54 40.58
N ALA D 41 20.93 -14.74 39.52
CA ALA D 41 19.94 -13.68 39.18
C ALA D 41 18.71 -14.32 38.51
N ASP D 42 18.95 -15.08 37.43
CA ASP D 42 17.90 -15.79 36.67
C ASP D 42 18.56 -16.99 35.98
N ASP D 43 18.91 -18.01 36.77
CA ASP D 43 19.63 -19.22 36.26
C ASP D 43 18.75 -19.97 35.25
N LEU D 44 17.45 -20.07 35.49
CA LEU D 44 16.57 -20.77 34.54
C LEU D 44 16.61 -20.04 33.18
N GLY D 45 16.53 -18.71 33.21
CA GLY D 45 16.59 -17.92 31.97
C GLY D 45 17.97 -18.02 31.31
N LEU D 46 19.03 -18.02 32.12
CA LEU D 46 20.43 -18.06 31.59
C LEU D 46 20.68 -19.44 30.94
N ILE D 47 20.28 -20.52 31.61
CA ILE D 47 20.51 -21.91 31.09
C ILE D 47 19.75 -22.07 29.76
N GLN D 48 18.52 -21.53 29.67
CA GLN D 48 17.70 -21.65 28.44
C GLN D 48 18.40 -20.90 27.30
N ARG D 49 18.86 -19.68 27.55
CA ARG D 49 19.56 -18.86 26.54
C ARG D 49 20.88 -19.55 26.13
N ALA D 50 21.54 -20.25 27.07
CA ALA D 50 22.80 -20.98 26.80
C ALA D 50 22.53 -22.19 25.90
N ALA D 51 21.47 -22.94 26.18
CA ALA D 51 21.10 -24.13 25.38
C ALA D 51 20.84 -23.71 23.93
N ARG D 52 20.15 -22.59 23.71
CA ARG D 52 19.86 -22.07 22.35
C ARG D 52 21.18 -21.84 21.59
N LYS D 53 22.18 -21.27 22.26
CA LYS D 53 23.48 -20.94 21.63
C LYS D 53 24.27 -22.24 21.40
N ILE D 54 24.10 -23.24 22.28
CA ILE D 54 24.77 -24.57 22.12
C ILE D 54 24.17 -25.27 20.89
N ASP D 55 22.90 -25.00 20.58
CA ASP D 55 22.25 -25.59 19.38
C ASP D 55 22.80 -24.90 18.13
N GLY D 56 22.98 -23.57 18.21
CA GLY D 56 23.54 -22.76 17.11
C GLY D 56 24.98 -23.13 16.80
N LEU D 57 25.67 -23.79 17.74
CA LEU D 57 27.07 -24.26 17.55
C LEU D 57 27.10 -25.50 16.67
N GLY D 58 25.96 -26.20 16.56
CA GLY D 58 25.85 -27.44 15.76
C GLY D 58 26.05 -28.69 16.62
N ILE D 59 26.11 -28.53 17.95
CA ILE D 59 26.28 -29.69 18.89
C ILE D 59 24.92 -30.36 19.08
N LYS D 60 24.77 -31.57 18.56
CA LYS D 60 23.48 -32.32 18.50
C LYS D 60 23.41 -33.43 19.56
N HIS D 61 24.42 -33.57 20.43
CA HIS D 61 24.41 -34.66 21.44
C HIS D 61 25.07 -34.16 22.73
N VAL D 62 24.25 -33.90 23.76
CA VAL D 62 24.76 -33.33 25.05
C VAL D 62 24.47 -34.29 26.21
N GLN D 63 25.31 -34.25 27.23
CA GLN D 63 25.10 -35.03 28.49
C GLN D 63 25.08 -34.02 29.65
N LEU D 64 23.92 -33.83 30.29
CA LEU D 64 23.84 -32.94 31.47
C LEU D 64 24.60 -33.64 32.62
N SER D 65 25.80 -33.15 32.92
CA SER D 65 26.80 -33.80 33.80
C SER D 65 27.00 -33.04 35.12
N GLY D 66 27.42 -33.76 36.16
CA GLY D 66 27.79 -33.17 37.47
C GLY D 66 26.59 -32.82 38.34
N GLU D 67 26.86 -32.19 39.47
CA GLU D 67 25.86 -31.77 40.49
C GLU D 67 25.17 -30.47 40.06
N GLY D 68 24.09 -30.11 40.77
CA GLY D 68 23.39 -28.83 40.55
C GLY D 68 22.16 -28.97 39.66
N TRP D 69 21.99 -30.14 39.00
CA TRP D 69 20.84 -30.30 38.08
C TRP D 69 19.58 -30.72 38.84
N ASP D 70 18.43 -30.24 38.39
CA ASP D 70 17.10 -30.63 38.94
C ASP D 70 16.08 -30.55 37.80
N ALA D 71 14.82 -30.88 38.07
CA ALA D 71 13.75 -30.90 37.05
C ALA D 71 13.75 -29.59 36.25
N ASP D 72 13.81 -28.46 36.96
CA ASP D 72 13.64 -27.11 36.35
C ASP D 72 14.87 -26.74 35.49
N ARG D 73 16.08 -27.02 35.98
CA ARG D 73 17.31 -26.65 35.22
C ARG D 73 17.40 -27.54 33.97
N CYS D 74 17.00 -28.81 34.08
CA CYS D 74 16.94 -29.72 32.92
C CYS D 74 15.87 -29.22 31.93
N TRP D 75 14.68 -28.87 32.46
CA TRP D 75 13.57 -28.38 31.60
C TRP D 75 13.98 -27.07 30.92
N ALA D 76 14.61 -26.18 31.68
CA ALA D 76 15.10 -24.88 31.15
C ALA D 76 16.05 -25.14 29.98
N PHE D 77 16.97 -26.10 30.14
CA PHE D 77 17.93 -26.42 29.06
C PHE D 77 17.17 -26.96 27.85
N TRP D 78 16.28 -27.94 28.08
CA TRP D 78 15.53 -28.56 26.95
C TRP D 78 14.71 -27.49 26.22
N GLN D 79 13.92 -26.69 26.97
CA GLN D 79 13.07 -25.63 26.39
C GLN D 79 13.86 -24.83 25.34
N GLY D 80 15.14 -24.56 25.61
CA GLY D 80 15.97 -23.74 24.71
C GLY D 80 16.64 -24.57 23.63
N TYR D 81 17.02 -25.80 23.96
CA TYR D 81 17.78 -26.69 23.04
C TYR D 81 16.89 -27.15 21.88
N LYS D 82 15.64 -27.52 22.19
CA LYS D 82 14.67 -28.10 21.22
C LYS D 82 14.37 -27.12 20.08
N ALA D 83 14.33 -27.62 18.84
CA ALA D 83 13.99 -26.82 17.64
C ALA D 83 13.31 -27.70 16.60
N PRO D 84 12.38 -27.16 15.76
CA PRO D 84 11.60 -27.98 14.82
C PRO D 84 12.44 -28.80 13.83
N LYS D 85 13.59 -28.27 13.36
CA LYS D 85 14.49 -29.02 12.43
C LYS D 85 15.57 -29.76 13.20
N GLY D 86 16.16 -30.80 12.59
CA GLY D 86 17.31 -31.53 13.15
C GLY D 86 16.93 -32.54 14.22
N THR D 87 17.91 -33.37 14.64
CA THR D 87 17.70 -34.42 15.68
C THR D 87 18.66 -34.15 16.84
N ARG D 88 18.13 -34.12 18.07
CA ARG D 88 18.92 -33.78 19.28
C ARG D 88 18.77 -34.87 20.34
N LYS D 89 19.90 -35.29 20.92
CA LYS D 89 19.92 -36.30 22.01
C LYS D 89 20.35 -35.56 23.28
N VAL D 90 19.56 -35.70 24.35
CA VAL D 90 19.90 -35.12 25.68
C VAL D 90 19.99 -36.26 26.69
N VAL D 91 21.19 -36.55 27.19
CA VAL D 91 21.35 -37.58 28.27
C VAL D 91 21.09 -36.85 29.59
N TRP D 92 19.99 -37.20 30.27
CA TRP D 92 19.59 -36.53 31.54
C TRP D 92 20.53 -36.93 32.66
N PRO D 93 20.63 -36.12 33.75
CA PRO D 93 21.47 -36.48 34.90
C PRO D 93 20.75 -37.53 35.77
N ASP D 94 21.43 -38.02 36.80
CA ASP D 94 20.82 -39.03 37.71
C ASP D 94 19.85 -38.32 38.67
N LEU D 95 18.68 -37.90 38.16
CA LEU D 95 17.61 -37.24 38.97
C LEU D 95 16.96 -38.28 39.90
N ASP D 96 16.27 -37.82 40.94
CA ASP D 96 15.53 -38.76 41.83
C ASP D 96 14.14 -38.99 41.22
N ASP D 97 13.42 -40.01 41.70
CA ASP D 97 12.12 -40.46 41.12
C ASP D 97 11.20 -39.25 40.82
N ALA D 98 10.84 -38.48 41.85
CA ALA D 98 9.86 -37.37 41.76
C ALA D 98 10.27 -36.34 40.69
N GLN D 99 11.52 -35.85 40.77
CA GLN D 99 12.10 -34.87 39.80
C GLN D 99 11.95 -35.41 38.37
N ARG D 100 12.32 -36.68 38.14
CA ARG D 100 12.26 -37.29 36.78
C ARG D 100 10.79 -37.41 36.33
N GLN D 101 9.89 -37.73 37.26
CA GLN D 101 8.45 -37.89 36.92
C GLN D 101 7.92 -36.54 36.39
N GLU D 102 8.33 -35.45 37.05
CA GLU D 102 7.86 -34.09 36.68
C GLU D 102 8.50 -33.70 35.33
N LEU D 103 9.78 -34.04 35.13
CA LEU D 103 10.45 -33.74 33.83
C LEU D 103 9.75 -34.51 32.70
N ASP D 104 9.52 -35.82 32.90
CA ASP D 104 8.90 -36.67 31.86
C ASP D 104 7.47 -36.19 31.56
N ASN D 105 6.77 -35.64 32.55
CA ASN D 105 5.39 -35.14 32.33
C ASN D 105 5.43 -33.89 31.42
N ARG D 106 6.45 -33.03 31.59
CA ARG D 106 6.61 -31.82 30.75
C ARG D 106 7.02 -32.23 29.33
N LEU D 107 8.01 -33.13 29.20
CA LEU D 107 8.47 -33.63 27.89
C LEU D 107 7.29 -34.15 27.07
N ILE D 109 3.77 -33.84 27.58
CA ILE D 109 2.60 -33.00 27.39
C ILE D 109 2.98 -31.65 26.77
N ILE D 110 3.97 -30.96 27.32
CA ILE D 110 4.28 -29.57 26.86
C ILE D 110 4.90 -29.63 25.44
N ASP D 111 5.75 -30.63 25.15
CA ASP D 111 6.33 -30.76 23.79
C ASP D 111 5.25 -31.20 22.81
N TRP D 112 4.21 -31.89 23.30
CA TRP D 112 3.05 -32.23 22.45
C TRP D 112 2.37 -30.92 22.04
N VAL D 113 2.36 -29.93 22.93
CA VAL D 113 1.72 -28.61 22.63
C VAL D 113 2.60 -27.88 21.61
N ARG D 114 3.92 -28.02 21.73
CA ARG D 114 4.85 -27.33 20.80
C ARG D 114 4.76 -27.96 19.41
N ASP D 115 4.72 -29.31 19.35
CA ASP D 115 4.74 -30.05 18.06
C ASP D 115 3.36 -29.93 17.37
N THR D 116 2.27 -29.97 18.14
CA THR D 116 0.91 -29.93 17.55
C THR D 116 0.66 -28.55 16.93
N ILE D 117 1.19 -27.50 17.56
CA ILE D 117 1.00 -26.10 17.06
C ILE D 117 1.94 -25.87 15.89
N ASN D 118 3.14 -26.48 15.92
CA ASN D 118 4.16 -26.33 14.86
C ASN D 118 3.75 -27.13 13.63
N ALA D 119 2.87 -28.13 13.81
CA ALA D 119 2.47 -29.03 12.70
C ALA D 119 1.85 -28.22 11.57
N PRO D 120 2.19 -28.53 10.30
CA PRO D 120 1.56 -27.87 9.15
C PRO D 120 0.04 -28.11 9.11
N ALA D 121 -0.73 -27.14 8.63
CA ALA D 121 -2.21 -27.24 8.57
C ALA D 121 -2.64 -28.50 7.81
N GLU D 122 -1.90 -28.88 6.77
CA GLU D 122 -2.26 -30.05 5.92
C GLU D 122 -2.34 -31.32 6.78
N GLU D 123 -1.45 -31.47 7.77
CA GLU D 123 -1.38 -32.71 8.60
C GLU D 123 -2.26 -32.57 9.86
N LEU D 124 -2.75 -31.36 10.16
CA LEU D 124 -3.59 -31.16 11.38
C LEU D 124 -4.82 -30.31 11.04
N GLY D 125 -5.92 -30.96 10.63
CA GLY D 125 -7.20 -30.29 10.38
C GLY D 125 -8.11 -30.34 11.61
N PRO D 126 -9.34 -29.82 11.53
CA PRO D 126 -10.26 -29.83 12.67
C PRO D 126 -10.46 -31.22 13.30
N SER D 127 -10.63 -32.25 12.47
CA SER D 127 -10.87 -33.63 12.97
C SER D 127 -9.59 -34.21 13.58
N GLN D 128 -8.42 -33.89 13.00
CA GLN D 128 -7.13 -34.40 13.53
C GLN D 128 -6.86 -33.76 14.90
N LEU D 129 -7.11 -32.46 15.01
CA LEU D 129 -6.89 -31.72 16.29
C LEU D 129 -7.77 -32.33 17.40
N ALA D 130 -9.07 -32.46 17.13
CA ALA D 130 -10.01 -33.06 18.10
C ALA D 130 -9.54 -34.45 18.49
N GLN D 131 -9.08 -35.24 17.52
CA GLN D 131 -8.70 -36.65 17.80
C GLN D 131 -7.40 -36.67 18.63
N ARG D 132 -6.41 -35.89 18.23
CA ARG D 132 -5.12 -35.86 18.96
C ARG D 132 -5.34 -35.37 20.39
N ALA D 133 -6.34 -34.50 20.59
CA ALA D 133 -6.66 -33.96 21.92
C ALA D 133 -7.23 -35.08 22.80
N VAL D 134 -8.14 -35.87 22.23
CA VAL D 134 -8.76 -37.01 22.98
C VAL D 134 -7.65 -38.01 23.35
N ASP D 135 -6.72 -38.25 22.41
CA ASP D 135 -5.63 -39.25 22.61
C ASP D 135 -4.74 -38.82 23.78
N LEU D 136 -4.28 -37.57 23.78
CA LEU D 136 -3.35 -37.05 24.83
C LEU D 136 -3.98 -37.19 26.21
N ILE D 137 -5.28 -36.87 26.31
CA ILE D 137 -5.96 -36.81 27.63
C ILE D 137 -6.32 -38.22 28.10
N SER D 138 -6.79 -39.09 27.18
CA SER D 138 -7.15 -40.47 27.59
C SER D 138 -5.89 -41.27 27.95
N ASN D 139 -4.74 -40.87 27.38
CA ASN D 139 -3.44 -41.54 27.68
C ASN D 139 -3.12 -41.39 29.17
N VAL D 140 -3.61 -40.32 29.80
CA VAL D 140 -3.30 -40.02 31.23
C VAL D 140 -4.56 -40.19 32.10
N ALA D 141 -5.75 -40.11 31.47
CA ALA D 141 -7.03 -40.20 32.21
C ALA D 141 -7.54 -41.64 32.24
N GLY D 142 -7.54 -42.31 31.07
CA GLY D 142 -8.03 -43.72 30.97
C GLY D 142 -9.54 -43.78 30.81
N ASP D 143 -10.23 -44.42 31.77
CA ASP D 143 -11.71 -44.59 31.71
C ASP D 143 -12.41 -43.40 32.37
N ARG D 144 -11.63 -42.47 32.95
CA ARG D 144 -12.19 -41.28 33.66
C ARG D 144 -12.52 -40.18 32.65
N VAL D 145 -12.24 -40.42 31.36
CA VAL D 145 -12.52 -39.42 30.28
C VAL D 145 -13.50 -40.03 29.26
N THR D 146 -14.52 -39.25 28.90
CA THR D 146 -15.51 -39.56 27.82
C THR D 146 -15.58 -38.32 26.94
N TYR D 147 -16.12 -38.43 25.72
CA TYR D 147 -16.16 -37.23 24.85
C TYR D 147 -17.26 -37.35 23.81
N ARG D 148 -17.48 -36.26 23.08
CA ARG D 148 -18.53 -36.19 22.02
C ARG D 148 -18.01 -35.28 20.90
N ILE D 149 -18.03 -35.77 19.66
CA ILE D 149 -17.66 -34.94 18.47
C ILE D 149 -18.96 -34.51 17.78
N THR D 150 -18.99 -33.30 17.23
CA THR D 150 -20.16 -32.75 16.50
C THR D 150 -19.59 -31.97 15.32
N LYS D 151 -19.72 -32.47 14.09
CA LYS D 151 -19.03 -31.80 12.96
C LYS D 151 -19.98 -31.55 11.78
N GLY D 152 -19.58 -30.62 10.91
CA GLY D 152 -20.27 -30.33 9.64
C GLY D 152 -21.72 -29.92 9.82
N GLU D 153 -22.60 -30.49 9.00
CA GLU D 153 -24.04 -30.10 8.95
C GLU D 153 -24.69 -30.27 10.33
N ASP D 154 -24.14 -31.15 11.18
CA ASP D 154 -24.71 -31.39 12.54
C ASP D 154 -24.62 -30.12 13.38
N LEU D 155 -23.56 -29.32 13.17
CA LEU D 155 -23.39 -28.05 13.92
C LEU D 155 -24.50 -27.07 13.51
N ARG D 156 -24.77 -26.96 12.19
CA ARG D 156 -25.83 -26.04 11.69
C ARG D 156 -27.17 -26.43 12.32
N GLU D 157 -27.54 -27.72 12.21
CA GLU D 157 -28.84 -28.22 12.74
C GLU D 157 -28.95 -27.89 14.24
N GLN D 158 -27.88 -28.11 15.02
CA GLN D 158 -27.89 -27.92 16.48
C GLN D 158 -27.64 -26.44 16.87
N GLY D 159 -27.56 -25.53 15.89
CA GLY D 159 -27.51 -24.08 16.17
C GLY D 159 -26.12 -23.54 16.55
N TYR D 160 -25.05 -24.27 16.22
CA TYR D 160 -23.66 -23.76 16.45
C TYR D 160 -23.25 -22.90 15.26
N GLY D 162 -21.86 -19.92 15.02
CA GLY D 162 -20.55 -19.30 15.02
C GLY D 162 -19.52 -20.22 14.37
N LEU D 163 -19.35 -21.41 14.94
CA LEU D 163 -18.35 -22.39 14.45
C LEU D 163 -18.67 -22.84 13.02
N HIS D 164 -19.95 -23.02 12.70
CA HIS D 164 -20.34 -23.51 11.35
C HIS D 164 -20.10 -22.43 10.28
N THR D 165 -20.49 -21.19 10.55
CA THR D 165 -20.38 -20.10 9.56
C THR D 165 -18.91 -19.84 9.21
N VAL D 166 -18.02 -19.94 10.20
CA VAL D 166 -16.56 -19.66 9.97
C VAL D 166 -15.92 -20.84 9.22
N GLY D 167 -16.35 -22.07 9.52
CA GLY D 167 -15.66 -23.28 8.99
C GLY D 167 -16.30 -23.89 7.77
N ARG D 168 -17.49 -23.42 7.35
CA ARG D 168 -18.17 -24.06 6.18
C ARG D 168 -17.45 -23.70 4.87
N GLY D 169 -16.50 -22.76 4.92
CA GLY D 169 -15.75 -22.38 3.71
C GLY D 169 -14.72 -23.42 3.33
N SER D 170 -14.28 -24.22 4.30
CA SER D 170 -13.24 -25.26 4.10
C SER D 170 -13.86 -26.58 3.61
N GLU D 171 -13.12 -27.37 2.83
CA GLU D 171 -13.59 -28.73 2.45
C GLU D 171 -13.36 -29.68 3.63
N ARG D 172 -12.69 -29.19 4.68
CA ARG D 172 -12.54 -29.96 5.95
C ARG D 172 -13.59 -29.43 6.94
N SER D 173 -14.60 -30.23 7.24
CA SER D 173 -15.76 -29.80 8.08
C SER D 173 -15.30 -29.31 9.45
N PRO D 174 -15.92 -28.22 9.98
CA PRO D 174 -15.60 -27.74 11.33
C PRO D 174 -15.99 -28.79 12.37
N VAL D 175 -15.28 -28.81 13.50
CA VAL D 175 -15.48 -29.84 14.55
C VAL D 175 -15.59 -29.19 15.93
N LEU D 176 -16.62 -29.57 16.69
CA LEU D 176 -16.72 -29.19 18.13
C LEU D 176 -16.42 -30.44 18.97
N LEU D 177 -15.34 -30.41 19.75
CA LEU D 177 -15.00 -31.51 20.70
C LEU D 177 -15.54 -31.13 22.09
N ALA D 178 -16.34 -32.00 22.70
CA ALA D 178 -16.83 -31.79 24.09
C ALA D 178 -16.28 -32.93 24.96
N LEU D 179 -15.07 -32.75 25.49
CA LEU D 179 -14.42 -33.79 26.33
C LEU D 179 -14.83 -33.58 27.80
N ASP D 180 -15.02 -34.68 28.53
CA ASP D 180 -15.49 -34.61 29.94
C ASP D 180 -14.56 -35.45 30.82
N TYR D 181 -13.71 -34.81 31.62
CA TYR D 181 -12.85 -35.55 32.59
C TYR D 181 -13.62 -35.67 33.92
N ASN D 182 -14.11 -36.87 34.24
CA ASN D 182 -14.96 -37.08 35.44
C ASN D 182 -14.36 -38.20 36.31
N PRO D 183 -13.58 -37.87 37.37
CA PRO D 183 -12.95 -38.87 38.23
C PRO D 183 -13.92 -39.80 38.99
N THR D 184 -14.89 -39.20 39.70
CA THR D 184 -15.85 -39.98 40.53
C THR D 184 -16.78 -40.81 39.64
N GLY D 185 -16.86 -40.50 38.35
CA GLY D 185 -17.77 -41.21 37.44
C GLY D 185 -19.20 -40.68 37.57
N ASP D 186 -19.57 -40.23 38.78
CA ASP D 186 -20.92 -39.67 39.06
C ASP D 186 -21.28 -38.67 37.95
N LYS D 187 -22.31 -38.99 37.15
CA LYS D 187 -22.75 -38.14 36.02
C LYS D 187 -23.32 -36.81 36.52
N GLU D 188 -23.73 -36.77 37.79
CA GLU D 188 -24.34 -35.56 38.40
C GLU D 188 -23.29 -34.78 39.22
N ALA D 189 -22.01 -35.13 39.08
CA ALA D 189 -20.94 -34.44 39.83
C ALA D 189 -20.85 -32.99 39.37
N PRO D 190 -20.55 -32.02 40.28
CA PRO D 190 -20.44 -30.62 39.89
C PRO D 190 -19.21 -30.36 39.00
N VAL D 191 -19.41 -29.61 37.92
CA VAL D 191 -18.28 -29.26 37.00
C VAL D 191 -17.48 -28.14 37.66
N TYR D 192 -16.21 -28.41 37.97
CA TYR D 192 -15.32 -27.43 38.66
C TYR D 192 -14.86 -26.35 37.68
N ALA D 193 -14.33 -26.77 36.52
CA ALA D 193 -13.79 -25.80 35.54
C ALA D 193 -14.23 -26.18 34.12
N CYS D 194 -14.48 -25.15 33.30
CA CYS D 194 -14.74 -25.35 31.84
C CYS D 194 -13.62 -24.67 31.06
N LEU D 195 -12.83 -25.46 30.32
CA LEU D 195 -11.76 -24.91 29.45
C LEU D 195 -12.33 -24.73 28.03
N VAL D 196 -12.08 -23.59 27.41
CA VAL D 196 -12.57 -23.33 26.02
C VAL D 196 -11.37 -22.89 25.18
N GLY D 197 -11.16 -23.51 24.02
CA GLY D 197 -9.96 -23.20 23.21
C GLY D 197 -10.28 -22.94 21.74
N LYS D 198 -9.73 -21.85 21.19
CA LYS D 198 -9.88 -21.52 19.75
C LYS D 198 -9.01 -22.50 18.93
N GLY D 199 -9.62 -23.26 18.03
CA GLY D 199 -8.87 -24.28 17.27
C GLY D 199 -8.87 -24.02 15.77
N ILE D 200 -8.56 -22.80 15.34
CA ILE D 200 -8.50 -22.52 13.87
C ILE D 200 -7.22 -23.15 13.34
N THR D 201 -7.36 -24.28 12.64
CA THR D 201 -6.22 -25.09 12.15
C THR D 201 -5.49 -24.33 11.04
N PHE D 202 -6.17 -23.40 10.37
CA PHE D 202 -5.49 -22.46 9.44
C PHE D 202 -6.39 -21.25 9.19
N ASP D 203 -5.79 -20.06 9.26
CA ASP D 203 -6.52 -18.78 9.12
C ASP D 203 -5.98 -18.00 7.92
N SER D 204 -6.71 -17.99 6.81
CA SER D 204 -6.36 -17.15 5.63
C SER D 204 -6.98 -15.77 5.84
N GLY D 205 -7.84 -15.65 6.85
CA GLY D 205 -8.59 -14.41 7.13
C GLY D 205 -9.95 -14.40 6.43
N GLY D 206 -10.23 -15.41 5.60
CA GLY D 206 -11.47 -15.45 4.80
C GLY D 206 -11.43 -14.41 3.69
N TYR D 207 -12.58 -13.92 3.24
CA TYR D 207 -12.62 -12.90 2.15
C TYR D 207 -11.83 -11.65 2.60
N SER D 208 -11.76 -11.43 3.91
CA SER D 208 -10.83 -10.39 4.46
C SER D 208 -9.45 -11.04 4.49
N ILE D 209 -8.90 -11.29 3.30
CA ILE D 209 -7.66 -12.09 3.12
C ILE D 209 -6.46 -11.36 3.75
N LYS D 210 -5.60 -12.13 4.42
CA LYS D 210 -4.33 -11.64 5.02
C LYS D 210 -3.27 -11.54 3.94
N GLN D 211 -2.24 -10.71 4.15
CA GLN D 211 -1.07 -10.67 3.22
C GLN D 211 -0.17 -11.84 3.63
N THR D 212 0.69 -12.31 2.72
CA THR D 212 1.52 -13.52 2.96
C THR D 212 2.36 -13.38 4.24
N ALA D 213 2.91 -12.18 4.49
CA ALA D 213 3.84 -11.95 5.64
C ALA D 213 3.16 -12.20 6.98
N PHE D 214 1.82 -12.11 7.04
CA PHE D 214 1.05 -12.27 8.30
C PHE D 214 0.28 -13.60 8.30
N ASP D 216 1.83 -16.60 6.94
CA ASP D 216 2.79 -17.70 6.80
C ASP D 216 2.89 -18.52 8.10
N SER D 217 2.38 -18.01 9.22
CA SER D 217 2.46 -18.77 10.51
C SER D 217 1.07 -19.05 11.07
N LYS D 219 -0.79 -21.53 10.74
CA LYS D 219 -1.01 -22.92 11.13
C LYS D 219 -1.13 -22.97 12.66
N SER D 220 -0.67 -21.90 13.32
CA SER D 220 -0.59 -21.82 14.81
C SER D 220 -1.83 -21.11 15.38
N ASP D 221 -2.88 -20.91 14.58
CA ASP D 221 -4.07 -20.15 15.05
C ASP D 221 -4.97 -21.06 15.89
N GLY D 223 -3.57 -22.52 18.51
CA GLY D 223 -2.69 -22.60 19.66
C GLY D 223 -3.46 -22.61 20.96
N GLY D 224 -4.55 -21.84 21.03
CA GLY D 224 -5.37 -21.81 22.25
C GLY D 224 -5.92 -23.19 22.57
N ALA D 225 -6.46 -23.86 21.55
CA ALA D 225 -7.03 -25.22 21.70
C ALA D 225 -5.96 -26.16 22.26
N ALA D 226 -4.74 -26.11 21.71
CA ALA D 226 -3.65 -27.02 22.13
C ALA D 226 -3.27 -26.75 23.58
N THR D 227 -3.22 -25.48 23.97
CA THR D 227 -2.76 -25.06 25.32
C THR D 227 -3.75 -25.53 26.40
N VAL D 228 -5.06 -25.33 26.21
CA VAL D 228 -6.06 -25.78 27.24
C VAL D 228 -6.07 -27.31 27.29
N THR D 229 -5.85 -27.97 26.14
CA THR D 229 -5.78 -29.46 26.07
C THR D 229 -4.57 -29.93 26.88
N GLY D 230 -3.38 -29.38 26.58
CA GLY D 230 -2.16 -29.75 27.31
C GLY D 230 -2.30 -29.43 28.78
N ALA D 231 -2.96 -28.31 29.07
CA ALA D 231 -3.19 -27.86 30.47
C ALA D 231 -4.00 -28.92 31.24
N LEU D 232 -5.05 -29.46 30.60
CA LEU D 232 -5.90 -30.47 31.28
C LEU D 232 -5.08 -31.76 31.48
N ALA D 233 -4.30 -32.14 30.47
CA ALA D 233 -3.46 -33.35 30.56
C ALA D 233 -2.45 -33.16 31.69
N PHE D 234 -1.79 -32.00 31.69
CA PHE D 234 -0.73 -31.74 32.70
C PHE D 234 -1.37 -31.71 34.09
N ALA D 235 -2.54 -31.04 34.22
CA ALA D 235 -3.27 -30.98 35.51
C ALA D 235 -3.48 -32.40 36.05
N ILE D 236 -3.91 -33.31 35.17
CA ILE D 236 -4.18 -34.71 35.58
C ILE D 236 -2.89 -35.36 36.12
N THR D 237 -1.75 -35.16 35.45
CA THR D 237 -0.45 -35.73 35.96
C THR D 237 -0.09 -35.10 37.31
N ARG D 238 -0.66 -33.94 37.64
CA ARG D 238 -0.40 -33.22 38.92
C ARG D 238 -1.43 -33.64 39.99
N GLY D 239 -2.30 -34.59 39.67
CA GLY D 239 -3.29 -35.13 40.64
C GLY D 239 -4.62 -34.38 40.63
N LEU D 240 -5.07 -33.86 39.48
CA LEU D 240 -6.40 -33.20 39.40
C LEU D 240 -7.49 -34.23 39.72
N ASN D 241 -8.32 -33.95 40.72
CA ASN D 241 -9.36 -34.91 41.18
C ASN D 241 -10.74 -34.24 41.19
N LYS D 242 -10.97 -33.31 40.26
CA LYS D 242 -12.28 -32.60 40.15
C LYS D 242 -12.76 -32.65 38.70
N ARG D 243 -14.08 -32.57 38.49
CA ARG D 243 -14.68 -32.69 37.14
C ARG D 243 -14.40 -31.41 36.33
N VAL D 244 -13.68 -31.56 35.22
CA VAL D 244 -13.34 -30.45 34.29
C VAL D 244 -13.80 -30.82 32.88
N LYS D 245 -14.51 -29.92 32.20
CA LYS D 245 -14.94 -30.16 30.80
C LYS D 245 -14.06 -29.32 29.86
N LEU D 246 -13.71 -29.89 28.71
CA LEU D 246 -12.86 -29.19 27.69
C LEU D 246 -13.69 -29.02 26.41
N PHE D 247 -13.70 -27.79 25.86
CA PHE D 247 -14.44 -27.49 24.60
C PHE D 247 -13.48 -26.89 23.57
N LEU D 248 -13.27 -27.59 22.45
CA LEU D 248 -12.38 -27.09 21.38
C LEU D 248 -13.23 -26.75 20.16
N CYS D 249 -13.25 -25.47 19.77
CA CYS D 249 -13.99 -25.02 18.56
C CYS D 249 -13.02 -25.00 17.37
N CYS D 250 -12.95 -26.11 16.64
CA CYS D 250 -11.92 -26.33 15.59
C CYS D 250 -12.49 -26.14 14.18
N ALA D 251 -11.83 -25.32 13.36
CA ALA D 251 -12.29 -25.08 11.98
C ALA D 251 -11.17 -24.42 11.15
N ASP D 252 -11.33 -24.38 9.83
CA ASP D 252 -10.41 -23.63 8.94
C ASP D 252 -11.13 -22.36 8.48
N ASN D 253 -10.44 -21.23 8.46
CA ASN D 253 -11.02 -19.98 7.91
C ASN D 253 -10.46 -19.81 6.48
N LEU D 254 -11.17 -20.35 5.49
CA LEU D 254 -10.68 -20.38 4.08
C LEU D 254 -11.68 -19.66 3.16
N ILE D 255 -11.29 -19.50 1.89
CA ILE D 255 -12.10 -18.79 0.86
C ILE D 255 -12.66 -19.83 -0.11
N SER D 256 -13.98 -19.81 -0.33
CA SER D 256 -14.64 -20.71 -1.31
C SER D 256 -15.94 -20.06 -1.77
N GLY D 257 -16.78 -20.79 -2.52
CA GLY D 257 -18.09 -20.26 -2.95
C GLY D 257 -19.13 -20.42 -1.86
N ASN D 258 -18.70 -20.95 -0.71
CA ASN D 258 -19.57 -21.25 0.45
C ASN D 258 -19.10 -20.46 1.67
N ALA D 259 -17.93 -19.81 1.58
CA ALA D 259 -17.33 -19.05 2.71
C ALA D 259 -18.22 -17.87 3.12
N PHE D 260 -18.25 -17.56 4.42
CA PHE D 260 -19.13 -16.49 4.96
C PHE D 260 -18.64 -15.13 4.46
N LYS D 261 -19.59 -14.21 4.29
CA LYS D 261 -19.37 -12.90 3.62
C LYS D 261 -19.59 -11.75 4.61
N LEU D 262 -18.97 -10.59 4.34
CA LEU D 262 -19.18 -9.37 5.16
C LEU D 262 -20.66 -8.97 5.08
N GLY D 263 -21.25 -8.54 6.20
CA GLY D 263 -22.68 -8.19 6.27
C GLY D 263 -23.52 -9.36 6.77
N ASP D 264 -23.01 -10.59 6.67
CA ASP D 264 -23.76 -11.77 7.17
C ASP D 264 -24.00 -11.59 8.68
N ILE D 265 -25.22 -11.86 9.13
CA ILE D 265 -25.56 -11.76 10.58
C ILE D 265 -25.69 -13.18 11.14
N ILE D 266 -24.91 -13.49 12.18
CA ILE D 266 -24.91 -14.83 12.83
C ILE D 266 -25.76 -14.75 14.10
N THR D 267 -26.82 -15.55 14.16
CA THR D 267 -27.71 -15.62 15.36
C THR D 267 -27.23 -16.76 16.25
N TYR D 268 -26.82 -16.44 17.49
CA TYR D 268 -26.33 -17.49 18.42
C TYR D 268 -27.52 -18.06 19.21
N ARG D 269 -27.27 -19.11 19.99
CA ARG D 269 -28.33 -19.80 20.78
C ARG D 269 -28.80 -18.96 21.97
N ASN D 270 -28.05 -17.91 22.35
CA ASN D 270 -28.42 -17.06 23.51
C ASN D 270 -29.14 -15.78 23.04
N GLY D 271 -29.44 -15.67 21.74
CA GLY D 271 -30.21 -14.54 21.19
C GLY D 271 -29.33 -13.48 20.54
N LYS D 272 -28.03 -13.47 20.86
CA LYS D 272 -27.11 -12.43 20.32
C LYS D 272 -27.04 -12.54 18.79
N LYS D 273 -27.14 -11.39 18.11
CA LYS D 273 -27.00 -11.27 16.63
C LYS D 273 -25.70 -10.51 16.34
N VAL D 274 -24.78 -11.11 15.58
CA VAL D 274 -23.46 -10.48 15.33
C VAL D 274 -23.30 -10.20 13.84
N GLU D 275 -23.03 -8.94 13.47
CA GLU D 275 -22.75 -8.62 12.04
C GLU D 275 -21.26 -8.87 11.79
N VAL D 276 -20.93 -9.61 10.72
CA VAL D 276 -19.51 -9.88 10.36
C VAL D 276 -19.03 -8.73 9.47
N ASN D 278 -15.53 -8.16 9.38
CA ASN D 278 -14.16 -8.57 9.10
C ASN D 278 -14.07 -10.09 9.30
N THR D 279 -13.98 -10.84 8.20
CA THR D 279 -13.96 -12.33 8.28
C THR D 279 -12.69 -12.81 8.97
N ASP D 280 -11.71 -11.90 9.15
CA ASP D 280 -10.41 -12.27 9.80
C ASP D 280 -10.57 -12.19 11.33
N ALA D 281 -11.68 -11.62 11.80
CA ALA D 281 -12.01 -11.61 13.25
C ALA D 281 -12.93 -12.80 13.53
N GLU D 282 -12.50 -13.99 13.11
CA GLU D 282 -13.29 -15.24 13.17
C GLU D 282 -13.09 -15.96 14.51
N GLY D 283 -11.94 -15.75 15.17
CA GLY D 283 -11.62 -16.47 16.43
C GLY D 283 -12.66 -16.24 17.52
N ARG D 284 -13.19 -15.03 17.61
CA ARG D 284 -14.18 -14.68 18.66
C ARG D 284 -15.55 -15.26 18.26
N LEU D 285 -15.75 -15.47 16.96
CA LEU D 285 -17.03 -16.01 16.44
C LEU D 285 -17.17 -17.48 16.89
N VAL D 286 -16.06 -18.24 16.85
CA VAL D 286 -16.05 -19.68 17.20
C VAL D 286 -16.02 -19.86 18.74
N LEU D 287 -15.24 -19.03 19.44
CA LEU D 287 -15.19 -19.10 20.94
C LEU D 287 -16.59 -18.87 21.51
N ALA D 288 -17.32 -17.91 20.94
CA ALA D 288 -18.70 -17.57 21.40
C ALA D 288 -19.51 -18.84 21.62
N ASP D 289 -19.47 -19.77 20.66
CA ASP D 289 -20.23 -21.05 20.77
C ASP D 289 -19.64 -21.88 21.92
N GLY D 290 -18.31 -21.85 22.10
CA GLY D 290 -17.66 -22.60 23.18
C GLY D 290 -18.02 -22.05 24.54
N LEU D 291 -18.11 -20.73 24.66
CA LEU D 291 -18.42 -20.05 25.96
C LEU D 291 -19.88 -20.31 26.36
N ILE D 292 -20.81 -20.39 25.39
CA ILE D 292 -22.24 -20.69 25.70
C ILE D 292 -22.34 -22.06 26.38
N ASP D 293 -21.70 -23.08 25.78
CA ASP D 293 -21.72 -24.46 26.34
C ASP D 293 -21.03 -24.47 27.71
N ALA D 294 -19.90 -23.76 27.84
CA ALA D 294 -19.15 -23.66 29.12
C ALA D 294 -20.07 -23.07 30.21
N SER D 295 -20.86 -22.05 29.86
CA SER D 295 -21.76 -21.38 30.85
C SER D 295 -22.89 -22.30 31.27
N ALA D 296 -23.46 -23.07 30.33
CA ALA D 296 -24.59 -24.00 30.60
C ALA D 296 -24.22 -24.97 31.72
N GLN D 297 -22.93 -25.32 31.84
CA GLN D 297 -22.42 -26.26 32.89
C GLN D 297 -22.40 -25.53 34.24
N LYS D 298 -22.61 -24.21 34.23
CA LYS D 298 -22.59 -23.34 35.45
C LYS D 298 -21.46 -23.80 36.36
N PRO D 299 -20.19 -23.68 35.89
CA PRO D 299 -19.02 -24.13 36.65
C PRO D 299 -18.51 -23.09 37.65
N GLU D 300 -17.49 -23.47 38.41
CA GLU D 300 -16.88 -22.58 39.43
C GLU D 300 -15.99 -21.56 38.72
N ILE D 302 -14.37 -20.52 34.46
CA ILE D 302 -14.27 -20.74 33.02
C ILE D 302 -12.98 -20.07 32.53
N ILE D 303 -12.16 -20.81 31.79
CA ILE D 303 -10.86 -20.30 31.26
C ILE D 303 -10.85 -20.47 29.74
N ASP D 304 -10.95 -19.38 28.98
CA ASP D 304 -10.84 -19.53 27.50
C ASP D 304 -9.45 -19.05 27.07
N ALA D 305 -8.81 -19.76 26.13
CA ALA D 305 -7.48 -19.40 25.61
C ALA D 305 -7.53 -19.34 24.07
N ALA D 306 -6.90 -18.32 23.48
CA ALA D 306 -6.97 -18.14 22.01
C ALA D 306 -5.88 -17.20 21.50
N THR D 307 -5.28 -17.56 20.35
CA THR D 307 -4.38 -16.64 19.58
C THR D 307 -5.31 -15.70 18.82
N LEU D 308 -5.85 -14.70 19.51
CA LEU D 308 -7.05 -13.98 19.02
C LEU D 308 -6.71 -12.72 18.22
N THR D 309 -5.78 -11.89 18.71
CA THR D 309 -5.52 -10.57 18.07
C THR D 309 -4.03 -10.24 18.02
N GLY D 310 -3.63 -9.48 17.00
CA GLY D 310 -2.26 -8.92 16.92
C GLY D 310 -2.10 -7.74 17.89
N ALA D 311 -3.23 -7.22 18.41
CA ALA D 311 -3.23 -6.11 19.38
C ALA D 311 -2.54 -6.53 20.69
N ALA D 312 -2.86 -7.72 21.20
CA ALA D 312 -2.22 -8.24 22.44
C ALA D 312 -0.71 -8.35 22.23
N LYS D 313 -0.28 -8.61 21.00
CA LYS D 313 1.17 -8.73 20.67
C LYS D 313 1.79 -7.33 20.60
N THR D 314 1.01 -6.32 20.26
CA THR D 314 1.52 -4.92 20.24
C THR D 314 1.67 -4.46 21.69
N ALA D 315 0.81 -4.95 22.58
CA ALA D 315 0.77 -4.55 24.01
C ALA D 315 1.86 -5.27 24.82
N LEU D 316 2.09 -6.56 24.56
CA LEU D 316 2.98 -7.36 25.42
C LEU D 316 4.07 -8.05 24.59
N GLY D 317 4.09 -7.83 23.28
CA GLY D 317 5.03 -8.56 22.41
C GLY D 317 4.75 -10.05 22.45
N ASN D 318 5.78 -10.88 22.29
CA ASN D 318 5.64 -12.36 22.47
C ASN D 318 6.17 -12.74 23.87
N ASP D 319 6.40 -11.75 24.74
CA ASP D 319 7.09 -11.93 26.05
C ASP D 319 6.07 -12.28 27.16
N TYR D 320 4.80 -11.90 27.00
CA TYR D 320 3.76 -12.26 28.02
C TYR D 320 2.46 -12.73 27.35
N HIS D 321 1.67 -13.54 28.06
CA HIS D 321 0.28 -13.85 27.69
C HIS D 321 -0.63 -12.74 28.21
N ALA D 322 -1.66 -12.35 27.44
CA ALA D 322 -2.64 -11.31 27.85
C ALA D 322 -3.76 -11.95 28.68
N LEU D 323 -4.01 -11.43 29.89
CA LEU D 323 -5.10 -11.93 30.77
C LEU D 323 -6.22 -10.87 30.84
N PHE D 324 -7.46 -11.30 30.59
CA PHE D 324 -8.65 -10.40 30.67
C PHE D 324 -9.68 -11.02 31.62
N SER D 325 -10.35 -10.19 32.42
CA SER D 325 -11.36 -10.69 33.39
C SER D 325 -12.03 -9.52 34.12
N PHE D 326 -13.27 -9.73 34.59
CA PHE D 326 -13.96 -8.74 35.46
C PHE D 326 -13.74 -9.17 36.92
N ASP D 327 -13.18 -10.36 37.10
CA ASP D 327 -12.99 -10.98 38.44
C ASP D 327 -11.55 -10.76 38.92
N ASP D 328 -11.34 -9.76 39.78
CA ASP D 328 -9.98 -9.43 40.31
C ASP D 328 -9.41 -10.60 41.12
N ALA D 329 -10.23 -11.21 41.99
CA ALA D 329 -9.78 -12.34 42.83
C ALA D 329 -9.23 -13.48 41.95
N LEU D 330 -9.99 -13.86 40.91
CA LEU D 330 -9.61 -15.01 40.03
C LEU D 330 -8.37 -14.65 39.21
N ALA D 331 -8.32 -13.45 38.62
CA ALA D 331 -7.15 -12.96 37.84
C ALA D 331 -5.89 -13.06 38.72
N GLY D 332 -6.01 -12.63 39.98
CA GLY D 332 -4.88 -12.66 40.93
C GLY D 332 -4.40 -14.08 41.19
N ARG D 333 -5.32 -15.05 41.11
CA ARG D 333 -4.96 -16.48 41.35
C ARG D 333 -4.22 -17.01 40.12
N LEU D 334 -4.58 -16.57 38.91
CA LEU D 334 -3.85 -17.05 37.70
C LEU D 334 -2.45 -16.44 37.70
N LEU D 335 -2.32 -15.17 38.11
CA LEU D 335 -0.99 -14.51 38.18
C LEU D 335 -0.14 -15.20 39.24
N ALA D 336 -0.77 -15.62 40.34
CA ALA D 336 -0.11 -16.35 41.45
C ALA D 336 0.34 -17.73 40.95
N SER D 337 -0.44 -18.33 40.04
CA SER D 337 -0.09 -19.64 39.42
C SER D 337 1.09 -19.45 38.46
N ALA D 338 1.07 -18.35 37.71
CA ALA D 338 2.11 -18.07 36.70
C ALA D 338 3.45 -17.85 37.41
N ALA D 339 3.42 -17.22 38.59
CA ALA D 339 4.64 -16.99 39.41
C ALA D 339 5.19 -18.32 39.94
N GLN D 340 4.31 -19.23 40.35
CA GLN D 340 4.75 -20.56 40.87
C GLN D 340 5.35 -21.40 39.73
N GLU D 341 4.83 -21.22 38.50
CA GLU D 341 5.21 -22.07 37.34
C GLU D 341 6.19 -21.31 36.43
N ASN D 342 6.66 -20.13 36.84
CA ASN D 342 7.68 -19.37 36.08
C ASN D 342 7.22 -19.14 34.63
N GLU D 343 5.98 -18.70 34.45
CA GLU D 343 5.41 -18.41 33.10
C GLU D 343 4.97 -16.95 33.06
N PRO D 344 5.15 -16.25 31.90
CA PRO D 344 4.80 -14.84 31.78
C PRO D 344 3.33 -14.52 31.39
N PHE D 345 2.65 -13.76 32.25
CA PHE D 345 1.25 -13.28 32.06
C PHE D 345 1.14 -11.81 32.48
N TRP D 346 0.46 -10.99 31.67
CA TRP D 346 0.17 -9.58 32.03
C TRP D 346 -1.32 -9.31 31.87
N ARG D 347 -1.92 -8.58 32.82
CA ARG D 347 -3.38 -8.28 32.73
C ARG D 347 -3.59 -7.03 31.90
N LEU D 348 -4.54 -7.07 30.97
CA LEU D 348 -4.91 -5.89 30.13
C LEU D 348 -6.36 -5.52 30.43
N PRO D 349 -6.80 -4.29 30.08
CA PRO D 349 -8.11 -3.80 30.49
C PRO D 349 -9.34 -4.54 29.95
N LEU D 350 -10.32 -4.74 30.84
CA LEU D 350 -11.66 -5.27 30.50
C LEU D 350 -12.67 -4.63 31.46
N ALA D 351 -13.46 -3.67 30.96
CA ALA D 351 -14.47 -2.94 31.75
C ALA D 351 -15.83 -2.98 31.04
N GLU D 352 -16.89 -2.61 31.75
N GLU D 352 -16.89 -2.60 31.74
CA GLU D 352 -18.28 -2.64 31.22
CA GLU D 352 -18.28 -2.65 31.20
C GLU D 352 -18.37 -1.86 29.89
C GLU D 352 -18.38 -1.86 29.89
N PHE D 353 -17.59 -0.79 29.74
CA PHE D 353 -17.68 0.07 28.52
C PHE D 353 -17.13 -0.66 27.28
N HIS D 354 -16.27 -1.65 27.45
CA HIS D 354 -15.73 -2.41 26.27
C HIS D 354 -16.84 -3.23 25.60
N ARG D 355 -17.91 -3.55 26.35
CA ARG D 355 -19.04 -4.38 25.84
C ARG D 355 -19.82 -3.62 24.76
N SER D 356 -19.70 -2.29 24.71
CA SER D 356 -20.46 -1.47 23.74
C SER D 356 -19.49 -0.71 22.80
N GLN D 357 -18.25 -1.19 22.68
CA GLN D 357 -17.22 -0.59 21.78
C GLN D 357 -17.13 -1.39 20.46
N LEU D 358 -18.19 -2.14 20.13
CA LEU D 358 -18.28 -2.87 18.85
C LEU D 358 -19.61 -2.53 18.20
N PRO D 359 -19.83 -1.24 17.85
CA PRO D 359 -21.10 -0.81 17.25
C PRO D 359 -21.31 -1.32 15.82
N SER D 360 -22.54 -1.76 15.53
CA SER D 360 -22.96 -2.17 14.16
C SER D 360 -24.23 -1.39 13.79
N ASN D 361 -24.35 -0.99 12.52
CA ASN D 361 -25.57 -0.27 12.06
C ASN D 361 -26.72 -1.26 11.83
N PHE D 362 -26.40 -2.57 11.76
CA PHE D 362 -27.42 -3.57 11.33
C PHE D 362 -27.67 -4.68 12.37
N ALA D 363 -26.94 -4.70 13.50
CA ALA D 363 -27.15 -5.77 14.50
C ALA D 363 -26.71 -5.31 15.90
N GLU D 364 -27.03 -6.09 16.93
CA GLU D 364 -26.71 -5.80 18.35
C GLU D 364 -25.19 -5.64 18.52
N LEU D 365 -24.42 -6.56 17.93
CA LEU D 365 -22.94 -6.55 18.04
C LEU D 365 -22.28 -6.58 16.66
N ASN D 366 -21.07 -6.03 16.60
CA ASN D 366 -20.16 -6.11 15.43
C ASN D 366 -19.01 -7.04 15.84
N ASN D 367 -18.41 -7.77 14.90
CA ASN D 367 -17.29 -8.70 15.27
C ASN D 367 -15.97 -7.92 15.27
N THR D 368 -15.96 -6.68 14.76
CA THR D 368 -14.70 -5.88 14.70
C THR D 368 -14.85 -4.59 15.50
N GLY D 369 -13.73 -3.89 15.72
CA GLY D 369 -13.73 -2.57 16.38
C GLY D 369 -13.73 -1.46 15.35
N SER D 370 -13.48 -0.22 15.78
CA SER D 370 -13.44 0.94 14.86
C SER D 370 -12.20 1.81 15.17
N ALA D 371 -12.04 2.90 14.43
CA ALA D 371 -10.93 3.85 14.69
C ALA D 371 -11.06 4.41 16.11
N ALA D 372 -12.30 4.76 16.50
CA ALA D 372 -12.62 5.40 17.81
C ALA D 372 -12.27 4.48 18.98
N TYR D 373 -12.29 3.15 18.77
CA TYR D 373 -12.00 2.17 19.85
C TYR D 373 -10.97 1.18 19.33
N PRO D 374 -9.67 1.55 19.29
CA PRO D 374 -8.62 0.71 18.71
C PRO D 374 -7.97 -0.33 19.63
N ALA D 375 -8.47 -0.49 20.87
CA ALA D 375 -7.95 -1.51 21.80
C ALA D 375 -8.47 -2.89 21.38
N GLY D 376 -7.87 -3.47 20.32
CA GLY D 376 -8.33 -4.72 19.69
C GLY D 376 -8.50 -5.85 20.68
N ALA D 377 -7.55 -6.00 21.61
CA ALA D 377 -7.58 -7.11 22.59
C ALA D 377 -8.66 -6.87 23.65
N SER D 378 -8.88 -5.60 24.01
CA SER D 378 -9.94 -5.26 25.01
C SER D 378 -11.34 -5.36 24.38
N THR D 379 -11.49 -4.94 23.13
CA THR D 379 -12.83 -5.00 22.45
C THR D 379 -13.19 -6.46 22.13
N ALA D 380 -12.18 -7.29 21.84
CA ALA D 380 -12.43 -8.74 21.60
C ALA D 380 -12.88 -9.40 22.92
N ALA D 381 -12.21 -9.07 24.03
CA ALA D 381 -12.60 -9.61 25.36
C ALA D 381 -14.00 -9.12 25.72
N GLY D 382 -14.33 -7.88 25.31
CA GLY D 382 -15.67 -7.31 25.56
C GLY D 382 -16.74 -8.02 24.75
N PHE D 383 -16.38 -8.45 23.54
CA PHE D 383 -17.31 -9.21 22.66
C PHE D 383 -17.65 -10.56 23.31
N LEU D 384 -16.61 -11.27 23.77
CA LEU D 384 -16.71 -12.62 24.37
C LEU D 384 -17.54 -12.60 25.65
N SER D 385 -17.58 -11.47 26.35
CA SER D 385 -18.34 -11.32 27.62
C SER D 385 -19.84 -11.46 27.35
N HIS D 386 -20.26 -11.19 26.11
CA HIS D 386 -21.69 -11.30 25.70
C HIS D 386 -22.12 -12.76 25.60
N PHE D 387 -21.18 -13.71 25.75
CA PHE D 387 -21.50 -15.16 25.59
C PHE D 387 -21.21 -15.92 26.89
N VAL D 388 -21.01 -15.18 27.98
CA VAL D 388 -20.86 -15.79 29.33
C VAL D 388 -21.95 -15.19 30.23
N GLU D 389 -22.90 -16.02 30.69
CA GLU D 389 -24.04 -15.51 31.51
C GLU D 389 -23.52 -14.70 32.70
N ASN D 390 -22.73 -15.33 33.57
CA ASN D 390 -22.11 -14.67 34.75
C ASN D 390 -20.72 -14.17 34.34
N TYR D 391 -20.66 -13.16 33.48
CA TYR D 391 -19.37 -12.65 32.91
C TYR D 391 -18.58 -11.86 33.97
N GLN D 392 -19.27 -11.35 34.99
CA GLN D 392 -18.64 -10.49 36.03
C GLN D 392 -17.84 -11.32 37.03
N GLN D 393 -18.06 -12.65 37.07
CA GLN D 393 -17.43 -13.58 38.06
C GLN D 393 -17.07 -14.92 37.41
N GLY D 394 -15.93 -15.50 37.82
CA GLY D 394 -15.54 -16.87 37.44
C GLY D 394 -15.18 -17.04 35.98
N TRP D 395 -14.77 -15.97 35.28
CA TRP D 395 -14.41 -16.09 33.84
C TRP D 395 -13.05 -15.43 33.55
N LEU D 396 -12.13 -16.19 32.96
CA LEU D 396 -10.81 -15.68 32.50
C LEU D 396 -10.72 -15.83 30.98
N HIS D 397 -10.25 -14.78 30.30
CA HIS D 397 -9.94 -14.86 28.86
C HIS D 397 -8.43 -14.68 28.69
N ILE D 398 -7.80 -15.51 27.87
CA ILE D 398 -6.32 -15.41 27.65
C ILE D 398 -6.06 -15.21 26.15
N ASP D 399 -5.54 -14.04 25.77
CA ASP D 399 -5.06 -13.79 24.38
C ASP D 399 -3.61 -14.30 24.36
N CYS D 400 -3.37 -15.41 23.67
CA CYS D 400 -2.09 -16.18 23.76
C CYS D 400 -0.97 -15.53 22.94
N SER D 401 -0.56 -14.32 23.34
CA SER D 401 0.49 -13.54 22.63
C SER D 401 1.89 -14.19 22.78
N ALA D 402 2.07 -15.11 23.74
CA ALA D 402 3.39 -15.71 24.00
C ALA D 402 3.44 -17.18 23.54
N THR D 403 2.48 -17.59 22.72
CA THR D 403 2.40 -19.00 22.24
C THR D 403 3.37 -19.25 21.08
N TYR D 404 3.45 -18.34 20.12
CA TYR D 404 4.24 -18.60 18.88
C TYR D 404 5.31 -17.51 18.67
N ARG D 405 6.47 -17.93 18.17
CA ARG D 405 7.63 -17.05 17.83
C ARG D 405 7.91 -17.18 16.33
N LYS D 406 7.48 -16.20 15.52
CA LYS D 406 7.66 -16.27 14.05
C LYS D 406 9.15 -16.50 13.70
N ALA D 407 10.07 -15.97 14.52
CA ALA D 407 11.51 -16.15 14.28
C ALA D 407 12.21 -16.53 15.57
N PRO D 408 13.38 -17.21 15.51
CA PRO D 408 14.13 -17.59 16.71
C PRO D 408 14.66 -16.35 17.46
N VAL D 409 14.66 -16.42 18.80
CA VAL D 409 15.21 -15.34 19.66
C VAL D 409 16.23 -15.94 20.65
N GLU D 410 16.58 -15.20 21.70
CA GLU D 410 17.65 -15.60 22.64
C GLU D 410 17.35 -16.96 23.28
N GLN D 411 16.11 -17.13 23.78
CA GLN D 411 15.78 -18.33 24.60
C GLN D 411 14.80 -19.26 23.87
N TRP D 412 14.33 -18.89 22.67
CA TRP D 412 13.33 -19.72 21.95
C TRP D 412 13.74 -19.96 20.49
N SER D 413 13.63 -21.20 20.05
CA SER D 413 13.71 -21.53 18.60
C SER D 413 12.46 -20.96 17.94
N ALA D 414 12.38 -20.98 16.61
CA ALA D 414 11.14 -20.54 15.93
C ALA D 414 9.98 -21.44 16.38
N GLY D 415 8.75 -20.91 16.29
CA GLY D 415 7.54 -21.75 16.50
C GLY D 415 7.01 -21.68 17.92
N ALA D 416 6.20 -22.68 18.28
CA ALA D 416 5.47 -22.71 19.57
C ALA D 416 6.43 -22.85 20.75
N THR D 417 6.06 -22.24 21.87
CA THR D 417 6.86 -22.18 23.13
C THR D 417 6.30 -23.18 24.14
N GLY D 418 4.98 -23.39 24.12
CA GLY D 418 4.30 -24.26 25.10
C GLY D 418 3.93 -23.51 26.37
N LEU D 419 4.15 -22.19 26.40
CA LEU D 419 3.86 -21.38 27.62
C LEU D 419 2.35 -21.32 27.84
N GLY D 420 1.94 -21.40 29.12
CA GLY D 420 0.51 -21.32 29.53
C GLY D 420 0.01 -22.64 30.11
N VAL D 421 0.60 -23.76 29.68
CA VAL D 421 0.16 -25.12 30.11
C VAL D 421 0.30 -25.27 31.64
N ARG D 422 1.45 -24.88 32.20
CA ARG D 422 1.71 -25.05 33.65
C ARG D 422 0.80 -24.13 34.45
N THR D 423 0.63 -22.89 34.00
CA THR D 423 -0.17 -21.87 34.74
C THR D 423 -1.62 -22.36 34.90
N ILE D 424 -2.27 -22.70 33.79
CA ILE D 424 -3.70 -23.15 33.82
C ILE D 424 -3.79 -24.45 34.62
N ALA D 425 -2.80 -25.34 34.46
CA ALA D 425 -2.78 -26.64 35.17
C ALA D 425 -2.70 -26.42 36.68
N ASN D 426 -1.86 -25.47 37.10
CA ASN D 426 -1.65 -25.14 38.53
C ASN D 426 -2.94 -24.54 39.11
N LEU D 427 -3.62 -23.70 38.32
CA LEU D 427 -4.86 -23.01 38.78
C LEU D 427 -5.95 -24.05 39.04
N LEU D 428 -5.99 -25.11 38.20
CA LEU D 428 -7.02 -26.17 38.28
C LEU D 428 -6.78 -27.07 39.49
N THR D 429 -5.51 -27.22 39.91
CA THR D 429 -5.13 -28.15 41.01
C THR D 429 -5.05 -27.42 42.35
N ALA D 430 -4.97 -26.08 42.34
CA ALA D 430 -4.84 -25.29 43.59
C ALA D 430 -6.05 -25.55 44.49
N ASN E 2 -25.31 37.88 15.76
CA ASN E 2 -25.82 36.72 16.54
C ASN E 2 -26.89 37.22 17.50
N ALA E 3 -28.03 36.51 17.55
CA ALA E 3 -29.15 36.87 18.45
C ALA E 3 -28.81 36.45 19.89
N THR E 5 -28.47 34.70 23.09
CA THR E 5 -28.78 33.34 23.49
C THR E 5 -29.47 33.37 24.86
N GLU E 6 -30.31 32.36 25.16
CA GLU E 6 -31.04 32.30 26.45
C GLU E 6 -30.67 31.01 27.18
N ALA E 7 -30.62 31.08 28.51
CA ALA E 7 -30.18 29.94 29.36
C ALA E 7 -31.24 28.84 29.40
N LYS E 9 -32.31 25.66 31.61
CA LYS E 9 -32.11 25.11 32.94
C LYS E 9 -31.85 23.60 32.85
N ILE E 10 -30.78 23.15 33.51
CA ILE E 10 -30.35 21.71 33.57
C ILE E 10 -30.47 21.24 35.03
N THR E 11 -31.48 20.41 35.35
CA THR E 11 -31.71 19.93 36.73
C THR E 11 -31.28 18.47 36.89
N LEU E 12 -31.09 18.03 38.14
CA LEU E 12 -30.69 16.64 38.48
C LEU E 12 -31.89 15.91 39.11
N SER E 13 -32.02 14.59 38.86
CA SER E 13 -33.16 13.80 39.38
C SER E 13 -32.76 12.31 39.48
N THR E 14 -33.13 11.66 40.60
CA THR E 14 -32.88 10.20 40.80
C THR E 14 -34.12 9.43 40.33
N GLN E 15 -35.10 10.14 39.75
CA GLN E 15 -36.31 9.54 39.16
C GLN E 15 -36.08 9.32 37.66
N PRO E 16 -36.43 8.14 37.10
CA PRO E 16 -36.25 7.88 35.68
C PRO E 16 -37.22 8.71 34.82
N ALA E 17 -36.86 8.96 33.56
CA ALA E 17 -37.74 9.72 32.63
C ALA E 17 -39.02 8.92 32.36
N ASP E 18 -40.04 9.56 31.79
CA ASP E 18 -41.33 8.87 31.50
C ASP E 18 -41.08 7.86 30.37
N ALA E 19 -42.11 7.11 29.96
CA ALA E 19 -41.96 6.03 28.96
C ALA E 19 -41.67 6.59 27.56
N ARG E 20 -42.23 7.77 27.21
CA ARG E 20 -42.06 8.39 25.87
C ARG E 20 -40.59 8.43 25.46
N TRP E 21 -39.69 8.61 26.43
CA TRP E 21 -38.23 8.76 26.16
C TRP E 21 -37.54 7.39 26.12
N GLY E 22 -37.63 6.63 27.21
CA GLY E 22 -36.97 5.31 27.29
C GLY E 22 -36.85 4.83 28.73
N GLU E 23 -36.77 3.51 28.92
CA GLU E 23 -36.66 2.88 30.26
C GLU E 23 -35.45 3.49 31.00
N LYS E 24 -34.27 3.43 30.37
CA LYS E 24 -33.01 3.97 30.96
C LYS E 24 -32.42 5.01 30.00
N ALA E 25 -33.03 6.21 29.99
CA ALA E 25 -32.55 7.38 29.21
C ALA E 25 -31.78 8.31 30.16
N THR E 26 -30.61 8.78 29.74
CA THR E 26 -29.72 9.61 30.61
C THR E 26 -30.31 11.02 30.81
N TYR E 27 -31.17 11.49 29.89
CA TYR E 27 -31.74 12.86 29.97
C TYR E 27 -33.14 12.91 29.36
N SER E 28 -33.97 13.85 29.84
CA SER E 28 -35.31 14.12 29.27
C SER E 28 -35.51 15.63 29.14
N ILE E 29 -36.35 16.07 28.20
CA ILE E 29 -36.58 17.53 27.97
C ILE E 29 -38.07 17.84 28.15
N ASN E 30 -38.40 18.65 29.16
CA ASN E 30 -39.80 19.11 29.40
C ASN E 30 -39.85 20.62 29.17
N ASN E 31 -40.81 21.32 29.80
CA ASN E 31 -41.00 22.77 29.55
C ASN E 31 -39.93 23.58 30.31
N ASP E 32 -39.82 23.37 31.62
CA ASP E 32 -38.88 24.15 32.50
C ASP E 32 -37.43 23.98 32.01
N GLY E 33 -37.14 22.90 31.28
CA GLY E 33 -35.79 22.71 30.71
C GLY E 33 -35.43 21.25 30.53
N ILE E 34 -34.15 20.92 30.76
CA ILE E 34 -33.61 19.54 30.56
C ILE E 34 -33.37 18.89 31.92
N THR E 35 -33.69 17.61 32.05
CA THR E 35 -33.51 16.86 33.33
C THR E 35 -32.54 15.71 33.10
N LEU E 36 -31.47 15.63 33.91
CA LEU E 36 -30.52 14.49 33.86
C LEU E 36 -30.99 13.43 34.85
N HIS E 37 -31.01 12.16 34.43
CA HIS E 37 -31.60 11.06 35.25
C HIS E 37 -30.50 10.16 35.81
N LEU E 38 -29.97 10.53 36.99
CA LEU E 38 -28.91 9.74 37.65
C LEU E 38 -29.50 8.41 38.14
N ASN E 39 -28.66 7.37 38.24
CA ASN E 39 -29.10 6.02 38.69
C ASN E 39 -28.16 5.50 39.79
N GLY E 40 -27.08 6.24 40.08
CA GLY E 40 -26.16 5.87 41.18
C GLY E 40 -25.04 4.93 40.74
N ALA E 41 -25.03 4.51 39.47
CA ALA E 41 -23.97 3.60 38.96
C ALA E 41 -22.69 4.40 38.71
N ASP E 42 -22.73 5.30 37.71
CA ASP E 42 -21.60 6.22 37.38
C ASP E 42 -22.22 7.57 36.99
N ASP E 43 -22.63 8.34 38.01
CA ASP E 43 -23.32 9.65 37.85
C ASP E 43 -22.41 10.64 37.12
N LEU E 44 -21.10 10.62 37.43
CA LEU E 44 -20.12 11.53 36.76
C LEU E 44 -20.05 11.19 35.27
N GLY E 45 -19.90 9.91 34.95
CA GLY E 45 -19.85 9.46 33.55
C GLY E 45 -21.13 9.79 32.81
N LEU E 46 -22.29 9.55 33.45
CA LEU E 46 -23.61 9.77 32.82
C LEU E 46 -23.80 11.26 32.52
N ILE E 47 -23.43 12.12 33.49
CA ILE E 47 -23.60 13.60 33.34
C ILE E 47 -22.73 14.10 32.18
N GLN E 48 -21.48 13.63 32.12
CA GLN E 48 -20.52 14.06 31.07
C GLN E 48 -21.08 13.62 29.71
N ARG E 49 -21.65 12.42 29.63
CA ARG E 49 -22.21 11.90 28.35
C ARG E 49 -23.48 12.69 28.00
N ALA E 50 -24.31 13.01 29.00
CA ALA E 50 -25.52 13.82 28.76
C ALA E 50 -25.10 15.19 28.21
N ALA E 51 -24.07 15.78 28.82
CA ALA E 51 -23.55 17.11 28.41
C ALA E 51 -23.15 17.08 26.93
N ARG E 52 -22.41 16.05 26.53
CA ARG E 52 -21.99 15.89 25.10
C ARG E 52 -23.23 15.97 24.20
N LYS E 53 -24.28 15.22 24.53
CA LYS E 53 -25.50 15.17 23.69
C LYS E 53 -26.16 16.56 23.65
N ILE E 54 -26.25 17.24 24.79
CA ILE E 54 -26.89 18.58 24.86
C ILE E 54 -26.16 19.53 23.89
N ASP E 55 -24.84 19.40 23.76
CA ASP E 55 -24.06 20.21 22.79
C ASP E 55 -24.59 19.93 21.37
N GLY E 56 -24.83 18.65 21.06
CA GLY E 56 -25.32 18.22 19.74
C GLY E 56 -26.73 18.71 19.44
N LEU E 57 -27.40 19.33 20.42
CA LEU E 57 -28.79 19.85 20.21
C LEU E 57 -28.73 21.31 19.76
N GLY E 58 -27.52 21.90 19.74
CA GLY E 58 -27.32 23.31 19.35
C GLY E 58 -27.56 24.28 20.49
N ILE E 59 -27.82 23.76 21.70
CA ILE E 59 -28.05 24.60 22.90
C ILE E 59 -26.71 25.15 23.40
N LYS E 60 -26.46 26.45 23.20
CA LYS E 60 -25.15 27.08 23.51
C LYS E 60 -25.16 27.76 24.89
N HIS E 61 -26.33 27.90 25.53
CA HIS E 61 -26.42 28.58 26.86
C HIS E 61 -27.17 27.67 27.84
N VAL E 62 -26.47 27.19 28.89
CA VAL E 62 -27.13 26.32 29.91
C VAL E 62 -26.99 26.96 31.30
N GLN E 63 -27.87 26.54 32.22
CA GLN E 63 -27.84 26.98 33.65
C GLN E 63 -28.06 25.76 34.55
N LEU E 64 -27.02 25.32 35.26
CA LEU E 64 -27.16 24.18 36.20
C LEU E 64 -27.96 24.66 37.42
N SER E 65 -29.27 24.38 37.44
CA SER E 65 -30.14 24.84 38.57
C SER E 65 -30.56 23.65 39.45
N GLY E 66 -31.19 23.94 40.59
CA GLY E 66 -31.63 22.90 41.54
C GLY E 66 -30.50 22.44 42.46
N GLU E 67 -30.84 21.66 43.48
CA GLU E 67 -29.86 21.11 44.45
C GLU E 67 -29.12 19.94 43.78
N GLY E 68 -28.07 19.42 44.44
CA GLY E 68 -27.37 18.21 43.96
C GLY E 68 -26.07 18.50 43.23
N TRP E 69 -25.88 19.72 42.72
CA TRP E 69 -24.64 20.10 41.98
C TRP E 69 -23.47 20.34 42.94
N ASP E 70 -22.41 19.53 42.84
CA ASP E 70 -21.14 19.74 43.59
C ASP E 70 -20.04 20.07 42.58
N ALA E 71 -18.77 20.14 43.03
CA ALA E 71 -17.65 20.51 42.14
C ALA E 71 -17.48 19.46 41.03
N ASP E 72 -17.46 18.17 41.41
CA ASP E 72 -17.21 17.06 40.44
C ASP E 72 -18.32 17.03 39.39
N ARG E 73 -19.58 17.14 39.80
CA ARG E 73 -20.73 17.03 38.86
C ARG E 73 -20.74 18.22 37.89
N CYS E 74 -20.38 19.42 38.38
CA CYS E 74 -20.27 20.60 37.48
C CYS E 74 -19.14 20.36 36.48
N TRP E 75 -17.95 20.03 37.02
CA TRP E 75 -16.75 19.74 36.18
C TRP E 75 -17.08 18.62 35.20
N ALA E 76 -17.71 17.56 35.70
CA ALA E 76 -18.10 16.41 34.84
C ALA E 76 -18.92 16.93 33.66
N PHE E 77 -19.88 17.82 33.93
CA PHE E 77 -20.76 18.38 32.87
C PHE E 77 -19.93 19.17 31.87
N TRP E 78 -19.14 20.13 32.36
CA TRP E 78 -18.35 21.02 31.48
C TRP E 78 -17.39 20.20 30.60
N GLN E 79 -16.75 19.17 31.17
CA GLN E 79 -15.78 18.31 30.44
C GLN E 79 -16.41 17.80 29.13
N GLY E 80 -17.71 17.47 29.17
CA GLY E 80 -18.43 16.92 28.00
C GLY E 80 -19.04 18.01 27.14
N TYR E 81 -19.41 19.15 27.75
CA TYR E 81 -20.08 20.27 27.03
C TYR E 81 -19.08 21.02 26.17
N LYS E 82 -17.84 21.13 26.67
CA LYS E 82 -16.77 21.93 25.99
C LYS E 82 -16.43 21.29 24.64
N ALA E 83 -16.34 22.12 23.59
CA ALA E 83 -15.95 21.69 22.24
C ALA E 83 -15.13 22.78 21.56
N PRO E 84 -14.21 22.44 20.64
CA PRO E 84 -13.33 23.43 20.01
C PRO E 84 -14.03 24.39 19.03
N LYS E 85 -15.30 24.14 18.68
CA LYS E 85 -16.08 25.03 17.79
C LYS E 85 -17.27 25.62 18.56
N GLY E 86 -17.64 26.86 18.23
CA GLY E 86 -18.78 27.57 18.84
C GLY E 86 -18.40 28.11 20.20
N THR E 87 -19.19 29.07 20.71
CA THR E 87 -18.94 29.66 22.05
C THR E 87 -20.07 29.22 22.97
N ARG E 88 -19.74 28.78 24.19
CA ARG E 88 -20.74 28.23 25.14
C ARG E 88 -20.70 28.99 26.47
N LYS E 89 -21.86 29.44 26.93
CA LYS E 89 -22.01 30.14 28.23
C LYS E 89 -22.59 29.13 29.23
N VAL E 90 -21.99 29.03 30.42
CA VAL E 90 -22.49 28.09 31.48
C VAL E 90 -22.69 28.86 32.78
N VAL E 91 -23.95 29.09 33.17
CA VAL E 91 -24.26 29.75 34.48
C VAL E 91 -24.09 28.69 35.57
N TRP E 92 -23.09 28.85 36.45
CA TRP E 92 -22.82 27.87 37.52
C TRP E 92 -23.86 28.01 38.64
N PRO E 93 -24.07 26.96 39.47
CA PRO E 93 -24.98 27.03 40.60
C PRO E 93 -24.29 27.58 41.86
N ASP E 94 -25.06 27.76 42.94
CA ASP E 94 -24.51 28.25 44.24
C ASP E 94 -23.66 27.15 44.87
N LEU E 95 -22.34 27.38 44.96
CA LEU E 95 -21.38 26.44 45.58
C LEU E 95 -20.67 27.13 46.75
N ASP E 96 -20.19 26.35 47.73
CA ASP E 96 -19.41 26.94 48.85
C ASP E 96 -18.05 27.37 48.27
N ASP E 97 -17.32 28.22 49.01
CA ASP E 97 -16.03 28.79 48.53
C ASP E 97 -15.07 27.66 48.08
N ALA E 98 -14.97 26.57 48.86
CA ALA E 98 -14.05 25.45 48.55
C ALA E 98 -14.40 24.83 47.19
N GLN E 99 -15.65 24.35 47.03
CA GLN E 99 -16.14 23.71 45.78
C GLN E 99 -15.91 24.63 44.58
N ARG E 100 -16.26 25.91 44.70
CA ARG E 100 -16.14 26.86 43.56
C ARG E 100 -14.65 27.12 43.27
N GLN E 101 -13.83 27.24 44.31
CA GLN E 101 -12.37 27.49 44.11
C GLN E 101 -11.77 26.27 43.40
N GLU E 102 -12.22 25.07 43.75
CA GLU E 102 -11.72 23.81 43.14
C GLU E 102 -12.14 23.80 41.66
N LEU E 103 -13.42 24.07 41.39
CA LEU E 103 -13.95 24.13 40.00
C LEU E 103 -13.17 25.19 39.19
N ASP E 104 -13.01 26.39 39.76
CA ASP E 104 -12.32 27.52 39.07
C ASP E 104 -10.88 27.15 38.72
N ASN E 105 -10.21 26.39 39.59
CA ASN E 105 -8.81 25.96 39.35
C ASN E 105 -8.78 25.01 38.14
N ARG E 106 -9.69 24.03 38.11
CA ARG E 106 -9.78 23.06 36.98
C ARG E 106 -10.11 23.81 35.68
N LEU E 107 -11.01 24.80 35.74
CA LEU E 107 -11.44 25.57 34.54
C LEU E 107 -10.26 26.36 33.95
N ILE E 109 -6.77 25.76 34.58
CA ILE E 109 -5.58 24.98 34.26
C ILE E 109 -5.90 23.83 33.30
N ILE E 110 -6.87 22.97 33.62
CA ILE E 110 -7.13 21.77 32.76
C ILE E 110 -7.64 22.21 31.38
N ASP E 111 -8.38 23.31 31.29
CA ASP E 111 -8.85 23.82 29.96
C ASP E 111 -7.65 24.43 29.21
N TRP E 112 -6.69 25.01 29.93
CA TRP E 112 -5.45 25.52 29.31
C TRP E 112 -4.75 24.36 28.62
N VAL E 113 -4.69 23.20 29.30
CA VAL E 113 -4.08 21.97 28.70
C VAL E 113 -4.85 21.64 27.42
N ARG E 114 -6.19 21.64 27.49
CA ARG E 114 -7.04 21.30 26.31
C ARG E 114 -6.81 22.31 25.17
N ASP E 115 -6.90 23.62 25.46
CA ASP E 115 -6.79 24.68 24.42
C ASP E 115 -5.38 24.71 23.82
N THR E 116 -4.35 24.62 24.67
CA THR E 116 -2.93 24.68 24.22
C THR E 116 -2.63 23.48 23.30
N ILE E 117 -3.10 22.29 23.67
CA ILE E 117 -2.88 21.07 22.84
C ILE E 117 -3.68 21.18 21.55
N ASN E 118 -4.90 21.75 21.61
CA ASN E 118 -5.79 21.89 20.43
C ASN E 118 -5.31 23.01 19.50
N ALA E 119 -4.39 23.86 19.98
CA ALA E 119 -3.92 25.01 19.18
C ALA E 119 -3.20 24.50 17.92
N PRO E 120 -3.45 25.14 16.76
CA PRO E 120 -2.71 24.81 15.54
C PRO E 120 -1.20 24.94 15.73
N ALA E 121 -0.40 24.12 15.04
CA ALA E 121 1.07 24.18 15.16
C ALA E 121 1.59 25.58 14.78
N GLU E 122 0.97 26.18 13.75
CA GLU E 122 1.34 27.53 13.26
C GLU E 122 1.35 28.53 14.43
N GLU E 123 0.38 28.42 15.33
CA GLU E 123 0.21 29.39 16.45
C GLU E 123 1.05 28.97 17.67
N LEU E 124 1.39 27.69 17.79
CA LEU E 124 2.14 27.22 18.98
C LEU E 124 3.43 26.51 18.55
N GLY E 125 4.50 27.27 18.32
CA GLY E 125 5.84 26.72 18.05
C GLY E 125 6.59 26.46 19.34
N PRO E 126 7.82 25.90 19.29
CA PRO E 126 8.59 25.61 20.51
C PRO E 126 8.70 26.79 21.48
N SER E 127 8.96 27.99 20.97
CA SER E 127 9.09 29.20 21.81
C SER E 127 7.75 29.57 22.46
N GLN E 128 6.64 29.49 21.71
CA GLN E 128 5.30 29.84 22.27
C GLN E 128 4.92 28.86 23.38
N LEU E 129 5.24 27.57 23.19
CA LEU E 129 4.90 26.53 24.21
C LEU E 129 5.67 26.82 25.50
N ALA E 130 6.97 27.09 25.37
CA ALA E 130 7.84 27.36 26.54
C ALA E 130 7.35 28.61 27.29
N GLN E 131 6.98 29.66 26.55
CA GLN E 131 6.57 30.95 27.15
C GLN E 131 5.19 30.81 27.82
N ARG E 132 4.25 30.09 27.18
CA ARG E 132 2.89 29.93 27.73
C ARG E 132 2.95 29.07 29.01
N ALA E 133 3.91 28.14 29.06
CA ALA E 133 4.09 27.29 30.26
C ALA E 133 4.59 28.16 31.41
N VAL E 134 5.49 29.10 31.11
CA VAL E 134 6.02 30.05 32.14
C VAL E 134 4.85 30.92 32.62
N ASP E 135 4.08 31.47 31.67
CA ASP E 135 2.91 32.36 31.97
C ASP E 135 1.94 31.65 32.91
N LEU E 136 1.64 30.36 32.66
CA LEU E 136 0.64 29.62 33.48
C LEU E 136 1.16 29.47 34.91
N ILE E 137 2.32 28.82 35.06
CA ILE E 137 2.90 28.49 36.39
C ILE E 137 3.18 29.78 37.17
N SER E 138 3.77 30.80 36.53
CA SER E 138 4.11 32.07 37.24
C SER E 138 2.86 32.89 37.57
N ASN E 139 1.68 32.44 37.12
CA ASN E 139 0.41 33.16 37.42
C ASN E 139 -0.21 32.60 38.71
N VAL E 140 0.36 31.52 39.26
CA VAL E 140 -0.16 30.89 40.51
C VAL E 140 1.00 30.75 41.52
N ALA E 141 2.25 30.78 41.03
CA ALA E 141 3.45 30.63 41.90
C ALA E 141 3.98 32.02 42.29
N GLY E 142 3.87 33.01 41.38
CA GLY E 142 4.33 34.38 41.65
C GLY E 142 5.84 34.49 41.66
N ASP E 143 6.41 34.80 42.84
CA ASP E 143 7.88 35.01 42.99
C ASP E 143 8.58 33.68 43.31
N ARG E 144 7.81 32.61 43.54
CA ARG E 144 8.40 31.31 43.96
C ARG E 144 8.84 30.51 42.72
N VAL E 145 8.73 31.10 41.52
CA VAL E 145 9.08 30.38 40.26
C VAL E 145 10.19 31.12 39.51
N THR E 146 11.27 30.40 39.18
CA THR E 146 12.37 30.89 38.31
C THR E 146 12.47 29.94 37.10
N TYR E 147 13.09 30.38 36.01
CA TYR E 147 13.18 29.54 34.79
C TYR E 147 14.34 29.99 33.89
N ARG E 148 14.85 29.08 33.07
CA ARG E 148 15.87 29.38 32.03
C ARG E 148 15.41 28.76 30.71
N ILE E 149 15.64 29.46 29.59
CA ILE E 149 15.25 28.96 28.24
C ILE E 149 16.52 28.82 27.38
N THR E 150 16.86 27.58 27.04
CA THR E 150 18.02 27.26 26.15
C THR E 150 17.47 26.87 24.77
N LYS E 151 17.83 27.59 23.71
CA LYS E 151 17.24 27.28 22.39
C LYS E 151 18.26 27.45 21.26
N GLY E 152 17.95 26.88 20.10
CA GLY E 152 18.76 27.00 18.88
C GLY E 152 20.18 26.46 19.06
N GLU E 153 21.15 27.15 18.46
CA GLU E 153 22.57 26.73 18.44
C GLU E 153 23.08 26.41 19.86
N ASP E 154 22.53 27.04 20.90
CA ASP E 154 23.04 26.85 22.29
C ASP E 154 22.83 25.40 22.74
N LEU E 155 21.73 24.76 22.35
CA LEU E 155 21.48 23.35 22.71
C LEU E 155 22.63 22.48 22.17
N ARG E 156 23.07 22.73 20.92
CA ARG E 156 24.16 21.95 20.29
C ARG E 156 25.45 22.15 21.10
N GLU E 157 25.77 23.42 21.39
CA GLU E 157 27.01 23.84 22.09
C GLU E 157 27.08 23.22 23.50
N GLN E 158 25.92 22.98 24.13
CA GLN E 158 25.87 22.49 25.54
C GLN E 158 25.64 20.97 25.59
N GLY E 159 25.60 20.31 24.42
CA GLY E 159 25.53 18.83 24.35
C GLY E 159 24.12 18.26 24.29
N TYR E 160 23.09 19.09 24.07
CA TYR E 160 21.67 18.60 24.00
C TYR E 160 21.38 18.04 22.61
N GLY E 162 20.14 15.33 21.49
CA GLY E 162 18.88 14.66 21.23
C GLY E 162 17.82 15.66 20.75
N LEU E 163 17.66 16.76 21.49
CA LEU E 163 16.63 17.77 21.20
C LEU E 163 17.05 18.60 19.98
N HIS E 164 18.34 18.91 19.86
CA HIS E 164 18.83 19.74 18.72
C HIS E 164 18.67 18.97 17.41
N THR E 165 19.18 17.74 17.36
CA THR E 165 19.14 16.91 16.12
C THR E 165 17.69 16.76 15.64
N VAL E 166 16.75 16.52 16.56
CA VAL E 166 15.32 16.34 16.18
C VAL E 166 14.76 17.66 15.64
N GLY E 167 15.13 18.79 16.26
CA GLY E 167 14.47 20.08 15.98
C GLY E 167 15.15 20.93 14.91
N ARG E 168 16.39 20.64 14.53
CA ARG E 168 17.14 21.57 13.63
C ARG E 168 16.56 21.55 12.21
N GLY E 169 15.59 20.68 11.94
CA GLY E 169 14.97 20.63 10.59
C GLY E 169 13.97 21.75 10.40
N SER E 170 13.54 22.37 11.50
CA SER E 170 12.47 23.41 11.48
C SER E 170 13.06 24.83 11.47
N GLU E 171 12.39 25.76 10.78
CA GLU E 171 12.75 27.21 10.82
C GLU E 171 12.63 27.72 12.25
N ARG E 172 11.75 27.08 13.03
CA ARG E 172 11.48 27.43 14.45
C ARG E 172 12.45 26.62 15.32
N SER E 173 13.47 27.29 15.88
CA SER E 173 14.55 26.65 16.68
C SER E 173 13.97 25.80 17.80
N PRO E 174 14.61 24.66 18.13
CA PRO E 174 14.19 23.86 19.29
C PRO E 174 14.47 24.63 20.58
N VAL E 175 13.65 24.37 21.60
CA VAL E 175 13.70 25.09 22.91
C VAL E 175 13.69 24.06 24.05
N LEU E 176 14.52 24.29 25.07
CA LEU E 176 14.48 23.50 26.33
C LEU E 176 14.05 24.44 27.46
N LEU E 177 12.90 24.17 28.10
CA LEU E 177 12.49 24.98 29.28
C LEU E 177 12.94 24.26 30.56
N ALA E 178 13.71 24.95 31.39
CA ALA E 178 14.15 24.44 32.71
C ALA E 178 13.55 25.35 33.79
N LEU E 179 12.27 25.14 34.09
CA LEU E 179 11.55 25.95 35.11
C LEU E 179 11.78 25.33 36.49
N ASP E 180 11.84 26.16 37.53
CA ASP E 180 12.11 25.71 38.92
C ASP E 180 11.10 26.34 39.88
N TYR E 181 10.21 25.53 40.45
CA TYR E 181 9.27 26.02 41.50
C TYR E 181 9.91 25.75 42.87
N ASN E 182 10.40 26.81 43.52
CA ASN E 182 11.16 26.71 44.81
C ASN E 182 10.48 27.59 45.86
N PRO E 183 9.58 27.02 46.69
CA PRO E 183 8.86 27.80 47.70
C PRO E 183 9.69 28.52 48.77
N THR E 184 10.53 27.78 49.52
CA THR E 184 11.30 28.37 50.65
C THR E 184 12.42 29.29 50.14
N GLY E 185 12.60 29.40 48.82
CA GLY E 185 13.63 30.29 48.24
C GLY E 185 15.03 29.71 48.33
N ASP E 186 15.34 28.98 49.41
CA ASP E 186 16.67 28.36 49.62
C ASP E 186 17.08 27.60 48.36
N LYS E 187 18.13 28.08 47.68
CA LYS E 187 18.62 27.49 46.40
C LYS E 187 19.19 26.10 46.66
N GLU E 188 19.45 25.78 47.94
CA GLU E 188 20.01 24.46 48.36
C GLU E 188 18.88 23.49 48.75
N ALA E 189 17.63 23.95 48.75
CA ALA E 189 16.47 23.10 49.13
C ALA E 189 16.46 21.83 48.29
N PRO E 190 16.16 20.65 48.88
CA PRO E 190 16.14 19.40 48.14
C PRO E 190 15.05 19.40 47.05
N VAL E 191 15.40 18.99 45.83
CA VAL E 191 14.39 18.88 44.72
C VAL E 191 13.54 17.65 45.01
N TYR E 192 12.24 17.84 45.21
CA TYR E 192 11.32 16.71 45.55
C TYR E 192 10.93 15.93 44.29
N ALA E 193 10.54 16.65 43.23
CA ALA E 193 10.11 15.98 41.99
C ALA E 193 10.69 16.66 40.76
N CYS E 194 10.81 15.90 39.67
CA CYS E 194 11.24 16.44 38.35
C CYS E 194 10.24 15.97 37.29
N LEU E 195 9.47 16.91 36.74
CA LEU E 195 8.50 16.62 35.67
C LEU E 195 9.23 16.81 34.33
N VAL E 196 9.16 15.81 33.43
CA VAL E 196 9.77 15.93 32.08
C VAL E 196 8.66 15.76 31.04
N GLY E 197 8.65 16.56 29.98
CA GLY E 197 7.53 16.51 29.02
C GLY E 197 7.98 16.62 27.57
N LYS E 198 7.43 15.76 26.72
CA LYS E 198 7.64 15.83 25.26
C LYS E 198 6.77 16.96 24.70
N GLY E 199 7.43 17.98 24.12
CA GLY E 199 6.71 19.12 23.53
C GLY E 199 6.98 19.23 22.03
N ILE E 200 6.65 18.19 21.26
CA ILE E 200 6.80 18.30 19.78
C ILE E 200 5.58 19.08 19.27
N THR E 201 5.80 20.33 18.86
CA THR E 201 4.71 21.25 18.47
C THR E 201 4.08 20.81 17.15
N PHE E 202 4.82 20.01 16.36
CA PHE E 202 4.24 19.37 15.15
C PHE E 202 5.12 18.19 14.72
N ASP E 203 4.50 17.05 14.39
CA ASP E 203 5.29 15.85 14.03
C ASP E 203 4.96 15.42 12.61
N SER E 204 5.78 15.86 11.64
CA SER E 204 5.61 15.40 10.23
C SER E 204 6.11 13.97 10.13
N GLY E 205 6.90 13.54 11.12
CA GLY E 205 7.54 12.21 11.14
C GLY E 205 8.99 12.29 10.65
N GLY E 206 9.36 13.43 10.05
CA GLY E 206 10.71 13.59 9.48
C GLY E 206 10.83 12.88 8.14
N TYR E 207 12.04 12.42 7.78
CA TYR E 207 12.22 11.72 6.48
C TYR E 207 11.43 10.41 6.50
N SER E 208 11.18 9.88 7.70
CA SER E 208 10.24 8.75 7.89
C SER E 208 8.83 9.33 7.85
N ILE E 209 8.51 10.04 6.76
CA ILE E 209 7.28 10.89 6.64
C ILE E 209 6.02 10.07 6.92
N LYS E 210 5.08 10.67 7.64
CA LYS E 210 3.79 10.02 8.01
C LYS E 210 2.79 10.09 6.86
N GLN E 211 1.75 9.27 6.95
CA GLN E 211 0.58 9.31 6.04
C GLN E 211 -0.36 10.42 6.57
N THR E 212 -1.02 11.16 5.68
CA THR E 212 -1.89 12.32 6.06
C THR E 212 -2.88 11.93 7.17
N ALA E 213 -3.49 10.75 7.08
CA ALA E 213 -4.51 10.30 8.06
C ALA E 213 -3.94 10.25 9.49
N PHE E 214 -2.62 10.18 9.63
CA PHE E 214 -1.97 10.05 10.97
C PHE E 214 -1.33 11.37 11.41
N ASP E 216 -2.64 14.44 10.61
CA ASP E 216 -3.63 15.51 10.65
C ASP E 216 -3.94 15.95 12.09
N SER E 217 -3.36 15.27 13.09
CA SER E 217 -3.60 15.65 14.51
C SER E 217 -2.28 15.76 15.26
N LYS E 219 -0.35 18.18 15.66
CA LYS E 219 -0.19 19.41 16.42
C LYS E 219 -0.25 19.07 17.91
N SER E 220 -0.85 17.91 18.24
CA SER E 220 -1.07 17.47 19.64
C SER E 220 0.10 16.63 20.15
N ASP E 221 1.23 16.63 19.44
CA ASP E 221 2.37 15.77 19.85
C ASP E 221 3.15 16.45 20.97
N GLY E 223 1.45 17.04 23.96
CA GLY E 223 0.49 16.85 25.03
C GLY E 223 1.19 16.58 26.35
N GLY E 224 2.15 15.66 26.36
CA GLY E 224 2.94 15.36 27.57
C GLY E 224 3.48 16.65 28.18
N ALA E 225 4.05 17.53 27.36
CA ALA E 225 4.59 18.82 27.83
C ALA E 225 3.48 19.62 28.50
N ALA E 226 2.31 19.71 27.85
CA ALA E 226 1.18 20.51 28.35
C ALA E 226 0.57 19.86 29.60
N THR E 227 0.64 18.53 29.70
CA THR E 227 0.04 17.79 30.83
C THR E 227 0.88 17.98 32.10
N VAL E 228 2.23 17.90 32.00
CA VAL E 228 3.08 18.04 33.22
C VAL E 228 3.12 19.51 33.64
N THR E 229 3.02 20.44 32.69
CA THR E 229 2.98 21.90 33.02
C THR E 229 1.72 22.19 33.84
N GLY E 230 0.57 21.74 33.34
CA GLY E 230 -0.72 21.90 34.05
C GLY E 230 -0.71 21.18 35.39
N ALA E 231 -0.08 20.00 35.44
CA ALA E 231 0.02 19.19 36.69
C ALA E 231 0.72 20.00 37.78
N LEU E 232 1.80 20.69 37.43
CA LEU E 232 2.54 21.57 38.39
C LEU E 232 1.63 22.73 38.81
N ALA E 233 1.05 23.44 37.83
CA ALA E 233 0.15 24.59 38.09
C ALA E 233 -1.00 24.17 39.01
N PHE E 234 -1.66 23.06 38.69
CA PHE E 234 -2.80 22.55 39.50
C PHE E 234 -2.30 22.12 40.87
N ALA E 235 -1.13 21.46 40.93
CA ALA E 235 -0.53 21.02 42.21
C ALA E 235 -0.30 22.24 43.12
N ILE E 236 0.16 23.34 42.55
CA ILE E 236 0.43 24.58 43.35
C ILE E 236 -0.89 25.07 43.94
N THR E 237 -1.96 25.14 43.14
CA THR E 237 -3.30 25.58 43.65
C THR E 237 -3.80 24.61 44.73
N ARG E 238 -3.30 23.37 44.73
CA ARG E 238 -3.66 22.35 45.75
C ARG E 238 -2.78 22.49 47.00
N GLY E 239 -1.85 23.45 46.99
CA GLY E 239 -1.00 23.75 48.16
C GLY E 239 0.32 23.00 48.13
N LEU E 240 0.92 22.82 46.95
CA LEU E 240 2.25 22.16 46.83
C LEU E 240 3.28 23.04 47.54
N ASN E 241 3.91 22.52 48.60
CA ASN E 241 4.87 23.32 49.41
C ASN E 241 6.26 22.67 49.34
N LYS E 242 6.57 21.99 48.22
CA LYS E 242 7.91 21.36 48.04
C LYS E 242 8.50 21.80 46.69
N ARG E 243 9.83 21.72 46.55
CA ARG E 243 10.53 22.18 45.32
C ARG E 243 10.29 21.17 44.19
N VAL E 244 9.86 21.67 43.02
CA VAL E 244 9.63 20.81 41.82
C VAL E 244 10.24 21.51 40.60
N LYS E 245 11.05 20.78 39.83
CA LYS E 245 11.64 21.34 38.58
C LYS E 245 10.90 20.74 37.38
N LEU E 246 10.65 21.59 36.38
CA LEU E 246 9.94 21.19 35.13
C LEU E 246 10.93 21.28 33.96
N PHE E 247 10.94 20.26 33.09
CA PHE E 247 11.77 20.26 31.86
C PHE E 247 10.87 19.99 30.64
N LEU E 248 10.74 20.98 29.75
CA LEU E 248 9.96 20.78 28.50
C LEU E 248 10.92 20.74 27.31
N CYS E 249 11.11 19.57 26.71
CA CYS E 249 11.92 19.40 25.48
C CYS E 249 11.03 19.73 24.27
N CYS E 250 11.12 20.97 23.77
CA CYS E 250 10.19 21.51 22.73
C CYS E 250 10.89 21.61 21.37
N ALA E 251 10.23 21.12 20.31
CA ALA E 251 10.80 21.17 18.94
C ALA E 251 9.76 20.75 17.89
N ASP E 252 9.98 21.12 16.62
CA ASP E 252 9.17 20.61 15.50
C ASP E 252 9.95 19.47 14.84
N ASN E 253 9.28 18.39 14.42
CA ASN E 253 9.97 17.30 13.67
C ASN E 253 9.61 17.45 12.19
N LEU E 254 10.35 18.29 11.45
CA LEU E 254 10.00 18.62 10.05
C LEU E 254 11.08 18.13 9.08
N ILE E 255 10.85 18.36 7.79
CA ILE E 255 11.73 17.90 6.67
C ILE E 255 12.39 19.13 6.03
N SER E 256 13.72 19.13 5.94
CA SER E 256 14.48 20.23 5.31
C SER E 256 15.82 19.69 4.79
N GLY E 257 16.66 20.56 4.21
CA GLY E 257 18.00 20.13 3.76
C GLY E 257 18.94 19.99 4.94
N ASN E 258 18.41 20.18 6.15
CA ASN E 258 19.19 20.18 7.40
C ASN E 258 18.61 19.14 8.38
N ALA E 259 17.43 18.59 8.07
CA ALA E 259 16.74 17.62 8.95
C ALA E 259 17.62 16.38 9.17
N PHE E 260 17.47 15.72 10.33
CA PHE E 260 18.32 14.54 10.68
C PHE E 260 17.93 13.36 9.80
N LYS E 261 18.86 12.41 9.68
CA LYS E 261 18.76 11.34 8.65
C LYS E 261 18.86 9.95 9.30
N LEU E 262 18.31 8.94 8.62
CA LEU E 262 18.39 7.53 9.08
C LEU E 262 19.85 7.09 9.05
N GLY E 263 20.31 6.41 10.11
CA GLY E 263 21.71 5.97 10.23
C GLY E 263 22.52 6.93 11.08
N ASP E 264 22.01 8.14 11.31
CA ASP E 264 22.74 9.16 12.13
C ASP E 264 22.90 8.61 13.55
N ILE E 265 24.05 8.87 14.16
CA ILE E 265 24.30 8.43 15.57
C ILE E 265 24.36 9.67 16.46
N ILE E 266 23.42 9.77 17.41
CA ILE E 266 23.36 10.87 18.41
C ILE E 266 24.18 10.47 19.65
N THR E 267 25.11 11.32 20.07
CA THR E 267 25.90 11.05 21.31
C THR E 267 25.37 11.93 22.43
N TYR E 268 24.74 11.32 23.44
CA TYR E 268 24.19 12.06 24.60
C TYR E 268 25.30 12.34 25.62
N ARG E 269 25.02 13.18 26.61
CA ARG E 269 26.03 13.63 27.61
C ARG E 269 26.40 12.47 28.56
N ASN E 270 25.51 11.49 28.76
CA ASN E 270 25.81 10.34 29.67
C ASN E 270 26.61 9.27 28.91
N GLY E 271 27.07 9.58 27.69
CA GLY E 271 27.96 8.71 26.91
C GLY E 271 27.24 7.68 26.05
N LYS E 272 25.90 7.67 26.06
CA LYS E 272 25.15 6.64 25.29
C LYS E 272 24.97 7.09 23.83
N LYS E 273 25.31 6.19 22.89
CA LYS E 273 25.20 6.45 21.43
C LYS E 273 23.92 5.76 20.91
N VAL E 274 23.08 6.51 20.19
CA VAL E 274 21.78 6.00 19.68
C VAL E 274 21.78 6.09 18.15
N GLU E 275 21.47 4.99 17.47
CA GLU E 275 21.35 5.01 15.99
C GLU E 275 19.90 5.34 15.65
N VAL E 276 19.68 6.31 14.76
CA VAL E 276 18.29 6.66 14.32
C VAL E 276 17.94 5.75 13.14
N ASN E 278 14.54 5.36 12.53
CA ASN E 278 13.21 5.85 12.21
C ASN E 278 13.09 7.27 12.80
N THR E 279 13.02 8.29 11.93
CA THR E 279 12.93 9.71 12.36
C THR E 279 11.59 9.96 13.06
N ASP E 280 10.63 9.05 12.92
CA ASP E 280 9.28 9.26 13.53
C ASP E 280 9.30 8.82 14.99
N ALA E 281 10.30 8.02 15.40
CA ALA E 281 10.52 7.68 16.82
C ALA E 281 11.39 8.79 17.44
N GLU E 282 10.96 10.05 17.26
CA GLU E 282 11.72 11.24 17.72
C GLU E 282 11.38 11.56 19.18
N GLY E 283 10.21 11.12 19.66
CA GLY E 283 9.78 11.45 21.03
C GLY E 283 10.82 11.04 22.06
N ARG E 284 11.34 9.83 21.93
CA ARG E 284 12.29 9.28 22.93
C ARG E 284 13.65 9.99 22.81
N LEU E 285 13.93 10.58 21.65
CA LEU E 285 15.24 11.25 21.40
C LEU E 285 15.31 12.56 22.20
N VAL E 286 14.19 13.30 22.27
CA VAL E 286 14.14 14.61 23.00
C VAL E 286 13.94 14.35 24.50
N LEU E 287 13.18 13.32 24.89
CA LEU E 287 12.97 13.02 26.33
C LEU E 287 14.31 12.68 26.98
N ALA E 288 15.10 11.84 26.31
CA ALA E 288 16.42 11.40 26.83
C ALA E 288 17.21 12.59 27.38
N ASP E 289 17.11 13.76 26.72
CA ASP E 289 17.85 14.97 27.17
C ASP E 289 17.21 15.54 28.44
N GLY E 290 15.87 15.53 28.52
CA GLY E 290 15.18 16.00 29.72
C GLY E 290 15.41 15.07 30.90
N LEU E 291 15.45 13.76 30.63
CA LEU E 291 15.63 12.72 31.68
C LEU E 291 17.04 12.81 32.27
N ILE E 292 18.05 13.17 31.47
CA ILE E 292 19.44 13.33 32.01
C ILE E 292 19.45 14.46 33.03
N ASP E 293 18.83 15.60 32.68
CA ASP E 293 18.76 16.81 33.55
C ASP E 293 17.95 16.48 34.81
N ALA E 294 16.84 15.77 34.65
CA ALA E 294 16.00 15.33 35.79
C ALA E 294 16.81 14.46 36.76
N SER E 295 17.55 13.48 36.23
CA SER E 295 18.38 12.57 37.08
C SER E 295 19.48 13.35 37.80
N ALA E 296 20.13 14.29 37.10
CA ALA E 296 21.27 15.06 37.67
C ALA E 296 20.84 15.72 38.99
N GLN E 297 19.64 16.30 39.03
CA GLN E 297 19.06 17.02 40.19
C GLN E 297 18.83 16.04 41.36
N LYS E 298 18.87 14.73 41.08
CA LYS E 298 18.67 13.64 42.07
C LYS E 298 17.44 13.92 42.92
N PRO E 299 16.23 13.94 42.32
CA PRO E 299 14.99 14.17 43.05
C PRO E 299 14.47 12.88 43.70
N GLU E 300 13.44 13.01 44.54
CA GLU E 300 12.80 11.85 45.22
C GLU E 300 12.03 11.01 44.19
N ILE E 302 10.91 11.06 39.64
CA ILE E 302 10.90 11.67 38.32
C ILE E 302 9.64 11.19 37.58
N ILE E 303 8.82 12.13 37.10
CA ILE E 303 7.61 11.79 36.30
C ILE E 303 7.79 12.36 34.89
N ASP E 304 7.58 11.52 33.87
CA ASP E 304 7.69 12.01 32.46
C ASP E 304 6.40 11.64 31.73
N ALA E 305 5.90 12.56 30.91
CA ALA E 305 4.68 12.39 30.10
C ALA E 305 5.00 12.63 28.62
N ALA E 306 4.44 11.82 27.74
CA ALA E 306 4.72 11.96 26.28
C ALA E 306 3.66 11.23 25.45
N THR E 307 3.12 11.91 24.44
CA THR E 307 2.27 11.24 23.42
C THR E 307 3.26 10.49 22.53
N LEU E 308 3.79 9.37 23.05
CA LEU E 308 5.02 8.74 22.52
C LEU E 308 4.70 7.72 21.41
N THR E 309 3.86 6.72 21.68
CA THR E 309 3.68 5.59 20.72
C THR E 309 2.21 5.33 20.41
N GLY E 310 1.95 4.73 19.24
CA GLY E 310 0.63 4.21 18.85
C GLY E 310 0.40 2.84 19.49
N ALA E 311 1.49 2.20 19.93
CA ALA E 311 1.42 0.87 20.60
C ALA E 311 0.58 0.96 21.87
N ALA E 312 0.70 2.05 22.63
CA ALA E 312 -0.08 2.26 23.87
C ALA E 312 -1.57 2.45 23.54
N LYS E 313 -1.86 3.15 22.43
CA LYS E 313 -3.27 3.38 21.98
C LYS E 313 -3.84 2.06 21.46
N THR E 314 -3.00 1.20 20.88
CA THR E 314 -3.44 -0.15 20.42
C THR E 314 -3.70 -1.05 21.63
N ALA E 315 -2.99 -0.84 22.74
CA ALA E 315 -3.12 -1.70 23.95
C ALA E 315 -4.23 -1.19 24.88
N LEU E 316 -4.36 0.13 25.03
CA LEU E 316 -5.32 0.71 26.01
C LEU E 316 -6.37 1.58 25.30
N GLY E 317 -6.23 1.80 24.00
CA GLY E 317 -7.16 2.70 23.29
C GLY E 317 -6.93 4.14 23.74
N ASN E 318 -7.97 4.98 23.64
CA ASN E 318 -7.93 6.38 24.14
C ASN E 318 -8.55 6.43 25.55
N ASP E 319 -8.80 5.25 26.16
CA ASP E 319 -9.55 5.15 27.45
C ASP E 319 -8.61 5.18 28.66
N TYR E 320 -7.31 4.91 28.50
CA TYR E 320 -6.36 4.91 29.65
C TYR E 320 -5.00 5.49 29.26
N HIS E 321 -4.34 6.13 30.24
CA HIS E 321 -2.91 6.50 30.10
C HIS E 321 -2.08 5.26 30.43
N ALA E 322 -1.05 4.97 29.63
CA ALA E 322 -0.16 3.82 29.91
C ALA E 322 0.87 4.22 30.97
N LEU E 323 0.98 3.44 32.05
CA LEU E 323 1.98 3.70 33.12
C LEU E 323 3.13 2.69 33.00
N PHE E 324 4.37 3.19 32.96
CA PHE E 324 5.59 2.35 32.91
C PHE E 324 6.50 2.69 34.08
N SER E 325 6.97 1.67 34.79
CA SER E 325 7.89 1.88 35.93
C SER E 325 8.51 0.55 36.35
N PHE E 326 9.68 0.60 36.98
CA PHE E 326 10.33 -0.57 37.63
C PHE E 326 9.98 -0.55 39.11
N ASP E 327 9.51 0.61 39.60
CA ASP E 327 9.18 0.83 41.03
C ASP E 327 7.70 0.48 41.28
N ASP E 328 7.45 -0.71 41.83
CA ASP E 328 6.06 -1.17 42.11
C ASP E 328 5.38 -0.22 43.10
N ALA E 329 6.10 0.17 44.16
CA ALA E 329 5.55 1.05 45.22
C ALA E 329 5.08 2.39 44.63
N LEU E 330 5.91 3.00 43.77
CA LEU E 330 5.63 4.35 43.20
C LEU E 330 4.49 4.26 42.18
N ALA E 331 4.50 3.21 41.35
CA ALA E 331 3.41 2.99 40.38
C ALA E 331 2.09 2.81 41.15
N GLY E 332 2.14 2.12 42.29
CA GLY E 332 0.97 1.90 43.15
C GLY E 332 0.38 3.21 43.63
N ARG E 333 1.25 4.15 44.02
CA ARG E 333 0.83 5.49 44.48
C ARG E 333 0.20 6.27 43.33
N LEU E 334 0.78 6.21 42.12
CA LEU E 334 0.19 6.98 40.98
C LEU E 334 -1.20 6.42 40.66
N LEU E 335 -1.36 5.10 40.72
CA LEU E 335 -2.68 4.47 40.46
C LEU E 335 -3.62 4.82 41.62
N ALA E 336 -3.08 4.94 42.83
CA ALA E 336 -3.87 5.34 44.02
C ALA E 336 -4.38 6.77 43.83
N SER E 337 -3.53 7.62 43.23
CA SER E 337 -3.88 9.04 42.95
C SER E 337 -4.93 9.11 41.85
N ALA E 338 -4.81 8.25 40.84
CA ALA E 338 -5.72 8.21 39.67
C ALA E 338 -7.14 7.86 40.13
N ALA E 339 -7.22 7.05 41.19
CA ALA E 339 -8.53 6.62 41.74
C ALA E 339 -9.23 7.81 42.43
N GLN E 340 -8.48 8.57 43.23
CA GLN E 340 -9.03 9.73 43.98
C GLN E 340 -9.42 10.88 43.04
N GLU E 341 -8.83 10.93 41.83
CA GLU E 341 -9.07 12.05 40.89
C GLU E 341 -9.96 11.60 39.73
N ASN E 342 -10.44 10.35 39.75
CA ASN E 342 -11.35 9.82 38.70
C ASN E 342 -10.72 9.99 37.31
N GLU E 343 -9.46 9.58 37.17
CA GLU E 343 -8.75 9.60 35.86
C GLU E 343 -8.26 8.18 35.55
N PRO E 344 -8.29 7.74 34.28
CA PRO E 344 -7.95 6.36 33.93
C PRO E 344 -6.48 6.08 33.61
N PHE E 345 -5.84 5.23 34.43
CA PHE E 345 -4.44 4.80 34.21
C PHE E 345 -4.41 3.26 34.20
N TRP E 346 -3.44 2.69 33.48
CA TRP E 346 -3.27 1.21 33.42
C TRP E 346 -1.78 0.90 33.23
N ARG E 347 -1.25 0.02 34.08
CA ARG E 347 0.20 -0.27 34.04
C ARG E 347 0.49 -1.28 32.93
N LEU E 348 1.42 -0.95 32.03
CA LEU E 348 1.90 -1.87 30.96
C LEU E 348 3.32 -2.32 31.32
N PRO E 349 3.80 -3.46 30.77
CA PRO E 349 5.06 -4.06 31.21
C PRO E 349 6.34 -3.25 30.98
N LEU E 350 7.27 -3.35 31.93
CA LEU E 350 8.64 -2.79 31.83
C LEU E 350 9.57 -3.67 32.68
N ALA E 351 10.50 -4.37 32.02
CA ALA E 351 11.42 -5.32 32.67
C ALA E 351 12.86 -5.10 32.15
N GLU E 352 13.84 -5.62 32.89
N GLU E 352 13.84 -5.62 32.89
CA GLU E 352 15.29 -5.44 32.55
CA GLU E 352 15.29 -5.47 32.56
C GLU E 352 15.56 -5.90 31.11
C GLU E 352 15.55 -5.89 31.11
N PHE E 353 14.70 -6.76 30.54
CA PHE E 353 14.95 -7.29 29.17
C PHE E 353 14.49 -6.29 28.10
N HIS E 354 13.59 -5.36 28.43
CA HIS E 354 13.14 -4.35 27.43
C HIS E 354 14.31 -3.40 27.12
N ARG E 355 15.30 -3.33 28.00
CA ARG E 355 16.48 -2.45 27.85
C ARG E 355 17.38 -2.94 26.70
N SER E 356 17.24 -4.21 26.31
CA SER E 356 18.07 -4.76 25.20
C SER E 356 17.18 -5.24 24.05
N GLN E 357 15.95 -4.71 23.97
CA GLN E 357 15.02 -5.05 22.86
C GLN E 357 15.07 -3.97 21.76
N LEU E 358 16.15 -3.19 21.72
CA LEU E 358 16.35 -2.18 20.64
C LEU E 358 17.76 -2.35 20.08
N PRO E 359 18.05 -3.49 19.42
CA PRO E 359 19.40 -3.75 18.89
C PRO E 359 19.73 -2.89 17.67
N SER E 360 21.03 -2.56 17.54
CA SER E 360 21.57 -1.76 16.41
C SER E 360 22.88 -2.41 15.95
N ASN E 361 23.15 -2.39 14.65
CA ASN E 361 24.40 -3.00 14.11
C ASN E 361 25.55 -1.98 14.18
N PHE E 362 25.26 -0.71 14.49
CA PHE E 362 26.28 0.36 14.40
C PHE E 362 26.40 1.17 15.70
N ALA E 363 25.52 0.95 16.68
CA ALA E 363 25.58 1.72 17.93
C ALA E 363 24.93 0.95 19.08
N GLU E 364 25.28 1.32 20.31
CA GLU E 364 24.79 0.66 21.56
C GLU E 364 23.27 0.52 21.52
N LEU E 365 22.56 1.61 21.18
CA LEU E 365 21.08 1.62 21.19
C LEU E 365 20.52 2.02 19.81
N ASN E 366 19.32 1.50 19.52
CA ASN E 366 18.50 1.88 18.34
C ASN E 366 17.36 2.75 18.87
N ASN E 367 16.75 3.59 18.02
CA ASN E 367 15.61 4.41 18.51
C ASN E 367 14.29 3.69 18.16
N THR E 368 14.36 2.47 17.62
CA THR E 368 13.15 1.73 17.18
C THR E 368 13.29 0.24 17.52
N GLY E 369 12.16 -0.44 17.72
CA GLY E 369 12.12 -1.89 18.00
C GLY E 369 12.19 -2.70 16.71
N SER E 370 12.10 -4.03 16.83
CA SER E 370 12.18 -4.95 15.67
C SER E 370 10.82 -5.64 15.44
N ALA E 371 10.80 -6.61 14.52
CA ALA E 371 9.59 -7.44 14.29
C ALA E 371 9.47 -8.45 15.44
N ALA E 372 10.63 -8.87 15.97
CA ALA E 372 10.72 -9.86 17.07
C ALA E 372 10.37 -9.21 18.41
N TYR E 373 10.43 -7.88 18.49
CA TYR E 373 10.12 -7.13 19.75
C TYR E 373 9.08 -6.05 19.44
N PRO E 374 7.80 -6.43 19.18
CA PRO E 374 6.79 -5.49 18.70
C PRO E 374 6.03 -4.69 19.76
N ALA E 375 6.35 -4.90 21.05
CA ALA E 375 5.72 -4.11 22.14
C ALA E 375 6.33 -2.70 22.12
N GLY E 376 5.86 -1.86 21.20
CA GLY E 376 6.39 -0.50 20.95
C GLY E 376 6.43 0.38 22.20
N ALA E 377 5.45 0.24 23.10
CA ALA E 377 5.35 1.13 24.28
C ALA E 377 6.34 0.64 25.36
N SER E 378 6.53 -0.68 25.47
CA SER E 378 7.49 -1.28 26.44
C SER E 378 8.93 -1.03 25.99
N THR E 379 9.24 -1.24 24.72
CA THR E 379 10.63 -1.02 24.21
C THR E 379 10.95 0.47 24.29
N ALA E 380 9.96 1.34 24.06
CA ALA E 380 10.19 2.80 24.17
C ALA E 380 10.53 3.15 25.62
N ALA E 381 9.74 2.63 26.58
CA ALA E 381 10.04 2.83 28.02
C ALA E 381 11.43 2.26 28.32
N GLY E 382 11.74 1.09 27.77
CA GLY E 382 13.05 0.46 27.98
C GLY E 382 14.17 1.34 27.44
N PHE E 383 13.90 2.09 26.37
CA PHE E 383 14.90 3.04 25.79
C PHE E 383 15.11 4.21 26.76
N LEU E 384 14.01 4.73 27.31
CA LEU E 384 14.07 5.90 28.23
C LEU E 384 14.82 5.52 29.52
N SER E 385 14.75 4.26 29.95
CA SER E 385 15.42 3.81 31.21
C SER E 385 16.94 3.98 31.11
N HIS E 386 17.48 4.03 29.88
CA HIS E 386 18.94 4.22 29.66
C HIS E 386 19.38 5.65 29.96
N PHE E 387 18.44 6.54 30.30
CA PHE E 387 18.76 7.99 30.50
C PHE E 387 18.33 8.42 31.90
N VAL E 388 17.91 7.46 32.73
CA VAL E 388 17.60 7.73 34.15
C VAL E 388 18.62 6.96 34.99
N GLU E 389 19.59 7.68 35.56
CA GLU E 389 20.74 7.05 36.30
C GLU E 389 20.22 5.95 37.23
N ASN E 390 19.25 6.25 38.09
CA ASN E 390 18.66 5.25 39.04
C ASN E 390 17.27 4.87 38.53
N TYR E 391 17.22 4.11 37.43
CA TYR E 391 15.96 3.81 36.69
C TYR E 391 15.06 2.82 37.44
N GLN E 392 15.64 2.06 38.38
CA GLN E 392 14.87 1.01 39.10
C GLN E 392 14.08 1.62 40.26
N GLN E 393 14.35 2.88 40.59
CA GLN E 393 13.71 3.55 41.77
C GLN E 393 13.27 4.98 41.40
N GLY E 394 12.09 5.39 41.89
CA GLY E 394 11.59 6.78 41.79
C GLY E 394 11.50 7.32 40.38
N TRP E 395 11.00 6.53 39.42
CA TRP E 395 10.79 7.02 38.03
C TRP E 395 9.51 6.42 37.43
N LEU E 396 8.68 7.27 36.83
CA LEU E 396 7.42 6.85 36.16
C LEU E 396 7.39 7.42 34.74
N HIS E 397 7.17 6.55 33.75
CA HIS E 397 6.97 7.03 32.36
C HIS E 397 5.47 6.94 32.03
N ILE E 398 4.88 8.03 31.52
CA ILE E 398 3.43 8.02 31.15
C ILE E 398 3.31 8.20 29.63
N ASP E 399 2.88 7.14 28.93
CA ASP E 399 2.59 7.20 27.48
C ASP E 399 1.14 7.68 27.37
N CYS E 400 0.95 8.97 27.05
CA CYS E 400 -0.35 9.67 27.15
C CYS E 400 -1.34 9.25 26.07
N SER E 401 -1.74 7.99 26.06
CA SER E 401 -2.73 7.45 25.09
C SER E 401 -4.13 8.05 25.32
N ALA E 402 -4.39 8.67 26.47
CA ALA E 402 -5.74 9.21 26.80
C ALA E 402 -5.79 10.73 26.60
N THR E 403 -4.72 11.30 26.05
CA THR E 403 -4.58 12.78 25.90
C THR E 403 -5.50 13.32 24.80
N TYR E 404 -5.46 12.74 23.60
CA TYR E 404 -6.16 13.37 22.43
C TYR E 404 -7.20 12.42 21.83
N ARG E 405 -8.34 12.97 21.41
CA ARG E 405 -9.44 12.22 20.72
C ARG E 405 -9.54 12.75 19.28
N LYS E 406 -9.11 11.95 18.29
CA LYS E 406 -9.11 12.39 16.86
C LYS E 406 -10.56 12.65 16.39
N ALA E 407 -11.54 12.04 17.05
CA ALA E 407 -12.97 12.18 16.67
C ALA E 407 -13.84 12.18 17.93
N PRO E 408 -15.02 12.83 17.91
CA PRO E 408 -15.89 12.89 19.08
C PRO E 408 -16.36 11.49 19.51
N VAL E 409 -16.60 11.32 20.81
CA VAL E 409 -17.08 10.01 21.36
C VAL E 409 -18.23 10.29 22.34
N GLU E 410 -18.60 9.29 23.15
CA GLU E 410 -19.78 9.40 24.06
C GLU E 410 -19.61 10.58 25.03
N GLN E 411 -18.42 10.74 25.63
CA GLN E 411 -18.23 11.74 26.71
C GLN E 411 -17.22 12.83 26.32
N TRP E 412 -16.53 12.69 25.18
CA TRP E 412 -15.52 13.71 24.80
C TRP E 412 -15.84 14.31 23.43
N SER E 413 -15.56 15.60 23.26
CA SER E 413 -15.56 16.24 21.93
C SER E 413 -14.26 15.85 21.23
N ALA E 414 -14.02 16.35 20.02
CA ALA E 414 -12.71 16.13 19.37
C ALA E 414 -11.65 16.93 20.12
N GLY E 415 -10.39 16.50 20.07
CA GLY E 415 -9.30 17.29 20.65
C GLY E 415 -8.79 16.74 21.96
N ALA E 416 -8.02 17.55 22.69
CA ALA E 416 -7.42 17.13 23.97
C ALA E 416 -8.53 16.94 25.02
N THR E 417 -8.27 16.07 26.01
CA THR E 417 -9.22 15.73 27.09
C THR E 417 -8.79 16.43 28.38
N GLY E 418 -7.48 16.59 28.57
CA GLY E 418 -6.91 17.19 29.79
C GLY E 418 -6.63 16.15 30.86
N LEU E 419 -6.98 14.89 30.62
CA LEU E 419 -6.77 13.80 31.63
C LEU E 419 -5.28 13.67 31.95
N GLY E 420 -4.96 13.44 33.23
CA GLY E 420 -3.57 13.26 33.70
C GLY E 420 -3.09 14.39 34.58
N VAL E 421 -3.61 15.61 34.36
CA VAL E 421 -3.23 16.83 35.13
C VAL E 421 -3.51 16.60 36.61
N ARG E 422 -4.70 16.08 36.95
CA ARG E 422 -5.14 15.90 38.35
C ARG E 422 -4.37 14.77 39.04
N THR E 423 -4.13 13.66 38.31
CA THR E 423 -3.45 12.48 38.88
C THR E 423 -2.00 12.85 39.27
N ILE E 424 -1.25 13.46 38.35
CA ILE E 424 0.14 13.88 38.65
C ILE E 424 0.10 14.89 39.81
N ALA E 425 -0.83 15.83 39.76
CA ALA E 425 -0.96 16.86 40.82
C ALA E 425 -1.23 16.19 42.17
N ASN E 426 -2.13 15.20 42.21
CA ASN E 426 -2.45 14.49 43.48
C ASN E 426 -1.17 13.86 44.04
N LEU E 427 -0.36 13.24 43.16
CA LEU E 427 0.85 12.50 43.58
C LEU E 427 1.92 13.47 44.10
N LEU E 428 2.01 14.67 43.49
CA LEU E 428 2.99 15.69 43.91
C LEU E 428 2.61 16.23 45.30
N THR E 429 1.32 16.49 45.52
CA THR E 429 0.81 17.13 46.76
C THR E 429 0.44 16.09 47.83
N ALA E 430 0.37 14.81 47.45
CA ALA E 430 -0.04 13.74 48.39
C ALA E 430 0.95 13.66 49.56
N THR F 5 -44.53 1.16 25.70
CA THR F 5 -43.81 2.28 25.13
C THR F 5 -44.82 3.34 24.69
N GLU F 6 -44.83 4.50 25.37
CA GLU F 6 -45.79 5.60 25.06
C GLU F 6 -45.34 6.37 23.82
N ALA F 7 -46.29 7.07 23.18
CA ALA F 7 -46.05 7.86 21.95
C ALA F 7 -45.65 9.29 22.30
N LYS F 9 -45.69 13.16 20.70
CA LYS F 9 -46.43 13.91 19.69
C LYS F 9 -45.47 14.84 18.92
N ILE F 10 -45.58 14.82 17.59
CA ILE F 10 -44.79 15.64 16.62
C ILE F 10 -45.74 16.65 15.97
N THR F 11 -45.56 17.94 16.26
CA THR F 11 -46.45 19.01 15.71
C THR F 11 -45.67 19.89 14.73
N LEU F 12 -46.32 20.38 13.68
CA LEU F 12 -45.70 21.33 12.71
C LEU F 12 -46.06 22.76 13.13
N SER F 13 -45.18 23.73 12.82
CA SER F 13 -45.40 25.14 13.20
C SER F 13 -44.62 26.06 12.23
N THR F 14 -45.22 27.18 11.84
CA THR F 14 -44.58 28.15 10.91
C THR F 14 -43.84 29.23 11.72
N GLN F 15 -43.80 29.10 13.05
CA GLN F 15 -43.11 30.05 13.96
C GLN F 15 -41.77 29.44 14.40
N PRO F 16 -40.73 30.27 14.64
CA PRO F 16 -39.43 29.75 15.08
C PRO F 16 -39.43 29.40 16.57
N ALA F 17 -38.46 28.59 17.00
CA ALA F 17 -38.34 28.20 18.43
C ALA F 17 -37.87 29.39 19.27
N ASP F 18 -37.97 29.29 20.60
CA ASP F 18 -37.53 30.38 21.50
C ASP F 18 -35.99 30.43 21.50
N ALA F 19 -35.41 31.39 22.24
CA ALA F 19 -33.95 31.64 22.20
C ALA F 19 -33.16 30.53 22.91
N ARG F 20 -33.84 29.62 23.62
CA ARG F 20 -33.13 28.54 24.38
C ARG F 20 -32.57 27.50 23.40
N TRP F 21 -33.19 27.36 22.22
CA TRP F 21 -32.74 26.43 21.16
C TRP F 21 -32.02 27.24 20.07
N GLY F 22 -32.53 28.45 19.82
CA GLY F 22 -32.04 29.35 18.76
C GLY F 22 -33.13 29.60 17.72
N GLU F 23 -33.04 30.71 16.98
CA GLU F 23 -34.05 31.04 15.93
C GLU F 23 -33.70 30.31 14.63
N LYS F 24 -32.56 29.58 14.63
CA LYS F 24 -32.11 28.77 13.47
C LYS F 24 -32.49 27.29 13.71
N ALA F 25 -33.03 26.98 14.90
CA ALA F 25 -33.40 25.59 15.29
C ALA F 25 -34.49 25.03 14.35
N THR F 26 -34.46 23.71 14.11
CA THR F 26 -35.42 23.03 13.21
C THR F 26 -36.46 22.25 14.03
N TYR F 27 -36.18 22.02 15.33
CA TYR F 27 -37.11 21.28 16.22
C TYR F 27 -36.89 21.72 17.68
N SER F 28 -37.98 21.77 18.46
CA SER F 28 -37.94 22.11 19.92
C SER F 28 -38.77 21.08 20.69
N ILE F 29 -38.68 21.07 22.03
CA ILE F 29 -39.43 20.07 22.84
C ILE F 29 -39.96 20.72 24.13
N ASN F 30 -41.22 20.45 24.47
CA ASN F 30 -41.87 20.92 25.73
C ASN F 30 -42.63 19.72 26.33
N ASN F 31 -43.62 19.98 27.19
CA ASN F 31 -44.41 18.88 27.83
C ASN F 31 -45.43 18.33 26.83
N ASP F 32 -45.80 19.09 25.80
CA ASP F 32 -46.73 18.61 24.74
C ASP F 32 -46.01 17.53 23.92
N GLY F 33 -44.75 17.80 23.56
CA GLY F 33 -43.94 16.88 22.75
C GLY F 33 -42.98 17.65 21.85
N ILE F 34 -42.61 17.06 20.71
CA ILE F 34 -41.64 17.66 19.75
C ILE F 34 -42.40 18.55 18.76
N THR F 35 -41.77 19.64 18.31
CA THR F 35 -42.36 20.61 17.35
C THR F 35 -41.34 20.89 16.23
N LEU F 36 -41.66 20.50 15.00
CA LEU F 36 -40.79 20.77 13.83
C LEU F 36 -41.07 22.22 13.36
N HIS F 37 -40.02 23.02 13.18
CA HIS F 37 -40.21 24.46 12.82
C HIS F 37 -39.96 24.68 11.32
N LEU F 38 -41.06 24.74 10.55
CA LEU F 38 -40.98 24.94 9.08
C LEU F 38 -40.68 26.42 8.79
N ASN F 39 -39.98 26.70 7.68
CA ASN F 39 -39.57 28.08 7.31
C ASN F 39 -39.83 28.32 5.82
N GLY F 40 -40.40 27.33 5.12
CA GLY F 40 -40.80 27.47 3.71
C GLY F 40 -39.65 27.28 2.73
N ALA F 41 -38.43 27.04 3.22
CA ALA F 41 -37.27 26.84 2.33
C ALA F 41 -37.32 25.43 1.70
N ASP F 42 -37.13 24.39 2.53
CA ASP F 42 -37.24 22.97 2.09
C ASP F 42 -37.83 22.19 3.28
N ASP F 43 -39.16 22.24 3.41
CA ASP F 43 -39.90 21.61 4.54
C ASP F 43 -39.70 20.09 4.51
N LEU F 44 -39.78 19.48 3.33
CA LEU F 44 -39.57 18.00 3.22
C LEU F 44 -38.16 17.67 3.68
N GLY F 45 -37.16 18.42 3.20
CA GLY F 45 -35.76 18.18 3.62
C GLY F 45 -35.61 18.36 5.11
N LEU F 46 -36.17 19.45 5.65
CA LEU F 46 -36.06 19.79 7.10
C LEU F 46 -36.71 18.70 7.96
N ILE F 47 -37.92 18.27 7.59
CA ILE F 47 -38.68 17.22 8.33
C ILE F 47 -37.86 15.92 8.36
N GLN F 48 -37.17 15.61 7.26
CA GLN F 48 -36.38 14.34 7.18
C GLN F 48 -35.18 14.42 8.12
N ARG F 49 -34.51 15.58 8.14
CA ARG F 49 -33.33 15.77 9.02
C ARG F 49 -33.79 15.79 10.48
N ALA F 50 -34.94 16.40 10.75
CA ALA F 50 -35.49 16.45 12.13
C ALA F 50 -35.75 15.03 12.63
N ALA F 51 -36.37 14.21 11.78
CA ALA F 51 -36.72 12.82 12.13
C ALA F 51 -35.44 12.02 12.43
N ARG F 52 -34.38 12.22 11.62
CA ARG F 52 -33.09 11.52 11.85
C ARG F 52 -32.60 11.82 13.27
N LYS F 53 -32.71 13.09 13.69
CA LYS F 53 -32.23 13.54 15.03
C LYS F 53 -33.15 12.99 16.12
N ILE F 54 -34.47 13.03 15.87
CA ILE F 54 -35.46 12.50 16.85
C ILE F 54 -35.11 11.03 17.16
N ASP F 55 -34.63 10.29 16.16
CA ASP F 55 -34.23 8.86 16.35
C ASP F 55 -32.95 8.80 17.20
N GLY F 56 -32.08 9.81 17.05
CA GLY F 56 -30.84 9.87 17.83
C GLY F 56 -31.12 10.07 19.31
N LEU F 57 -32.29 10.63 19.64
CA LEU F 57 -32.67 10.90 21.05
C LEU F 57 -33.12 9.61 21.74
N GLY F 58 -33.38 8.54 20.96
CA GLY F 58 -33.82 7.25 21.52
C GLY F 58 -35.34 7.17 21.65
N ILE F 59 -36.06 7.96 20.86
CA ILE F 59 -37.55 7.98 20.87
C ILE F 59 -38.03 6.99 19.80
N LYS F 60 -38.67 5.89 20.22
CA LYS F 60 -39.03 4.77 19.30
C LYS F 60 -40.53 4.77 18.98
N HIS F 61 -41.32 5.67 19.60
CA HIS F 61 -42.79 5.70 19.37
C HIS F 61 -43.26 7.15 19.18
N VAL F 62 -43.61 7.54 17.96
CA VAL F 62 -44.06 8.94 17.70
C VAL F 62 -45.48 8.92 17.17
N GLN F 63 -46.21 10.03 17.39
CA GLN F 63 -47.57 10.26 16.82
C GLN F 63 -47.51 11.58 16.06
N LEU F 64 -47.91 11.59 14.80
CA LEU F 64 -47.92 12.86 14.02
C LEU F 64 -49.24 13.57 14.33
N SER F 65 -49.18 14.60 15.19
CA SER F 65 -50.38 15.29 15.73
C SER F 65 -50.58 16.64 15.04
N GLY F 66 -51.78 17.23 15.20
CA GLY F 66 -52.09 18.56 14.65
C GLY F 66 -52.32 18.55 13.15
N GLU F 67 -52.62 19.72 12.59
CA GLU F 67 -52.88 19.87 11.13
C GLU F 67 -51.56 20.16 10.40
N GLY F 68 -51.61 20.27 9.07
CA GLY F 68 -50.43 20.62 8.25
C GLY F 68 -49.80 19.41 7.57
N TRP F 69 -50.02 18.21 8.12
CA TRP F 69 -49.44 16.95 7.57
C TRP F 69 -50.10 16.58 6.24
N ASP F 70 -49.43 15.72 5.46
CA ASP F 70 -49.94 15.19 4.16
C ASP F 70 -49.03 14.03 3.75
N ALA F 71 -49.32 13.41 2.61
CA ALA F 71 -48.53 12.24 2.14
C ALA F 71 -47.04 12.53 2.18
N ASP F 72 -46.60 13.58 1.46
CA ASP F 72 -45.15 13.90 1.31
C ASP F 72 -44.51 14.17 2.69
N ARG F 73 -45.14 15.03 3.51
CA ARG F 73 -44.58 15.38 4.84
C ARG F 73 -44.48 14.13 5.73
N CYS F 74 -45.51 13.28 5.74
CA CYS F 74 -45.46 12.01 6.50
C CYS F 74 -44.33 11.14 5.96
N TRP F 75 -44.22 11.05 4.62
CA TRP F 75 -43.18 10.21 3.98
C TRP F 75 -41.79 10.77 4.30
N ALA F 76 -41.64 12.10 4.25
CA ALA F 76 -40.34 12.72 4.57
C ALA F 76 -39.94 12.32 6.00
N PHE F 77 -40.86 12.43 6.96
CA PHE F 77 -40.55 12.10 8.37
C PHE F 77 -40.07 10.64 8.47
N TRP F 78 -40.88 9.72 7.92
CA TRP F 78 -40.58 8.27 8.00
C TRP F 78 -39.24 7.97 7.32
N GLN F 79 -39.01 8.51 6.12
CA GLN F 79 -37.74 8.31 5.38
C GLN F 79 -36.55 8.46 6.33
N GLY F 80 -36.50 9.60 7.05
CA GLY F 80 -35.39 9.90 7.97
C GLY F 80 -35.46 9.11 9.26
N TYR F 81 -36.67 8.74 9.70
CA TYR F 81 -36.87 8.06 11.01
C TYR F 81 -36.45 6.59 10.93
N LYS F 82 -36.77 5.91 9.82
CA LYS F 82 -36.50 4.45 9.67
C LYS F 82 -35.00 4.17 9.66
N ALA F 83 -34.57 3.20 10.45
CA ALA F 83 -33.16 2.74 10.52
C ALA F 83 -33.13 1.22 10.58
N PRO F 84 -32.04 0.57 10.10
CA PRO F 84 -31.94 -0.89 10.08
C PRO F 84 -32.11 -1.58 11.44
N LYS F 85 -31.66 -0.95 12.54
CA LYS F 85 -31.76 -1.55 13.90
C LYS F 85 -33.04 -1.08 14.61
N GLY F 86 -33.53 -1.88 15.55
CA GLY F 86 -34.69 -1.53 16.40
C GLY F 86 -36.00 -1.46 15.63
N THR F 87 -37.11 -1.41 16.37
CA THR F 87 -38.48 -1.28 15.81
C THR F 87 -39.04 0.10 16.20
N ARG F 88 -39.79 0.74 15.31
CA ARG F 88 -40.30 2.12 15.54
C ARG F 88 -41.77 2.24 15.10
N LYS F 89 -42.68 2.45 16.07
CA LYS F 89 -44.11 2.68 15.72
C LYS F 89 -44.28 4.13 15.21
N VAL F 90 -45.21 4.33 14.28
CA VAL F 90 -45.56 5.72 13.82
C VAL F 90 -47.07 5.80 13.69
N VAL F 91 -47.73 6.41 14.68
CA VAL F 91 -49.20 6.66 14.58
C VAL F 91 -49.38 7.76 13.53
N TRP F 92 -50.02 7.42 12.40
CA TRP F 92 -50.23 8.39 11.28
C TRP F 92 -51.36 9.35 11.63
N PRO F 93 -51.44 10.52 10.97
CA PRO F 93 -52.54 11.47 11.18
C PRO F 93 -53.70 11.19 10.21
N ASP F 94 -54.84 11.83 10.43
CA ASP F 94 -56.00 11.66 9.52
C ASP F 94 -55.67 12.28 8.15
N LEU F 95 -55.49 11.44 7.13
CA LEU F 95 -55.25 11.88 5.73
C LEU F 95 -56.44 11.42 4.89
N ASP F 96 -56.75 12.11 3.79
CA ASP F 96 -57.86 11.64 2.91
C ASP F 96 -57.41 10.31 2.26
N ASP F 97 -58.36 9.52 1.76
CA ASP F 97 -58.10 8.15 1.24
C ASP F 97 -57.02 8.14 0.15
N ALA F 98 -56.94 9.21 -0.66
CA ALA F 98 -55.95 9.29 -1.77
C ALA F 98 -54.54 9.46 -1.20
N GLN F 99 -54.42 10.23 -0.12
CA GLN F 99 -53.11 10.51 0.54
C GLN F 99 -52.62 9.25 1.28
N ARG F 100 -53.49 8.66 2.11
CA ARG F 100 -53.12 7.45 2.90
C ARG F 100 -52.75 6.29 1.97
N GLN F 101 -53.48 6.17 0.84
CA GLN F 101 -53.22 5.09 -0.16
C GLN F 101 -51.83 5.29 -0.77
N GLU F 102 -51.53 6.52 -1.20
CA GLU F 102 -50.22 6.87 -1.80
C GLU F 102 -49.09 6.60 -0.78
N LEU F 103 -49.35 6.90 0.50
CA LEU F 103 -48.36 6.68 1.58
C LEU F 103 -48.18 5.17 1.81
N ASP F 104 -49.29 4.45 1.94
CA ASP F 104 -49.27 2.97 2.21
C ASP F 104 -48.53 2.26 1.07
N ASN F 105 -48.62 2.78 -0.15
CA ASN F 105 -47.93 2.18 -1.33
C ASN F 105 -46.41 2.37 -1.19
N ARG F 106 -45.98 3.53 -0.72
CA ARG F 106 -44.52 3.80 -0.52
C ARG F 106 -43.99 2.94 0.64
N LEU F 107 -44.78 2.83 1.73
CA LEU F 107 -44.39 2.00 2.91
C LEU F 107 -44.17 0.55 2.50
N ILE F 109 -43.74 -0.74 -0.80
CA ILE F 109 -42.86 -1.01 -1.92
C ILE F 109 -41.46 -0.41 -1.71
N ILE F 110 -41.37 0.87 -1.31
CA ILE F 110 -40.02 1.51 -1.18
C ILE F 110 -39.29 0.94 0.04
N ASP F 111 -40.00 0.67 1.13
CA ASP F 111 -39.35 0.05 2.32
C ASP F 111 -38.91 -1.38 1.95
N TRP F 112 -39.61 -2.01 1.00
CA TRP F 112 -39.19 -3.35 0.52
C TRP F 112 -37.83 -3.21 -0.17
N VAL F 113 -37.67 -2.19 -1.00
CA VAL F 113 -36.37 -1.91 -1.69
C VAL F 113 -35.29 -1.69 -0.63
N ARG F 114 -35.59 -0.88 0.41
CA ARG F 114 -34.64 -0.59 1.51
C ARG F 114 -34.28 -1.89 2.25
N ASP F 115 -35.27 -2.61 2.77
CA ASP F 115 -35.04 -3.85 3.57
C ASP F 115 -34.36 -4.91 2.69
N THR F 116 -34.75 -5.03 1.42
CA THR F 116 -34.19 -6.07 0.51
C THR F 116 -32.71 -5.80 0.24
N ILE F 117 -32.33 -4.54 0.07
CA ILE F 117 -30.91 -4.18 -0.22
C ILE F 117 -30.11 -4.27 1.09
N ASN F 118 -30.75 -3.93 2.22
CA ASN F 118 -30.08 -3.96 3.55
C ASN F 118 -29.88 -5.41 4.01
N ALA F 119 -30.68 -6.34 3.47
CA ALA F 119 -30.64 -7.77 3.87
C ALA F 119 -29.22 -8.32 3.73
N PRO F 120 -28.73 -9.13 4.70
CA PRO F 120 -27.42 -9.77 4.58
C PRO F 120 -27.38 -10.70 3.37
N ALA F 121 -26.20 -10.89 2.76
CA ALA F 121 -26.07 -11.74 1.55
C ALA F 121 -26.48 -13.18 1.86
N GLU F 122 -26.13 -13.67 3.05
CA GLU F 122 -26.45 -15.06 3.51
C GLU F 122 -27.95 -15.33 3.42
N GLU F 123 -28.78 -14.31 3.65
CA GLU F 123 -30.26 -14.48 3.67
C GLU F 123 -30.85 -14.16 2.29
N LEU F 124 -30.13 -13.39 1.45
CA LEU F 124 -30.65 -13.03 0.11
C LEU F 124 -29.65 -13.43 -0.99
N GLY F 125 -29.75 -14.68 -1.45
CA GLY F 125 -28.96 -15.18 -2.60
C GLY F 125 -29.72 -14.97 -3.91
N PRO F 126 -29.11 -15.26 -5.08
CA PRO F 126 -29.77 -15.02 -6.36
C PRO F 126 -31.18 -15.60 -6.45
N SER F 127 -31.36 -16.83 -5.96
CA SER F 127 -32.69 -17.51 -6.03
C SER F 127 -33.70 -16.79 -5.13
N GLN F 128 -33.30 -16.37 -3.91
CA GLN F 128 -34.23 -15.64 -3.00
C GLN F 128 -34.55 -14.25 -3.57
N LEU F 129 -33.64 -13.64 -4.32
CA LEU F 129 -33.88 -12.29 -4.89
C LEU F 129 -34.96 -12.38 -5.98
N ALA F 130 -34.82 -13.34 -6.90
CA ALA F 130 -35.77 -13.56 -8.01
C ALA F 130 -37.15 -13.86 -7.43
N GLN F 131 -37.19 -14.69 -6.39
CA GLN F 131 -38.48 -15.15 -5.79
C GLN F 131 -39.16 -13.98 -5.06
N ARG F 132 -38.40 -13.14 -4.37
CA ARG F 132 -38.99 -12.00 -3.62
C ARG F 132 -39.45 -10.94 -4.65
N ALA F 133 -38.72 -10.82 -5.76
CA ALA F 133 -39.09 -9.88 -6.84
C ALA F 133 -40.45 -10.27 -7.41
N VAL F 134 -40.68 -11.57 -7.57
CA VAL F 134 -41.95 -12.11 -8.13
C VAL F 134 -43.08 -11.94 -7.09
N ASP F 135 -42.77 -12.19 -5.81
CA ASP F 135 -43.76 -12.09 -4.70
C ASP F 135 -44.30 -10.65 -4.61
N LEU F 136 -43.40 -9.65 -4.66
CA LEU F 136 -43.78 -8.23 -4.56
C LEU F 136 -44.72 -7.85 -5.72
N ILE F 137 -44.30 -8.14 -6.94
CA ILE F 137 -45.09 -7.77 -8.16
C ILE F 137 -46.41 -8.58 -8.18
N SER F 138 -46.34 -9.88 -7.87
CA SER F 138 -47.55 -10.76 -7.86
C SER F 138 -48.60 -10.23 -6.88
N ASN F 139 -48.17 -9.61 -5.77
CA ASN F 139 -49.10 -9.14 -4.71
C ASN F 139 -49.96 -7.97 -5.24
N VAL F 140 -49.44 -7.18 -6.18
CA VAL F 140 -50.14 -5.96 -6.68
C VAL F 140 -50.73 -6.22 -8.08
N ALA F 141 -50.11 -7.11 -8.87
CA ALA F 141 -50.54 -7.37 -10.27
C ALA F 141 -51.47 -8.59 -10.32
N GLY F 142 -51.27 -9.54 -9.41
CA GLY F 142 -52.10 -10.76 -9.33
C GLY F 142 -51.93 -11.65 -10.56
N ASP F 143 -53.03 -11.90 -11.27
CA ASP F 143 -53.07 -12.85 -12.41
C ASP F 143 -52.57 -12.18 -13.70
N ARG F 144 -52.12 -10.92 -13.61
CA ARG F 144 -51.69 -10.14 -14.81
C ARG F 144 -50.18 -10.29 -15.04
N VAL F 145 -49.50 -11.09 -14.21
CA VAL F 145 -48.02 -11.27 -14.35
C VAL F 145 -47.67 -12.75 -14.48
N THR F 146 -46.73 -13.07 -15.36
CA THR F 146 -46.10 -14.41 -15.53
C THR F 146 -44.58 -14.23 -15.46
N TYR F 147 -43.81 -15.32 -15.33
CA TYR F 147 -42.34 -15.19 -15.19
C TYR F 147 -41.63 -16.50 -15.55
N ARG F 148 -40.35 -16.39 -15.90
CA ARG F 148 -39.55 -17.59 -16.27
C ARG F 148 -38.17 -17.48 -15.60
N ILE F 149 -37.88 -18.40 -14.69
CA ILE F 149 -36.58 -18.46 -13.97
C ILE F 149 -35.64 -19.43 -14.70
N THR F 150 -34.48 -18.93 -15.16
CA THR F 150 -33.40 -19.71 -15.81
C THR F 150 -32.17 -19.69 -14.90
N LYS F 151 -31.77 -20.84 -14.36
CA LYS F 151 -30.61 -20.84 -13.42
C LYS F 151 -29.66 -22.01 -13.71
N GLY F 152 -28.41 -21.88 -13.24
CA GLY F 152 -27.39 -22.94 -13.28
C GLY F 152 -26.86 -23.22 -14.66
N GLU F 153 -26.77 -24.50 -15.02
CA GLU F 153 -26.20 -24.94 -16.32
C GLU F 153 -27.12 -24.50 -17.46
N ASP F 154 -28.40 -24.26 -17.15
CA ASP F 154 -29.40 -23.84 -18.17
C ASP F 154 -29.00 -22.47 -18.73
N LEU F 155 -28.29 -21.66 -17.95
CA LEU F 155 -27.83 -20.33 -18.45
C LEU F 155 -26.66 -20.53 -19.41
N ARG F 156 -25.76 -21.48 -19.11
CA ARG F 156 -24.63 -21.79 -20.01
C ARG F 156 -25.16 -22.42 -21.30
N GLU F 157 -26.10 -23.36 -21.14
CA GLU F 157 -26.67 -24.12 -22.28
C GLU F 157 -27.42 -23.17 -23.22
N GLN F 158 -28.04 -22.11 -22.69
CA GLN F 158 -28.86 -21.17 -23.51
C GLN F 158 -28.03 -19.95 -23.95
N GLY F 159 -26.72 -19.94 -23.66
CA GLY F 159 -25.80 -18.91 -24.20
C GLY F 159 -25.62 -17.68 -23.31
N TYR F 160 -26.20 -17.64 -22.11
CA TYR F 160 -26.00 -16.48 -21.19
C TYR F 160 -24.61 -16.59 -20.54
N GLY F 162 -22.24 -14.30 -20.06
CA GLY F 162 -21.88 -13.25 -19.12
C GLY F 162 -22.40 -13.56 -17.73
N LEU F 163 -23.72 -13.70 -17.59
CA LEU F 163 -24.34 -13.97 -16.27
C LEU F 163 -23.80 -15.27 -15.67
N HIS F 164 -23.57 -16.29 -16.52
CA HIS F 164 -23.05 -17.60 -16.02
C HIS F 164 -21.57 -17.50 -15.62
N THR F 165 -20.74 -16.89 -16.46
CA THR F 165 -19.28 -16.81 -16.16
C THR F 165 -19.07 -16.05 -14.85
N VAL F 166 -19.84 -14.99 -14.61
CA VAL F 166 -19.62 -14.16 -13.38
C VAL F 166 -20.01 -14.95 -12.12
N GLY F 167 -21.14 -15.68 -12.17
CA GLY F 167 -21.71 -16.29 -10.95
C GLY F 167 -21.39 -17.76 -10.77
N ARG F 168 -20.66 -18.37 -11.70
CA ARG F 168 -20.43 -19.85 -11.56
C ARG F 168 -19.42 -20.11 -10.44
N GLY F 169 -18.76 -19.07 -9.92
CA GLY F 169 -17.79 -19.23 -8.83
C GLY F 169 -18.47 -19.49 -7.49
N SER F 170 -19.78 -19.23 -7.41
CA SER F 170 -20.54 -19.39 -6.16
C SER F 170 -21.18 -20.79 -6.10
N GLU F 171 -21.38 -21.31 -4.88
CA GLU F 171 -22.14 -22.58 -4.68
C GLU F 171 -23.64 -22.29 -4.89
N ARG F 172 -24.01 -21.00 -4.84
CA ARG F 172 -25.40 -20.56 -5.14
C ARG F 172 -25.45 -20.18 -6.62
N SER F 173 -26.28 -20.87 -7.41
CA SER F 173 -26.30 -20.73 -8.88
C SER F 173 -26.76 -19.33 -9.30
N PRO F 174 -26.20 -18.78 -10.41
CA PRO F 174 -26.69 -17.53 -10.98
C PRO F 174 -28.12 -17.74 -11.49
N VAL F 175 -28.94 -16.68 -11.44
CA VAL F 175 -30.38 -16.78 -11.82
C VAL F 175 -30.76 -15.59 -12.71
N LEU F 176 -31.46 -15.87 -13.81
CA LEU F 176 -32.04 -14.81 -14.68
C LEU F 176 -33.56 -14.81 -14.46
N LEU F 177 -34.12 -13.68 -14.03
CA LEU F 177 -35.59 -13.57 -13.89
C LEU F 177 -36.13 -12.74 -15.06
N ALA F 178 -36.92 -13.38 -15.93
CA ALA F 178 -37.63 -12.70 -17.04
C ALA F 178 -39.10 -12.57 -16.62
N LEU F 179 -39.44 -11.50 -15.91
CA LEU F 179 -40.83 -11.30 -15.41
C LEU F 179 -41.61 -10.46 -16.43
N ASP F 180 -42.83 -10.89 -16.73
CA ASP F 180 -43.68 -10.21 -17.76
C ASP F 180 -44.97 -9.71 -17.12
N TYR F 181 -45.08 -8.38 -16.95
CA TYR F 181 -46.35 -7.74 -16.51
C TYR F 181 -47.17 -7.37 -17.77
N ASN F 182 -48.27 -8.09 -18.00
CA ASN F 182 -49.09 -7.94 -19.23
C ASN F 182 -50.57 -7.83 -18.85
N PRO F 183 -51.13 -6.59 -18.76
CA PRO F 183 -52.52 -6.38 -18.36
C PRO F 183 -53.59 -7.08 -19.23
N THR F 184 -53.48 -6.95 -20.56
CA THR F 184 -54.48 -7.54 -21.50
C THR F 184 -54.27 -9.06 -21.63
N GLY F 185 -53.11 -9.58 -21.22
CA GLY F 185 -52.81 -11.01 -21.37
C GLY F 185 -52.37 -11.37 -22.78
N ASP F 186 -52.77 -10.55 -23.76
CA ASP F 186 -52.41 -10.71 -25.20
C ASP F 186 -50.91 -10.97 -25.33
N LYS F 187 -50.52 -12.16 -25.83
CA LYS F 187 -49.07 -12.50 -26.00
C LYS F 187 -48.47 -11.70 -27.16
N GLU F 188 -49.31 -11.04 -27.97
CA GLU F 188 -48.82 -10.20 -29.10
C GLU F 188 -48.91 -8.72 -28.75
N ALA F 189 -49.31 -8.40 -27.51
CA ALA F 189 -49.38 -6.99 -27.04
C ALA F 189 -47.98 -6.39 -27.12
N PRO F 190 -47.83 -5.14 -27.65
CA PRO F 190 -46.51 -4.51 -27.75
C PRO F 190 -45.91 -4.22 -26.35
N VAL F 191 -44.65 -4.59 -26.16
CA VAL F 191 -43.92 -4.33 -24.88
C VAL F 191 -43.59 -2.82 -24.83
N TYR F 192 -44.15 -2.09 -23.87
CA TYR F 192 -43.91 -0.64 -23.74
C TYR F 192 -42.48 -0.39 -23.21
N ALA F 193 -42.13 -1.00 -22.08
CA ALA F 193 -40.81 -0.76 -21.46
C ALA F 193 -40.17 -2.09 -21.02
N CYS F 194 -38.84 -2.13 -21.07
CA CYS F 194 -38.05 -3.28 -20.55
C CYS F 194 -37.12 -2.77 -19.44
N LEU F 195 -37.31 -3.28 -18.22
CA LEU F 195 -36.48 -2.91 -17.05
C LEU F 195 -35.37 -3.95 -16.87
N VAL F 196 -34.13 -3.49 -16.68
CA VAL F 196 -32.96 -4.39 -16.49
C VAL F 196 -32.23 -3.98 -15.20
N GLY F 197 -31.86 -4.94 -14.36
CA GLY F 197 -31.23 -4.62 -13.06
C GLY F 197 -30.10 -5.57 -12.70
N LYS F 198 -29.01 -5.01 -12.13
CA LYS F 198 -27.86 -5.79 -11.66
C LYS F 198 -28.20 -6.40 -10.30
N GLY F 199 -28.28 -7.73 -10.21
CA GLY F 199 -28.63 -8.42 -8.97
C GLY F 199 -27.45 -9.17 -8.36
N ILE F 200 -26.28 -8.53 -8.27
CA ILE F 200 -25.12 -9.19 -7.62
C ILE F 200 -25.37 -9.20 -6.11
N THR F 201 -25.83 -10.34 -5.58
CA THR F 201 -26.26 -10.48 -4.16
C THR F 201 -25.05 -10.36 -3.21
N PHE F 202 -23.84 -10.55 -3.72
CA PHE F 202 -22.60 -10.25 -2.94
C PHE F 202 -21.41 -10.16 -3.89
N ASP F 203 -20.68 -9.03 -3.84
CA ASP F 203 -19.55 -8.77 -4.75
C ASP F 203 -18.25 -8.77 -3.94
N SER F 204 -17.53 -9.88 -3.95
CA SER F 204 -16.19 -9.98 -3.31
C SER F 204 -15.15 -9.38 -4.26
N GLY F 205 -15.55 -9.13 -5.51
CA GLY F 205 -14.64 -8.66 -6.58
C GLY F 205 -14.05 -9.81 -7.38
N GLY F 206 -14.25 -11.05 -6.92
CA GLY F 206 -13.66 -12.22 -7.60
C GLY F 206 -12.15 -12.29 -7.35
N TYR F 207 -11.39 -12.88 -8.27
CA TYR F 207 -9.91 -12.97 -8.09
C TYR F 207 -9.31 -11.56 -8.01
N SER F 208 -10.03 -10.57 -8.56
CA SER F 208 -9.67 -9.14 -8.34
C SER F 208 -10.33 -8.71 -7.02
N ILE F 209 -9.98 -9.41 -5.94
CA ILE F 209 -10.63 -9.29 -4.60
C ILE F 209 -10.55 -7.83 -4.10
N LYS F 210 -11.59 -7.40 -3.38
CA LYS F 210 -11.69 -6.04 -2.78
C LYS F 210 -11.05 -6.06 -1.39
N GLN F 211 -10.63 -4.89 -0.89
CA GLN F 211 -10.16 -4.78 0.51
C GLN F 211 -11.42 -4.73 1.40
N THR F 212 -11.31 -5.15 2.67
CA THR F 212 -12.46 -5.23 3.61
C THR F 212 -13.25 -3.91 3.65
N ALA F 213 -12.56 -2.77 3.59
CA ALA F 213 -13.18 -1.42 3.68
C ALA F 213 -14.13 -1.14 2.50
N PHE F 214 -14.02 -1.91 1.41
CA PHE F 214 -14.86 -1.68 0.19
C PHE F 214 -15.84 -2.82 -0.04
N ASP F 216 -17.33 -4.49 2.78
CA ASP F 216 -18.13 -4.65 3.98
C ASP F 216 -19.57 -4.18 3.75
N SER F 217 -19.90 -3.69 2.55
CA SER F 217 -21.29 -3.24 2.26
C SER F 217 -21.74 -3.76 0.90
N LYS F 219 -23.20 -6.30 0.03
CA LYS F 219 -24.45 -7.04 0.02
C LYS F 219 -25.49 -6.22 -0.76
N SER F 220 -25.15 -4.96 -1.06
CA SER F 220 -26.05 -3.99 -1.73
C SER F 220 -25.75 -3.88 -3.22
N ASP F 221 -24.89 -4.77 -3.75
CA ASP F 221 -24.52 -4.74 -5.19
C ASP F 221 -25.70 -5.25 -6.05
N GLY F 223 -28.63 -3.71 -5.60
CA GLY F 223 -29.52 -2.59 -5.37
C GLY F 223 -30.23 -2.14 -6.63
N GLY F 224 -29.56 -2.29 -7.79
CA GLY F 224 -30.17 -1.90 -9.08
C GLY F 224 -31.37 -2.76 -9.40
N ALA F 225 -31.25 -4.07 -9.16
CA ALA F 225 -32.35 -5.03 -9.38
C ALA F 225 -33.51 -4.71 -8.43
N ALA F 226 -33.20 -4.39 -7.17
CA ALA F 226 -34.26 -4.07 -6.19
C ALA F 226 -35.01 -2.80 -6.63
N THR F 227 -34.29 -1.84 -7.19
CA THR F 227 -34.85 -0.51 -7.57
C THR F 227 -35.84 -0.65 -8.74
N VAL F 228 -35.47 -1.38 -9.78
CA VAL F 228 -36.37 -1.52 -10.97
C VAL F 228 -37.55 -2.43 -10.63
N THR F 229 -37.37 -3.34 -9.67
CA THR F 229 -38.47 -4.24 -9.22
C THR F 229 -39.49 -3.39 -8.42
N GLY F 230 -38.99 -2.55 -7.51
CA GLY F 230 -39.87 -1.65 -6.75
C GLY F 230 -40.54 -0.66 -7.69
N ALA F 231 -39.80 -0.18 -8.71
CA ALA F 231 -40.30 0.81 -9.69
C ALA F 231 -41.51 0.23 -10.43
N LEU F 232 -41.39 -1.02 -10.90
CA LEU F 232 -42.52 -1.69 -11.60
C LEU F 232 -43.69 -1.80 -10.64
N ALA F 233 -43.46 -2.38 -9.44
CA ALA F 233 -44.52 -2.53 -8.42
C ALA F 233 -45.15 -1.17 -8.11
N PHE F 234 -44.32 -0.13 -7.92
CA PHE F 234 -44.86 1.22 -7.60
C PHE F 234 -45.65 1.74 -8.81
N ALA F 235 -45.12 1.56 -10.02
CA ALA F 235 -45.78 2.05 -11.26
C ALA F 235 -47.18 1.42 -11.38
N ILE F 236 -47.32 0.18 -10.92
CA ILE F 236 -48.64 -0.52 -11.00
C ILE F 236 -49.64 0.18 -10.08
N THR F 237 -49.24 0.46 -8.83
CA THR F 237 -50.13 1.14 -7.86
C THR F 237 -50.49 2.55 -8.36
N ARG F 238 -49.68 3.07 -9.31
CA ARG F 238 -49.93 4.41 -9.90
C ARG F 238 -50.84 4.29 -11.14
N GLY F 239 -51.24 3.06 -11.49
CA GLY F 239 -52.17 2.82 -12.61
C GLY F 239 -51.46 2.48 -13.91
N LEU F 240 -50.30 1.80 -13.82
CA LEU F 240 -49.60 1.36 -15.06
C LEU F 240 -50.52 0.39 -15.82
N ASN F 241 -50.87 0.73 -17.07
CA ASN F 241 -51.82 -0.10 -17.88
C ASN F 241 -51.16 -0.45 -19.22
N LYS F 242 -49.85 -0.68 -19.23
CA LYS F 242 -49.10 -1.08 -20.45
C LYS F 242 -48.16 -2.23 -20.11
N ARG F 243 -47.84 -3.06 -21.11
CA ARG F 243 -46.99 -4.26 -20.90
C ARG F 243 -45.55 -3.82 -20.60
N VAL F 244 -45.02 -4.27 -19.46
CA VAL F 244 -43.63 -3.94 -19.04
C VAL F 244 -42.92 -5.25 -18.67
N LYS F 245 -41.71 -5.44 -19.17
CA LYS F 245 -40.94 -6.67 -18.86
C LYS F 245 -39.77 -6.32 -17.94
N LEU F 246 -39.50 -7.19 -16.97
CA LEU F 246 -38.41 -7.00 -15.97
C LEU F 246 -37.37 -8.11 -16.15
N PHE F 247 -36.09 -7.73 -16.33
CA PHE F 247 -34.98 -8.70 -16.46
C PHE F 247 -33.97 -8.48 -15.32
N LEU F 248 -33.94 -9.39 -14.35
CA LEU F 248 -32.95 -9.32 -13.24
C LEU F 248 -31.82 -10.30 -13.52
N CYS F 249 -30.57 -9.84 -13.50
CA CYS F 249 -29.38 -10.71 -13.69
C CYS F 249 -28.76 -10.97 -12.32
N CYS F 250 -29.23 -12.01 -11.63
CA CYS F 250 -28.85 -12.28 -10.22
C CYS F 250 -27.72 -13.30 -10.13
N ALA F 251 -26.70 -13.01 -9.33
CA ALA F 251 -25.55 -13.92 -9.15
C ALA F 251 -24.65 -13.41 -8.02
N ASP F 252 -23.92 -14.34 -7.37
CA ASP F 252 -22.84 -13.96 -6.44
C ASP F 252 -21.55 -13.82 -7.25
N ASN F 253 -20.67 -12.88 -6.88
CA ASN F 253 -19.33 -12.79 -7.51
C ASN F 253 -18.32 -13.26 -6.45
N LEU F 254 -17.99 -14.55 -6.44
CA LEU F 254 -17.14 -15.13 -5.36
C LEU F 254 -15.88 -15.79 -5.94
N ILE F 255 -14.95 -16.15 -5.05
CA ILE F 255 -13.66 -16.83 -5.39
C ILE F 255 -13.80 -18.31 -5.07
N SER F 256 -13.42 -19.18 -6.03
CA SER F 256 -13.43 -20.65 -5.86
C SER F 256 -12.53 -21.29 -6.92
N GLY F 257 -12.44 -22.62 -6.93
CA GLY F 257 -11.59 -23.33 -7.92
C GLY F 257 -12.23 -23.34 -9.29
N ASN F 258 -13.38 -22.68 -9.42
CA ASN F 258 -14.18 -22.68 -10.67
C ASN F 258 -14.43 -21.23 -11.13
N ALA F 259 -14.09 -20.25 -10.27
CA ALA F 259 -14.37 -18.82 -10.54
C ALA F 259 -13.66 -18.34 -11.81
N PHE F 260 -14.27 -17.38 -12.53
CA PHE F 260 -13.70 -16.90 -13.83
C PHE F 260 -12.41 -16.13 -13.56
N LYS F 261 -11.53 -16.13 -14.56
CA LYS F 261 -10.13 -15.64 -14.40
C LYS F 261 -9.83 -14.50 -15.39
N LEU F 262 -8.89 -13.63 -15.02
CA LEU F 262 -8.42 -12.53 -15.90
C LEU F 262 -7.88 -13.12 -17.20
N GLY F 263 -8.25 -12.51 -18.33
CA GLY F 263 -7.84 -13.00 -19.66
C GLY F 263 -8.94 -13.83 -20.30
N ASP F 264 -9.90 -14.31 -19.49
CA ASP F 264 -11.02 -15.12 -20.04
C ASP F 264 -11.81 -14.26 -21.03
N ILE F 265 -12.27 -14.87 -22.13
CA ILE F 265 -13.06 -14.14 -23.16
C ILE F 265 -14.48 -14.67 -23.16
N ILE F 266 -15.45 -13.77 -22.95
CA ILE F 266 -16.90 -14.13 -22.92
C ILE F 266 -17.51 -13.80 -24.27
N THR F 267 -18.13 -14.78 -24.92
CA THR F 267 -18.81 -14.58 -26.22
C THR F 267 -20.32 -14.45 -25.96
N TYR F 268 -20.88 -13.27 -26.23
CA TYR F 268 -22.34 -13.03 -26.03
C TYR F 268 -23.10 -13.48 -27.27
N ARG F 269 -24.41 -13.63 -27.14
CA ARG F 269 -25.29 -14.14 -28.23
C ARG F 269 -25.32 -13.17 -29.42
N ASN F 270 -24.94 -11.90 -29.21
CA ASN F 270 -24.91 -10.92 -30.33
C ASN F 270 -23.54 -10.95 -31.01
N GLY F 271 -22.71 -11.96 -30.70
CA GLY F 271 -21.39 -12.16 -31.34
C GLY F 271 -20.32 -11.23 -30.80
N LYS F 272 -20.62 -10.52 -29.71
CA LYS F 272 -19.68 -9.55 -29.10
C LYS F 272 -18.73 -10.30 -28.16
N LYS F 273 -17.40 -10.16 -28.34
CA LYS F 273 -16.40 -10.86 -27.48
C LYS F 273 -15.76 -9.87 -26.51
N VAL F 274 -15.77 -10.20 -25.21
CA VAL F 274 -15.25 -9.30 -24.15
C VAL F 274 -14.11 -9.99 -23.38
N GLU F 275 -12.92 -9.36 -23.36
CA GLU F 275 -11.79 -9.86 -22.52
C GLU F 275 -11.97 -9.31 -21.10
N VAL F 276 -11.84 -10.19 -20.10
CA VAL F 276 -11.97 -9.80 -18.67
C VAL F 276 -10.59 -9.45 -18.14
N ASN F 278 -10.45 -7.51 -15.30
CA ASN F 278 -10.76 -7.15 -13.93
C ASN F 278 -12.06 -7.86 -13.56
N THR F 279 -11.99 -8.84 -12.64
CA THR F 279 -13.18 -9.64 -12.26
C THR F 279 -14.11 -8.80 -11.40
N ASP F 280 -13.67 -7.62 -10.97
CA ASP F 280 -14.50 -6.75 -10.10
C ASP F 280 -15.36 -5.82 -10.97
N ALA F 281 -15.07 -5.77 -12.28
CA ALA F 281 -15.97 -5.06 -13.21
C ALA F 281 -16.96 -6.09 -13.78
N GLU F 282 -17.61 -6.83 -12.87
CA GLU F 282 -18.52 -7.97 -13.19
C GLU F 282 -19.93 -7.45 -13.50
N GLY F 283 -20.31 -6.29 -12.97
CA GLY F 283 -21.67 -5.76 -13.15
C GLY F 283 -22.05 -5.56 -14.60
N ARG F 284 -21.14 -4.99 -15.41
CA ARG F 284 -21.46 -4.72 -16.84
C ARG F 284 -21.52 -6.05 -17.60
N LEU F 285 -20.85 -7.08 -17.11
CA LEU F 285 -20.83 -8.39 -17.81
C LEU F 285 -22.20 -9.07 -17.70
N VAL F 286 -22.85 -8.97 -16.53
CA VAL F 286 -24.17 -9.60 -16.24
C VAL F 286 -25.27 -8.75 -16.88
N LEU F 287 -25.12 -7.43 -16.88
CA LEU F 287 -26.12 -6.53 -17.52
C LEU F 287 -26.17 -6.77 -19.03
N ALA F 288 -25.02 -7.02 -19.66
CA ALA F 288 -24.95 -7.22 -21.12
C ALA F 288 -26.02 -8.24 -21.55
N ASP F 289 -26.12 -9.36 -20.81
CA ASP F 289 -27.09 -10.46 -21.10
C ASP F 289 -28.53 -9.94 -20.92
N GLY F 290 -28.80 -9.21 -19.82
CA GLY F 290 -30.15 -8.62 -19.59
C GLY F 290 -30.56 -7.67 -20.71
N LEU F 291 -29.61 -6.87 -21.20
CA LEU F 291 -29.86 -5.86 -22.26
C LEU F 291 -30.09 -6.54 -23.62
N ILE F 292 -29.38 -7.63 -23.93
CA ILE F 292 -29.60 -8.37 -25.21
C ILE F 292 -31.07 -8.80 -25.30
N ASP F 293 -31.61 -9.33 -24.19
CA ASP F 293 -33.01 -9.85 -24.12
C ASP F 293 -34.00 -8.68 -24.17
N ALA F 294 -33.66 -7.55 -23.53
CA ALA F 294 -34.55 -6.38 -23.53
C ALA F 294 -34.63 -5.78 -24.95
N SER F 295 -33.51 -5.76 -25.68
CA SER F 295 -33.48 -5.24 -27.07
C SER F 295 -34.33 -6.13 -27.99
N ALA F 296 -34.23 -7.45 -27.84
CA ALA F 296 -34.95 -8.42 -28.70
C ALA F 296 -36.47 -8.26 -28.55
N GLN F 297 -36.91 -7.56 -27.50
CA GLN F 297 -38.36 -7.30 -27.26
C GLN F 297 -38.78 -6.04 -28.05
N LYS F 298 -37.80 -5.33 -28.60
CA LYS F 298 -38.00 -4.05 -29.33
C LYS F 298 -39.03 -3.20 -28.61
N PRO F 299 -38.80 -2.83 -27.34
CA PRO F 299 -39.73 -2.01 -26.58
C PRO F 299 -39.61 -0.54 -27.00
N GLU F 300 -40.52 0.30 -26.51
CA GLU F 300 -40.49 1.75 -26.81
C GLU F 300 -39.33 2.38 -26.03
N ILE F 302 -35.99 1.33 -23.00
CA ILE F 302 -35.24 0.40 -22.17
C ILE F 302 -34.61 1.17 -21.01
N ILE F 303 -34.84 0.71 -19.78
CA ILE F 303 -34.23 1.36 -18.59
C ILE F 303 -33.44 0.31 -17.82
N ASP F 304 -32.12 0.52 -17.67
CA ASP F 304 -31.29 -0.41 -16.85
C ASP F 304 -30.85 0.35 -15.59
N ALA F 305 -30.63 -0.38 -14.49
CA ALA F 305 -30.22 0.23 -13.21
C ALA F 305 -29.26 -0.70 -12.48
N ALA F 306 -28.09 -0.18 -12.09
CA ALA F 306 -27.09 -1.03 -11.41
C ALA F 306 -26.20 -0.18 -10.49
N THR F 307 -25.83 -0.73 -9.34
CA THR F 307 -24.76 -0.12 -8.48
C THR F 307 -23.44 -0.49 -9.16
N LEU F 308 -23.16 0.16 -10.31
CA LEU F 308 -22.13 -0.32 -11.25
C LEU F 308 -20.72 0.16 -10.89
N THR F 309 -20.51 1.47 -10.77
CA THR F 309 -19.12 2.00 -10.63
C THR F 309 -18.96 2.86 -9.38
N GLY F 310 -17.73 2.93 -8.87
CA GLY F 310 -17.35 3.86 -7.78
C GLY F 310 -17.08 5.24 -8.35
N ALA F 311 -16.79 5.30 -9.65
CA ALA F 311 -16.51 6.58 -10.36
C ALA F 311 -17.74 7.50 -10.31
N ALA F 312 -18.95 6.91 -10.31
CA ALA F 312 -20.21 7.68 -10.23
C ALA F 312 -20.34 8.34 -8.85
N LYS F 313 -19.85 7.66 -7.81
CA LYS F 313 -19.91 8.22 -6.43
C LYS F 313 -18.83 9.30 -6.28
N THR F 314 -17.73 9.19 -7.03
CA THR F 314 -16.65 10.21 -7.01
C THR F 314 -17.12 11.44 -7.80
N ALA F 315 -18.10 11.27 -8.69
CA ALA F 315 -18.57 12.37 -9.56
C ALA F 315 -19.83 13.02 -8.98
N LEU F 316 -20.62 12.28 -8.19
CA LEU F 316 -21.92 12.82 -7.69
C LEU F 316 -22.12 12.50 -6.20
N GLY F 317 -21.18 11.78 -5.56
CA GLY F 317 -21.37 11.39 -4.16
C GLY F 317 -22.55 10.45 -4.00
N ASN F 318 -23.17 10.43 -2.82
CA ASN F 318 -24.38 9.61 -2.57
C ASN F 318 -25.62 10.52 -2.67
N ASP F 319 -25.46 11.70 -3.25
CA ASP F 319 -26.53 12.75 -3.29
C ASP F 319 -27.33 12.69 -4.60
N TYR F 320 -26.78 12.07 -5.66
CA TYR F 320 -27.52 11.98 -6.95
C TYR F 320 -27.32 10.61 -7.59
N HIS F 321 -28.36 10.09 -8.26
CA HIS F 321 -28.18 8.93 -9.18
C HIS F 321 -27.54 9.48 -10.46
N ALA F 322 -26.74 8.67 -11.16
CA ALA F 322 -26.10 9.06 -12.43
C ALA F 322 -26.96 8.60 -13.61
N LEU F 323 -27.30 9.52 -14.52
CA LEU F 323 -28.14 9.21 -15.71
C LEU F 323 -27.27 9.20 -16.97
N PHE F 324 -27.33 8.10 -17.74
CA PHE F 324 -26.56 7.95 -19.00
C PHE F 324 -27.51 7.62 -20.16
N SER F 325 -27.33 8.31 -21.29
CA SER F 325 -28.17 8.09 -22.49
C SER F 325 -27.60 8.85 -23.69
N PHE F 326 -27.92 8.39 -24.91
CA PHE F 326 -27.63 9.12 -26.16
C PHE F 326 -28.88 9.91 -26.58
N ASP F 327 -30.04 9.55 -26.01
CA ASP F 327 -31.36 10.16 -26.32
C ASP F 327 -31.57 11.36 -25.41
N ASP F 328 -31.41 12.57 -25.95
CA ASP F 328 -31.59 13.82 -25.13
C ASP F 328 -33.06 13.92 -24.70
N ALA F 329 -33.99 13.55 -25.57
CA ALA F 329 -35.44 13.68 -25.26
C ALA F 329 -35.82 12.77 -24.09
N LEU F 330 -35.35 11.51 -24.09
CA LEU F 330 -35.72 10.53 -23.03
C LEU F 330 -35.04 10.91 -21.71
N ALA F 331 -33.76 11.29 -21.75
CA ALA F 331 -33.06 11.72 -20.53
C ALA F 331 -33.86 12.85 -19.87
N GLY F 332 -34.29 13.82 -20.68
CA GLY F 332 -35.05 14.98 -20.19
C GLY F 332 -36.36 14.57 -19.54
N ARG F 333 -36.95 13.47 -20.03
CA ARG F 333 -38.25 12.99 -19.50
C ARG F 333 -38.02 12.32 -18.14
N LEU F 334 -36.87 11.68 -17.95
CA LEU F 334 -36.58 11.03 -16.64
C LEU F 334 -36.30 12.13 -15.61
N LEU F 335 -35.60 13.19 -16.01
CA LEU F 335 -35.30 14.33 -15.09
C LEU F 335 -36.60 15.08 -14.77
N ALA F 336 -37.57 15.08 -15.70
CA ALA F 336 -38.89 15.71 -15.44
C ALA F 336 -39.62 14.88 -14.38
N SER F 337 -39.42 13.55 -14.42
CA SER F 337 -40.03 12.60 -13.44
C SER F 337 -39.30 12.72 -12.10
N ALA F 338 -38.01 13.03 -12.13
CA ALA F 338 -37.15 13.18 -10.93
C ALA F 338 -37.59 14.42 -10.14
N ALA F 339 -37.84 15.53 -10.85
CA ALA F 339 -38.30 16.79 -10.23
C ALA F 339 -39.69 16.59 -9.63
N GLN F 340 -40.58 15.91 -10.38
CA GLN F 340 -42.00 15.74 -9.95
C GLN F 340 -42.08 14.75 -8.78
N GLU F 341 -41.13 13.81 -8.69
CA GLU F 341 -41.14 12.76 -7.63
C GLU F 341 -40.13 13.12 -6.53
N ASN F 342 -39.51 14.31 -6.63
CA ASN F 342 -38.59 14.83 -5.57
C ASN F 342 -37.46 13.83 -5.32
N GLU F 343 -36.87 13.27 -6.39
CA GLU F 343 -35.70 12.36 -6.29
C GLU F 343 -34.54 12.95 -7.08
N PRO F 344 -33.29 12.79 -6.60
CA PRO F 344 -32.13 13.44 -7.22
C PRO F 344 -31.41 12.63 -8.31
N PHE F 345 -31.40 13.16 -9.54
CA PHE F 345 -30.71 12.53 -10.70
C PHE F 345 -29.84 13.59 -11.40
N TRP F 346 -28.68 13.17 -11.92
CA TRP F 346 -27.79 14.09 -12.65
C TRP F 346 -27.22 13.38 -13.88
N ARG F 347 -27.20 14.09 -15.03
CA ARG F 347 -26.74 13.48 -16.30
C ARG F 347 -25.21 13.58 -16.39
N LEU F 348 -24.55 12.45 -16.66
CA LEU F 348 -23.07 12.38 -16.90
C LEU F 348 -22.83 12.00 -18.35
N PRO F 349 -21.61 12.22 -18.90
CA PRO F 349 -21.37 12.09 -20.33
C PRO F 349 -21.44 10.66 -20.92
N LEU F 350 -22.10 10.56 -22.07
CA LEU F 350 -22.13 9.33 -22.90
C LEU F 350 -22.13 9.77 -24.37
N ALA F 351 -21.03 9.50 -25.08
CA ALA F 351 -20.90 9.88 -26.51
C ALA F 351 -20.33 8.69 -27.28
N GLU F 352 -20.37 8.77 -28.62
N GLU F 352 -20.37 8.76 -28.62
CA GLU F 352 -19.89 7.68 -29.51
CA GLU F 352 -19.88 7.67 -29.51
C GLU F 352 -18.45 7.29 -29.16
C GLU F 352 -18.44 7.28 -29.14
N PHE F 353 -17.57 8.27 -28.89
CA PHE F 353 -16.14 7.99 -28.62
C PHE F 353 -15.95 7.15 -27.35
N HIS F 354 -16.95 7.08 -26.46
CA HIS F 354 -16.83 6.26 -25.21
C HIS F 354 -16.87 4.76 -25.55
N ARG F 355 -17.53 4.40 -26.66
CA ARG F 355 -17.69 2.97 -27.07
C ARG F 355 -16.33 2.36 -27.47
N SER F 356 -15.31 3.19 -27.73
CA SER F 356 -13.99 2.68 -28.12
C SER F 356 -12.95 2.99 -27.03
N GLN F 357 -13.41 3.33 -25.82
CA GLN F 357 -12.48 3.63 -24.69
C GLN F 357 -12.32 2.39 -23.79
N LEU F 358 -12.50 1.19 -24.35
CA LEU F 358 -12.22 -0.07 -23.62
C LEU F 358 -11.37 -0.96 -24.51
N PRO F 359 -10.13 -0.54 -24.86
CA PRO F 359 -9.25 -1.32 -25.73
C PRO F 359 -8.75 -2.63 -25.11
N SER F 360 -8.90 -3.72 -25.86
CA SER F 360 -8.38 -5.07 -25.51
C SER F 360 -7.38 -5.48 -26.59
N ASN F 361 -6.26 -6.10 -26.21
CA ASN F 361 -5.27 -6.59 -27.19
C ASN F 361 -5.67 -7.98 -27.71
N PHE F 362 -6.67 -8.61 -27.08
CA PHE F 362 -7.04 -10.02 -27.43
C PHE F 362 -8.51 -10.14 -27.84
N ALA F 363 -9.32 -9.09 -27.60
CA ALA F 363 -10.75 -9.16 -27.97
C ALA F 363 -11.24 -7.78 -28.44
N GLU F 364 -12.46 -7.75 -28.99
CA GLU F 364 -13.09 -6.50 -29.50
C GLU F 364 -13.26 -5.50 -28.35
N LEU F 365 -13.60 -6.00 -27.16
CA LEU F 365 -13.89 -5.14 -25.98
C LEU F 365 -13.17 -5.64 -24.74
N ASN F 366 -12.83 -4.72 -23.85
CA ASN F 366 -12.26 -4.99 -22.51
C ASN F 366 -13.39 -4.70 -21.52
N ASN F 367 -13.42 -5.32 -20.34
CA ASN F 367 -14.51 -5.02 -19.37
C ASN F 367 -14.07 -3.86 -18.46
N THR F 368 -12.96 -3.19 -18.79
CA THR F 368 -12.43 -2.11 -17.90
C THR F 368 -11.64 -1.08 -18.74
N GLY F 369 -11.69 0.18 -18.32
CA GLY F 369 -10.96 1.27 -19.00
C GLY F 369 -9.49 1.28 -18.61
N SER F 370 -8.73 2.23 -19.17
CA SER F 370 -7.28 2.37 -18.90
C SER F 370 -7.00 3.71 -18.20
N ALA F 371 -5.71 4.01 -17.98
CA ALA F 371 -5.28 5.26 -17.33
C ALA F 371 -5.69 6.47 -18.18
N ALA F 372 -5.59 6.35 -19.52
CA ALA F 372 -5.90 7.46 -20.44
C ALA F 372 -7.42 7.72 -20.50
N TYR F 373 -8.24 6.70 -20.18
CA TYR F 373 -9.73 6.84 -20.23
C TYR F 373 -10.30 6.51 -18.85
N PRO F 374 -10.06 7.36 -17.82
CA PRO F 374 -10.42 7.04 -16.44
C PRO F 374 -11.86 7.38 -16.03
N ALA F 375 -12.70 7.81 -16.99
CA ALA F 375 -14.12 8.11 -16.72
C ALA F 375 -14.87 6.78 -16.55
N GLY F 376 -14.71 6.17 -15.38
CA GLY F 376 -15.27 4.83 -15.06
C GLY F 376 -16.72 4.67 -15.45
N ALA F 377 -17.57 5.61 -15.03
CA ALA F 377 -19.04 5.50 -15.30
C ALA F 377 -19.34 5.72 -16.79
N SER F 378 -18.63 6.64 -17.45
CA SER F 378 -18.86 6.91 -18.90
C SER F 378 -18.38 5.75 -19.77
N THR F 379 -17.24 5.14 -19.40
CA THR F 379 -16.70 3.98 -20.18
C THR F 379 -17.59 2.75 -19.95
N ALA F 380 -18.10 2.57 -18.73
CA ALA F 380 -19.03 1.47 -18.38
C ALA F 380 -20.34 1.63 -19.18
N ALA F 381 -20.86 2.85 -19.26
CA ALA F 381 -22.06 3.15 -20.07
C ALA F 381 -21.76 2.85 -21.54
N GLY F 382 -20.58 3.26 -22.02
CA GLY F 382 -20.15 2.96 -23.40
C GLY F 382 -20.12 1.47 -23.68
N PHE F 383 -19.63 0.69 -22.70
CA PHE F 383 -19.58 -0.79 -22.83
C PHE F 383 -21.00 -1.35 -22.97
N LEU F 384 -21.93 -0.86 -22.14
CA LEU F 384 -23.32 -1.36 -22.14
C LEU F 384 -24.01 -1.05 -23.48
N SER F 385 -23.60 0.02 -24.17
CA SER F 385 -24.25 0.41 -25.46
C SER F 385 -23.98 -0.64 -26.54
N HIS F 386 -22.97 -1.50 -26.33
CA HIS F 386 -22.61 -2.56 -27.31
C HIS F 386 -23.61 -3.73 -27.23
N PHE F 387 -24.54 -3.69 -26.26
CA PHE F 387 -25.50 -4.80 -26.04
C PHE F 387 -26.93 -4.31 -26.25
N VAL F 388 -27.07 -3.07 -26.73
CA VAL F 388 -28.39 -2.51 -27.11
C VAL F 388 -28.37 -2.28 -28.62
N GLU F 389 -29.22 -3.00 -29.36
CA GLU F 389 -29.24 -2.96 -30.85
C GLU F 389 -29.29 -1.50 -31.33
N ASN F 390 -30.37 -0.78 -31.01
CA ASN F 390 -30.50 0.65 -31.37
C ASN F 390 -30.21 1.48 -30.12
N TYR F 391 -28.92 1.54 -29.73
CA TYR F 391 -28.48 2.18 -28.46
C TYR F 391 -28.71 3.69 -28.50
N GLN F 392 -28.81 4.27 -29.70
CA GLN F 392 -28.91 5.74 -29.88
C GLN F 392 -30.30 6.27 -29.49
N GLN F 393 -31.31 5.40 -29.36
CA GLN F 393 -32.69 5.85 -29.03
C GLN F 393 -33.38 4.90 -28.06
N GLY F 394 -34.19 5.46 -27.15
CA GLY F 394 -35.06 4.69 -26.24
C GLY F 394 -34.30 3.87 -25.22
N TRP F 395 -33.12 4.32 -24.77
CA TRP F 395 -32.36 3.57 -23.74
C TRP F 395 -31.78 4.53 -22.70
N LEU F 396 -32.03 4.24 -21.41
CA LEU F 396 -31.43 5.00 -20.27
C LEU F 396 -30.56 4.03 -19.45
N HIS F 397 -29.41 4.52 -18.98
CA HIS F 397 -28.54 3.74 -18.04
C HIS F 397 -28.43 4.54 -16.74
N ILE F 398 -28.82 3.92 -15.63
CA ILE F 398 -28.75 4.58 -14.29
C ILE F 398 -27.65 3.90 -13.47
N ASP F 399 -26.62 4.66 -13.10
CA ASP F 399 -25.55 4.20 -12.16
C ASP F 399 -26.02 4.67 -10.78
N CYS F 400 -26.51 3.73 -9.97
CA CYS F 400 -27.26 3.99 -8.71
C CYS F 400 -26.35 4.44 -7.55
N SER F 401 -25.71 5.59 -7.72
CA SER F 401 -24.77 6.17 -6.73
C SER F 401 -25.50 6.68 -5.48
N ALA F 402 -26.83 6.81 -5.54
CA ALA F 402 -27.62 7.33 -4.39
C ALA F 402 -28.41 6.20 -3.71
N THR F 403 -28.13 4.94 -4.09
CA THR F 403 -28.87 3.78 -3.55
C THR F 403 -28.47 3.48 -2.10
N TYR F 404 -27.18 3.52 -1.78
CA TYR F 404 -26.74 3.04 -0.44
C TYR F 404 -25.90 4.11 0.27
N ARG F 405 -26.08 4.20 1.59
CA ARG F 405 -25.30 5.10 2.50
C ARG F 405 -24.47 4.20 3.43
N LYS F 406 -23.14 4.19 3.28
CA LYS F 406 -22.27 3.29 4.10
C LYS F 406 -22.36 3.70 5.58
N ALA F 407 -22.42 5.01 5.87
CA ALA F 407 -22.59 5.55 7.23
C ALA F 407 -23.73 6.55 7.26
N PRO F 408 -24.40 6.75 8.43
CA PRO F 408 -25.54 7.66 8.50
C PRO F 408 -25.13 9.12 8.24
N VAL F 409 -25.99 9.87 7.54
CA VAL F 409 -25.76 11.31 7.23
C VAL F 409 -26.86 12.14 7.92
N GLU F 410 -27.17 13.33 7.40
CA GLU F 410 -28.14 14.25 8.06
C GLU F 410 -29.57 13.74 7.87
N GLN F 411 -29.91 13.31 6.65
CA GLN F 411 -31.32 12.94 6.29
C GLN F 411 -31.48 11.42 6.12
N TRP F 412 -30.39 10.65 6.18
CA TRP F 412 -30.47 9.18 5.94
C TRP F 412 -29.81 8.39 7.08
N SER F 413 -30.40 7.24 7.43
CA SER F 413 -29.75 6.27 8.33
C SER F 413 -28.76 5.45 7.49
N ALA F 414 -27.97 4.59 8.12
CA ALA F 414 -27.05 3.73 7.34
C ALA F 414 -27.88 2.77 6.47
N GLY F 415 -27.39 2.45 5.27
CA GLY F 415 -28.04 1.42 4.42
C GLY F 415 -28.70 2.00 3.19
N ALA F 416 -29.65 1.25 2.63
CA ALA F 416 -30.35 1.61 1.39
C ALA F 416 -31.31 2.78 1.63
N THR F 417 -31.42 3.67 0.63
CA THR F 417 -32.26 4.90 0.71
C THR F 417 -33.64 4.64 0.11
N GLY F 418 -33.70 3.83 -0.95
CA GLY F 418 -34.96 3.58 -1.69
C GLY F 418 -35.16 4.58 -2.81
N LEU F 419 -34.23 5.53 -2.98
CA LEU F 419 -34.35 6.58 -4.04
C LEU F 419 -34.28 5.94 -5.43
N GLY F 420 -35.11 6.44 -6.35
CA GLY F 420 -35.13 5.99 -7.77
C GLY F 420 -36.36 5.16 -8.11
N VAL F 421 -37.08 4.67 -7.09
CA VAL F 421 -38.32 3.85 -7.28
C VAL F 421 -39.40 4.72 -7.90
N ARG F 422 -39.63 5.90 -7.31
CA ARG F 422 -40.73 6.82 -7.74
C ARG F 422 -40.41 7.39 -9.13
N THR F 423 -39.17 7.82 -9.36
CA THR F 423 -38.77 8.47 -10.64
C THR F 423 -39.08 7.55 -11.82
N ILE F 424 -38.60 6.31 -11.77
CA ILE F 424 -38.81 5.33 -12.88
C ILE F 424 -40.33 5.06 -13.01
N ALA F 425 -41.01 4.87 -11.87
CA ALA F 425 -42.46 4.59 -11.87
C ALA F 425 -43.20 5.75 -12.55
N ASN F 426 -42.80 6.98 -12.26
CA ASN F 426 -43.44 8.19 -12.86
C ASN F 426 -43.23 8.16 -14.38
N LEU F 427 -42.01 7.82 -14.83
CA LEU F 427 -41.70 7.80 -16.28
C LEU F 427 -42.53 6.72 -16.98
N LEU F 428 -42.65 5.54 -16.36
CA LEU F 428 -43.45 4.40 -16.94
C LEU F 428 -44.90 4.83 -17.14
N THR F 429 -45.46 5.55 -16.17
CA THR F 429 -46.91 5.89 -16.09
C THR F 429 -47.24 7.21 -16.80
N ALA F 430 -46.24 8.03 -17.13
CA ALA F 430 -46.48 9.34 -17.78
C ALA F 430 -46.89 9.13 -19.26
#